data_8RNU
#
_entry.id   8RNU
#
_cell.length_a   1.00
_cell.length_b   1.00
_cell.length_c   1.00
_cell.angle_alpha   90.00
_cell.angle_beta   90.00
_cell.angle_gamma   90.00
#
_symmetry.space_group_name_H-M   'P 1'
#
_entity_poly.entity_id   1
_entity_poly.type   'polypeptide(L)'
_entity_poly.pdbx_seq_one_letter_code
;QTIEENIKIFEEEEVEFISVPVPEFADSDPANIVHDFNKKLTAYLDLNLDKCYVIPLNTSIVMPPRNLLELLINIKAGTY
LPQSYLIHEHMVITDRIENIDHLGFFIYRLCHDKETYKL
;
_entity_poly.pdbx_strand_id   A,K,E,I,C,G,B,H,D,J,F,L
#
# COMPACT_ATOMS: atom_id res chain seq x y z
N GLN A 1 -43.14 11.70 -6.15
CA GLN A 1 -42.52 10.70 -7.03
C GLN A 1 -43.27 9.37 -6.99
N THR A 2 -43.10 8.59 -8.06
CA THR A 2 -43.74 7.28 -8.19
C THR A 2 -42.66 6.22 -8.26
N ILE A 3 -42.80 5.18 -7.45
CA ILE A 3 -41.79 4.15 -7.31
C ILE A 3 -42.41 2.83 -7.77
N GLU A 4 -41.92 2.31 -8.89
CA GLU A 4 -42.28 0.96 -9.35
C GLU A 4 -40.99 0.22 -9.66
N GLU A 5 -40.73 -0.84 -8.90
CA GLU A 5 -39.54 -1.66 -9.12
C GLU A 5 -39.91 -2.80 -10.08
N ASN A 6 -39.69 -2.58 -11.37
CA ASN A 6 -40.10 -3.53 -12.40
C ASN A 6 -39.05 -4.63 -12.53
N ILE A 7 -39.45 -5.86 -12.24
CA ILE A 7 -38.59 -7.03 -12.38
C ILE A 7 -39.12 -7.86 -13.53
N LYS A 8 -38.27 -8.13 -14.53
CA LYS A 8 -38.65 -8.88 -15.71
C LYS A 8 -37.85 -10.17 -15.77
N ILE A 9 -38.56 -11.29 -15.94
CA ILE A 9 -37.95 -12.62 -15.95
C ILE A 9 -38.46 -13.38 -17.16
N PHE A 10 -37.55 -13.92 -17.95
CA PHE A 10 -37.88 -14.87 -19.02
C PHE A 10 -37.32 -16.24 -18.62
N GLU A 11 -38.20 -17.24 -18.58
CA GLU A 11 -37.84 -18.52 -17.98
C GLU A 11 -36.72 -19.22 -18.74
N GLU A 12 -36.79 -19.23 -20.08
CA GLU A 12 -35.88 -20.04 -20.86
C GLU A 12 -34.46 -19.48 -20.85
N GLU A 13 -34.32 -18.16 -20.92
CA GLU A 13 -33.01 -17.54 -21.08
C GLU A 13 -32.25 -17.36 -19.78
N GLU A 14 -32.87 -17.69 -18.64
CA GLU A 14 -32.22 -17.57 -17.33
C GLU A 14 -31.71 -16.16 -17.08
N VAL A 15 -32.53 -15.16 -17.42
CA VAL A 15 -32.17 -13.76 -17.28
C VAL A 15 -33.25 -13.04 -16.50
N GLU A 16 -32.83 -12.20 -15.56
CA GLU A 16 -33.74 -11.34 -14.79
C GLU A 16 -33.40 -9.89 -15.10
N PHE A 17 -34.43 -9.09 -15.36
CA PHE A 17 -34.26 -7.69 -15.77
C PHE A 17 -34.98 -6.79 -14.78
N ILE A 18 -34.26 -5.80 -14.24
CA ILE A 18 -34.83 -4.82 -13.32
C ILE A 18 -34.34 -3.44 -13.72
N SER A 19 -35.23 -2.45 -13.66
CA SER A 19 -34.89 -1.06 -13.96
C SER A 19 -35.41 -0.19 -12.83
N VAL A 20 -34.72 0.92 -12.57
CA VAL A 20 -35.07 1.81 -11.46
C VAL A 20 -35.03 3.26 -11.93
N PRO A 21 -36.07 4.04 -11.68
CA PRO A 21 -36.08 5.46 -12.05
C PRO A 21 -35.33 6.29 -11.00
N VAL A 22 -35.41 7.61 -11.16
CA VAL A 22 -34.64 8.54 -10.33
C VAL A 22 -35.56 9.25 -9.34
N PRO A 23 -35.55 8.84 -8.07
CA PRO A 23 -36.24 9.60 -7.02
C PRO A 23 -35.36 10.72 -6.48
N GLU A 24 -35.84 11.36 -5.42
CA GLU A 24 -35.48 12.75 -5.13
C GLU A 24 -34.99 13.01 -3.71
N PHE A 25 -34.03 12.24 -3.17
CA PHE A 25 -33.25 12.77 -2.06
C PHE A 25 -31.78 12.40 -2.13
N ALA A 26 -31.40 11.40 -2.93
CA ALA A 26 -30.12 10.73 -2.80
C ALA A 26 -29.41 10.64 -4.15
N ASP A 27 -28.37 9.80 -4.18
CA ASP A 27 -27.49 9.62 -5.33
C ASP A 27 -28.21 9.07 -6.57
N SER A 28 -29.52 8.90 -6.49
CA SER A 28 -30.29 8.16 -7.47
C SER A 28 -30.21 8.78 -8.86
N ASP A 29 -30.07 7.91 -9.85
CA ASP A 29 -30.14 8.17 -11.28
C ASP A 29 -30.90 7.02 -11.93
N PRO A 30 -31.40 7.18 -13.15
CA PRO A 30 -31.99 6.03 -13.85
C PRO A 30 -30.96 4.92 -13.99
N ALA A 31 -31.43 3.68 -13.79
CA ALA A 31 -30.55 2.53 -13.65
C ALA A 31 -31.21 1.25 -14.17
N ASN A 32 -30.38 0.25 -14.47
CA ASN A 32 -30.83 -1.05 -14.94
C ASN A 32 -30.13 -2.14 -14.14
N ILE A 33 -30.88 -3.15 -13.73
CA ILE A 33 -30.34 -4.29 -12.99
C ILE A 33 -30.66 -5.56 -13.76
N VAL A 34 -29.64 -6.38 -14.02
CA VAL A 34 -29.79 -7.63 -14.76
C VAL A 34 -29.21 -8.74 -13.92
N HIS A 35 -30.02 -9.77 -13.66
CA HIS A 35 -29.58 -10.95 -12.92
C HIS A 35 -29.64 -12.17 -13.83
N ASP A 36 -28.61 -13.01 -13.79
CA ASP A 36 -28.48 -14.16 -14.66
C ASP A 36 -28.05 -15.35 -13.81
N PHE A 37 -28.99 -16.22 -13.44
CA PHE A 37 -28.66 -17.36 -12.59
C PHE A 37 -27.75 -18.35 -13.32
N ASN A 38 -27.80 -18.39 -14.64
CA ASN A 38 -26.83 -19.16 -15.39
C ASN A 38 -25.43 -18.56 -15.24
N LYS A 39 -25.33 -17.25 -15.47
CA LYS A 39 -24.06 -16.53 -15.31
C LYS A 39 -23.74 -16.22 -13.86
N LYS A 40 -24.73 -16.28 -12.96
CA LYS A 40 -24.53 -16.02 -11.54
C LYS A 40 -23.85 -14.66 -11.33
N LEU A 41 -24.25 -13.68 -12.14
CA LEU A 41 -23.62 -12.36 -12.14
C LEU A 41 -24.71 -11.30 -12.21
N THR A 42 -24.29 -10.04 -12.04
CA THR A 42 -25.21 -8.91 -12.13
C THR A 42 -24.49 -7.71 -12.72
N ALA A 43 -25.11 -7.06 -13.70
CA ALA A 43 -24.58 -5.87 -14.34
C ALA A 43 -25.56 -4.71 -14.17
N TYR A 44 -25.06 -3.59 -13.66
CA TYR A 44 -25.87 -2.40 -13.41
C TYR A 44 -25.58 -1.35 -14.47
N LEU A 45 -26.61 -0.92 -15.19
CA LEU A 45 -26.50 0.21 -16.10
C LEU A 45 -27.24 1.39 -15.48
N ASP A 46 -26.56 2.14 -14.62
CA ASP A 46 -27.12 3.41 -14.21
C ASP A 46 -27.24 4.30 -15.43
N LEU A 47 -28.47 4.55 -15.88
CA LEU A 47 -28.66 5.16 -17.17
C LEU A 47 -28.08 6.56 -17.28
N ASN A 48 -28.24 7.41 -16.26
CA ASN A 48 -27.54 8.69 -16.27
C ASN A 48 -26.03 8.49 -16.21
N LEU A 49 -25.58 7.51 -15.44
CA LEU A 49 -24.18 7.13 -15.48
C LEU A 49 -23.82 6.37 -16.75
N ASP A 50 -24.77 5.61 -17.31
CA ASP A 50 -24.54 4.77 -18.48
C ASP A 50 -23.27 3.97 -18.23
N LYS A 51 -23.22 3.31 -17.09
CA LYS A 51 -22.02 2.73 -16.52
C LYS A 51 -22.17 1.22 -16.49
N CYS A 52 -21.07 0.50 -16.63
CA CYS A 52 -21.11 -0.97 -16.61
C CYS A 52 -20.25 -1.49 -15.47
N TYR A 53 -20.80 -2.43 -14.70
CA TYR A 53 -20.08 -3.13 -13.65
C TYR A 53 -20.23 -4.64 -13.85
N VAL A 54 -19.17 -5.39 -13.58
CA VAL A 54 -19.19 -6.84 -13.64
C VAL A 54 -18.97 -7.37 -12.23
N ILE A 55 -20.07 -7.77 -11.59
CA ILE A 55 -20.06 -8.21 -10.19
C ILE A 55 -20.84 -9.52 -10.10
N PRO A 56 -20.64 -10.28 -9.03
CA PRO A 56 -21.42 -11.52 -8.86
C PRO A 56 -22.92 -11.24 -8.82
N LEU A 57 -23.69 -12.32 -8.90
CA LEU A 57 -25.14 -12.22 -8.81
C LEU A 57 -25.54 -11.53 -7.52
N ASN A 58 -26.11 -10.34 -7.63
CA ASN A 58 -26.54 -9.59 -6.46
C ASN A 58 -27.79 -10.30 -5.94
N THR A 59 -27.57 -11.32 -5.13
CA THR A 59 -28.59 -12.31 -4.80
C THR A 59 -29.42 -11.89 -3.58
N SER A 60 -29.19 -10.69 -3.05
CA SER A 60 -29.92 -10.25 -1.87
C SER A 60 -31.15 -9.42 -2.20
N ILE A 61 -31.16 -8.69 -3.33
CA ILE A 61 -32.33 -7.89 -3.68
C ILE A 61 -33.51 -8.79 -3.99
N VAL A 62 -33.30 -9.83 -4.78
CA VAL A 62 -34.30 -10.86 -4.99
C VAL A 62 -33.97 -12.06 -4.11
N MET A 63 -34.95 -12.56 -3.38
CA MET A 63 -34.70 -13.55 -2.35
C MET A 63 -34.15 -14.82 -2.99
N PRO A 64 -32.99 -15.32 -2.55
CA PRO A 64 -32.21 -16.27 -3.34
C PRO A 64 -32.96 -17.56 -3.63
N PRO A 65 -33.30 -17.80 -4.89
CA PRO A 65 -33.88 -19.09 -5.29
C PRO A 65 -32.84 -20.01 -5.88
N ARG A 66 -33.08 -21.32 -5.78
CA ARG A 66 -32.11 -22.30 -6.23
C ARG A 66 -31.67 -22.04 -7.67
N ASN A 67 -32.60 -21.68 -8.54
CA ASN A 67 -32.29 -21.23 -9.89
C ASN A 67 -33.39 -20.25 -10.30
N LEU A 68 -33.44 -19.92 -11.60
CA LEU A 68 -34.55 -19.11 -12.08
C LEU A 68 -35.87 -19.88 -12.00
N LEU A 69 -35.82 -21.21 -12.14
CA LEU A 69 -37.02 -22.01 -12.01
C LEU A 69 -37.62 -21.87 -10.62
N GLU A 70 -36.78 -21.93 -9.57
CA GLU A 70 -37.26 -21.65 -8.23
C GLU A 70 -37.73 -20.21 -8.08
N LEU A 71 -37.12 -19.27 -8.82
CA LEU A 71 -37.63 -17.91 -8.87
C LEU A 71 -38.93 -17.80 -9.64
N LEU A 72 -39.31 -18.85 -10.39
CA LEU A 72 -40.52 -18.85 -11.19
C LEU A 72 -41.57 -19.83 -10.73
N ILE A 73 -41.20 -20.85 -9.96
CA ILE A 73 -42.19 -21.80 -9.44
C ILE A 73 -43.15 -21.11 -8.49
N ASN A 74 -42.63 -20.24 -7.62
CA ASN A 74 -43.40 -19.68 -6.52
C ASN A 74 -43.69 -18.19 -6.68
N ILE A 75 -43.91 -17.71 -7.91
CA ILE A 75 -44.33 -16.32 -8.09
C ILE A 75 -45.81 -16.16 -7.72
N LYS A 76 -46.63 -17.16 -8.06
CA LYS A 76 -48.07 -17.03 -7.90
C LYS A 76 -48.54 -17.18 -6.46
N ALA A 77 -47.64 -17.17 -5.49
CA ALA A 77 -48.01 -17.26 -4.08
C ALA A 77 -48.48 -15.93 -3.51
N GLY A 78 -48.34 -14.83 -4.25
CA GLY A 78 -48.79 -13.54 -3.78
C GLY A 78 -47.90 -12.89 -2.75
N THR A 79 -46.70 -13.42 -2.52
CA THR A 79 -45.80 -12.90 -1.50
C THR A 79 -44.64 -12.14 -2.12
N TYR A 80 -44.55 -12.13 -3.45
CA TYR A 80 -43.43 -11.51 -4.16
C TYR A 80 -43.58 -9.99 -4.09
N LEU A 81 -43.21 -9.45 -2.93
CA LEU A 81 -43.28 -8.01 -2.69
C LEU A 81 -41.89 -7.38 -2.80
N MET A 91 -18.28 -4.14 1.53
CA MET A 91 -17.94 -4.91 2.71
C MET A 91 -16.43 -5.07 2.85
N VAL A 92 -15.75 -4.00 3.24
CA VAL A 92 -14.30 -4.02 3.41
C VAL A 92 -13.97 -3.79 4.89
N ILE A 93 -13.11 -4.63 5.44
CA ILE A 93 -12.72 -4.54 6.85
C ILE A 93 -11.74 -3.38 6.97
N THR A 94 -12.22 -2.22 7.41
CA THR A 94 -11.37 -1.05 7.53
C THR A 94 -11.22 -0.57 8.97
N ASP A 95 -12.33 -0.23 9.61
CA ASP A 95 -12.31 0.32 10.97
C ASP A 95 -13.36 -0.35 11.82
N ARG A 96 -12.94 -0.84 12.98
CA ARG A 96 -13.87 -1.40 13.94
C ARG A 96 -14.41 -0.28 14.83
N ILE A 97 -15.73 -0.07 14.78
CA ILE A 97 -16.35 0.91 15.66
C ILE A 97 -16.36 0.30 17.06
N GLU A 98 -15.41 0.74 17.89
CA GLU A 98 -15.07 -0.01 19.10
C GLU A 98 -16.25 -0.12 20.04
N ASN A 99 -17.23 0.78 19.93
CA ASN A 99 -18.46 0.67 20.70
C ASN A 99 -19.56 0.14 19.80
N ILE A 100 -20.37 -0.77 20.34
CA ILE A 100 -21.51 -1.33 19.64
C ILE A 100 -22.82 -0.72 20.10
N ASP A 101 -22.76 0.22 21.06
CA ASP A 101 -23.94 0.52 21.86
C ASP A 101 -24.60 1.85 21.50
N HIS A 102 -23.87 2.83 20.98
CA HIS A 102 -24.44 4.13 20.67
C HIS A 102 -25.01 4.20 19.25
N LEU A 103 -25.12 3.06 18.58
CA LEU A 103 -25.50 2.99 17.17
C LEU A 103 -26.98 3.26 16.93
N GLY A 104 -27.79 3.42 17.99
CA GLY A 104 -29.20 3.71 17.84
C GLY A 104 -30.08 2.80 18.67
N PHE A 105 -31.10 3.37 19.32
CA PHE A 105 -31.88 2.60 20.30
C PHE A 105 -32.55 1.38 19.68
N PHE A 106 -33.21 1.56 18.52
CA PHE A 106 -33.74 0.40 17.81
C PHE A 106 -32.63 -0.49 17.27
N ILE A 107 -31.58 0.13 16.73
CA ILE A 107 -30.41 -0.64 16.31
C ILE A 107 -29.74 -1.30 17.50
N TYR A 108 -29.77 -0.65 18.67
CA TYR A 108 -29.23 -1.28 19.88
C TYR A 108 -30.05 -2.50 20.27
N ARG A 109 -31.38 -2.39 20.21
CA ARG A 109 -32.23 -3.52 20.53
C ARG A 109 -32.01 -4.69 19.58
N LEU A 110 -31.97 -4.41 18.28
CA LEU A 110 -31.85 -5.48 17.30
C LEU A 110 -30.43 -6.05 17.25
N CYS A 111 -29.43 -5.23 17.56
CA CYS A 111 -28.04 -5.49 17.19
C CYS A 111 -27.06 -5.44 18.35
N HIS A 112 -27.40 -6.02 19.51
CA HIS A 112 -26.54 -5.90 20.68
C HIS A 112 -25.29 -6.75 20.52
N ASP A 113 -24.12 -6.11 20.67
CA ASP A 113 -22.79 -6.70 20.53
C ASP A 113 -22.51 -7.29 19.16
N LYS A 114 -23.42 -7.16 18.19
CA LYS A 114 -23.11 -7.56 16.83
C LYS A 114 -21.96 -6.70 16.35
N GLU A 115 -20.87 -7.34 15.93
CA GLU A 115 -19.60 -6.66 15.75
C GLU A 115 -19.76 -5.55 14.72
N THR A 116 -19.38 -4.33 15.11
CA THR A 116 -19.65 -3.13 14.33
C THR A 116 -18.46 -2.86 13.41
N TYR A 117 -18.44 -3.51 12.26
CA TYR A 117 -17.42 -3.29 11.26
C TYR A 117 -17.85 -2.14 10.34
N LYS A 118 -17.09 -1.06 10.35
CA LYS A 118 -17.41 0.12 9.57
C LYS A 118 -16.90 -0.01 8.14
N LEU A 119 -17.79 0.22 7.18
CA LEU A 119 -17.43 0.19 5.77
C LEU A 119 -17.33 1.60 5.20
N GLN B 1 3.28 -22.01 14.30
CA GLN B 1 3.09 -22.03 12.85
C GLN B 1 1.88 -21.18 12.44
N THR B 2 1.99 -20.57 11.26
CA THR B 2 0.90 -19.80 10.67
C THR B 2 0.35 -20.57 9.46
N ILE B 3 -0.64 -19.98 8.80
CA ILE B 3 -1.29 -20.59 7.66
C ILE B 3 -0.56 -20.10 6.40
N GLU B 4 0.09 -21.02 5.69
CA GLU B 4 0.82 -20.71 4.48
C GLU B 4 0.18 -21.46 3.31
N GLU B 5 -0.81 -20.82 2.69
CA GLU B 5 -1.50 -21.41 1.54
C GLU B 5 -0.80 -20.99 0.26
N ASN B 6 -0.16 -21.94 -0.42
CA ASN B 6 0.65 -21.65 -1.59
C ASN B 6 -0.20 -21.85 -2.85
N ILE B 7 -0.38 -20.78 -3.62
CA ILE B 7 -1.33 -20.73 -4.73
C ILE B 7 -0.58 -20.34 -6.01
N LYS B 8 -0.93 -20.98 -7.12
CA LYS B 8 -0.34 -20.66 -8.42
C LYS B 8 -1.35 -20.88 -9.54
N ILE B 9 -1.40 -19.93 -10.48
CA ILE B 9 -2.40 -19.90 -11.54
C ILE B 9 -1.71 -19.78 -12.90
N PHE B 10 -2.38 -20.22 -13.96
CA PHE B 10 -1.90 -20.13 -15.35
C PHE B 10 -2.99 -19.47 -16.19
N GLU B 11 -2.60 -18.69 -17.21
CA GLU B 11 -3.60 -18.09 -18.08
C GLU B 11 -4.43 -19.14 -18.80
N GLU B 12 -3.81 -19.93 -19.67
CA GLU B 12 -4.59 -20.73 -20.60
C GLU B 12 -4.67 -22.18 -20.15
N GLU B 13 -3.64 -22.69 -19.48
CA GLU B 13 -3.56 -24.10 -19.11
C GLU B 13 -4.56 -24.53 -18.05
N GLU B 14 -5.11 -23.58 -17.29
CA GLU B 14 -6.14 -23.87 -16.28
C GLU B 14 -5.63 -24.87 -15.24
N VAL B 15 -4.61 -24.45 -14.49
CA VAL B 15 -4.03 -25.26 -13.43
C VAL B 15 -3.95 -24.40 -12.17
N GLU B 16 -4.25 -25.02 -11.02
CA GLU B 16 -4.24 -24.34 -9.73
C GLU B 16 -3.45 -25.17 -8.72
N PHE B 17 -2.58 -24.52 -7.97
CA PHE B 17 -1.65 -25.19 -7.08
C PHE B 17 -1.96 -24.86 -5.63
N ILE B 18 -1.89 -25.87 -4.76
CA ILE B 18 -2.20 -25.74 -3.34
C ILE B 18 -1.15 -26.48 -2.54
N SER B 19 -0.60 -25.80 -1.53
CA SER B 19 0.31 -26.40 -0.55
C SER B 19 -0.05 -25.86 0.82
N VAL B 20 0.08 -26.70 1.85
CA VAL B 20 -0.40 -26.39 3.18
C VAL B 20 0.72 -26.70 4.17
N PRO B 21 0.78 -26.01 5.33
CA PRO B 21 1.70 -26.42 6.40
C PRO B 21 1.15 -27.53 7.29
N VAL B 22 1.79 -27.82 8.40
CA VAL B 22 1.46 -28.95 9.27
C VAL B 22 0.75 -28.43 10.51
N PRO B 23 -0.31 -29.09 10.98
CA PRO B 23 -1.04 -28.62 12.16
C PRO B 23 -0.18 -28.62 13.42
N GLU B 24 -0.73 -28.00 14.47
CA GLU B 24 -0.08 -28.03 15.78
C GLU B 24 -0.70 -29.03 16.73
N PHE B 25 -1.98 -28.91 17.08
CA PHE B 25 -2.57 -29.93 17.95
C PHE B 25 -2.85 -31.22 17.20
N ALA B 26 -2.94 -31.16 15.88
CA ALA B 26 -3.17 -32.35 15.10
C ALA B 26 -1.87 -32.84 14.48
N ASP B 27 -1.81 -34.15 14.24
CA ASP B 27 -0.77 -34.75 13.42
C ASP B 27 -1.36 -35.59 12.30
N SER B 28 -2.50 -35.18 11.76
CA SER B 28 -3.24 -35.92 10.75
C SER B 28 -2.59 -35.74 9.39
N ASP B 29 -3.30 -36.15 8.34
CA ASP B 29 -2.70 -36.23 7.02
C ASP B 29 -2.87 -34.93 6.25
N PRO B 30 -1.77 -34.31 5.84
CA PRO B 30 -1.85 -33.20 4.93
C PRO B 30 -1.96 -33.59 3.46
N ALA B 31 -1.93 -32.58 2.60
CA ALA B 31 -2.05 -32.80 1.16
C ALA B 31 -1.21 -31.81 0.38
N ASN B 32 -0.81 -32.24 -0.81
CA ASN B 32 -0.28 -31.37 -1.85
C ASN B 32 -1.25 -31.47 -3.02
N ILE B 33 -2.04 -30.43 -3.23
CA ILE B 33 -3.24 -30.51 -4.04
C ILE B 33 -3.00 -29.85 -5.38
N VAL B 34 -3.51 -30.48 -6.43
CA VAL B 34 -3.46 -29.98 -7.79
C VAL B 34 -4.90 -29.95 -8.33
N HIS B 35 -5.47 -28.76 -8.46
CA HIS B 35 -6.81 -28.61 -9.03
C HIS B 35 -6.70 -28.25 -10.50
N ASP B 36 -6.96 -29.23 -11.37
CA ASP B 36 -6.98 -29.04 -12.83
C ASP B 36 -8.41 -29.31 -13.30
N PHE B 37 -9.17 -28.23 -13.48
CA PHE B 37 -10.59 -28.36 -13.77
C PHE B 37 -10.84 -28.93 -15.15
N ASN B 38 -9.90 -28.73 -16.08
CA ASN B 38 -10.10 -29.23 -17.44
C ASN B 38 -10.23 -30.74 -17.46
N LYS B 39 -9.40 -31.44 -16.70
CA LYS B 39 -9.52 -32.88 -16.59
C LYS B 39 -10.69 -33.30 -15.69
N LYS B 40 -11.33 -32.34 -15.03
CA LYS B 40 -12.51 -32.60 -14.20
C LYS B 40 -12.19 -33.57 -13.06
N LEU B 41 -10.94 -33.51 -12.58
CA LEU B 41 -10.48 -34.40 -11.52
C LEU B 41 -9.67 -33.60 -10.52
N THR B 42 -9.67 -34.08 -9.28
CA THR B 42 -8.89 -33.48 -8.20
C THR B 42 -8.12 -34.58 -7.48
N ALA B 43 -6.81 -34.39 -7.35
CA ALA B 43 -5.93 -35.38 -6.74
C ALA B 43 -5.26 -34.78 -5.50
N TYR B 44 -5.56 -35.34 -4.34
CA TYR B 44 -4.94 -34.94 -3.09
C TYR B 44 -3.76 -35.86 -2.78
N LEU B 45 -2.59 -35.27 -2.57
CA LEU B 45 -1.37 -36.02 -2.26
C LEU B 45 -1.28 -36.13 -0.74
N ASP B 46 -1.88 -37.19 -0.19
CA ASP B 46 -1.85 -37.43 1.25
C ASP B 46 -0.41 -37.70 1.66
N LEU B 47 0.21 -36.73 2.35
CA LEU B 47 1.65 -36.74 2.60
C LEU B 47 2.04 -37.58 3.81
N ASN B 48 1.34 -37.45 4.93
CA ASN B 48 1.69 -38.23 6.11
C ASN B 48 1.53 -39.72 5.85
N LEU B 49 0.45 -40.13 5.19
CA LEU B 49 0.18 -41.53 4.94
C LEU B 49 0.76 -42.02 3.62
N ASP B 50 1.32 -41.12 2.81
CA ASP B 50 1.95 -41.47 1.53
C ASP B 50 0.98 -42.19 0.60
N LYS B 51 -0.21 -41.60 0.45
CA LYS B 51 -1.22 -42.12 -0.45
C LYS B 51 -1.81 -40.97 -1.26
N CYS B 52 -2.51 -41.31 -2.33
CA CYS B 52 -3.18 -40.32 -3.16
C CYS B 52 -4.67 -40.64 -3.20
N TYR B 53 -5.48 -39.60 -3.41
CA TYR B 53 -6.92 -39.73 -3.54
C TYR B 53 -7.37 -39.02 -4.80
N VAL B 54 -7.99 -39.76 -5.72
CA VAL B 54 -8.50 -39.22 -6.97
C VAL B 54 -10.01 -39.39 -6.99
N ILE B 55 -10.73 -38.27 -7.13
CA ILE B 55 -12.18 -38.25 -7.08
C ILE B 55 -12.69 -37.39 -8.22
N PRO B 56 -13.98 -37.49 -8.56
CA PRO B 56 -14.57 -36.54 -9.51
C PRO B 56 -14.34 -35.10 -9.06
N LEU B 57 -14.55 -34.18 -10.00
CA LEU B 57 -14.15 -32.78 -9.80
C LEU B 57 -14.73 -32.20 -8.52
N ASN B 58 -13.84 -31.73 -7.64
CA ASN B 58 -14.23 -31.11 -6.38
C ASN B 58 -14.86 -29.76 -6.68
N THR B 59 -16.18 -29.72 -6.75
CA THR B 59 -16.90 -28.51 -7.15
C THR B 59 -17.49 -27.74 -5.97
N SER B 60 -17.10 -28.08 -4.74
CA SER B 60 -17.62 -27.39 -3.57
C SER B 60 -16.58 -26.55 -2.85
N ILE B 61 -15.39 -27.09 -2.60
CA ILE B 61 -14.37 -26.35 -1.86
C ILE B 61 -13.84 -25.19 -2.70
N VAL B 62 -13.49 -25.47 -3.96
CA VAL B 62 -12.92 -24.45 -4.83
C VAL B 62 -14.05 -23.67 -5.49
N MET B 63 -13.73 -22.48 -5.99
CA MET B 63 -14.74 -21.64 -6.63
C MET B 63 -14.96 -22.12 -8.06
N PRO B 64 -16.16 -22.55 -8.42
CA PRO B 64 -16.44 -23.08 -9.77
C PRO B 64 -16.81 -21.99 -10.76
N PRO B 65 -15.83 -21.40 -11.43
CA PRO B 65 -16.11 -20.32 -12.39
C PRO B 65 -16.77 -20.87 -13.63
N ARG B 66 -16.85 -20.13 -14.73
CA ARG B 66 -17.04 -20.80 -16.01
C ARG B 66 -15.74 -21.34 -16.56
N ASN B 67 -14.69 -20.54 -16.64
CA ASN B 67 -13.35 -21.01 -16.99
C ASN B 67 -12.36 -20.24 -16.15
N LEU B 68 -11.07 -20.43 -16.44
CA LEU B 68 -10.06 -19.72 -15.67
C LEU B 68 -9.97 -18.25 -16.05
N LEU B 69 -10.69 -17.82 -17.11
CA LEU B 69 -10.77 -16.40 -17.43
C LEU B 69 -11.36 -15.62 -16.26
N GLU B 70 -12.04 -16.31 -15.35
CA GLU B 70 -12.62 -15.71 -14.16
C GLU B 70 -11.61 -15.42 -13.07
N LEU B 71 -10.36 -15.86 -13.23
CA LEU B 71 -9.42 -15.91 -12.12
C LEU B 71 -8.16 -15.07 -12.31
N LEU B 72 -8.14 -14.12 -13.24
CA LEU B 72 -6.93 -13.34 -13.50
C LEU B 72 -7.15 -11.86 -13.75
N ILE B 73 -8.15 -11.24 -13.13
CA ILE B 73 -8.35 -9.80 -13.18
C ILE B 73 -8.37 -9.19 -11.79
N ASN B 74 -8.45 -10.02 -10.74
CA ASN B 74 -8.63 -9.54 -9.37
C ASN B 74 -7.33 -9.30 -8.62
N ILE B 75 -6.16 -9.50 -9.25
CA ILE B 75 -4.90 -9.48 -8.50
C ILE B 75 -4.63 -8.10 -7.91
N LYS B 76 -4.99 -7.04 -8.65
CA LYS B 76 -4.84 -5.70 -8.10
C LYS B 76 -5.93 -5.37 -7.10
N ALA B 77 -7.12 -5.95 -7.29
CA ALA B 77 -8.29 -5.64 -6.49
C ALA B 77 -8.11 -5.91 -5.01
N GLY B 78 -7.49 -7.03 -4.63
CA GLY B 78 -7.33 -7.36 -3.23
C GLY B 78 -8.58 -7.88 -2.55
N THR B 79 -9.65 -8.11 -3.30
CA THR B 79 -10.86 -8.67 -2.71
C THR B 79 -10.69 -10.17 -2.43
N TYR B 80 -9.89 -10.86 -3.25
CA TYR B 80 -9.63 -12.29 -3.09
C TYR B 80 -8.89 -12.49 -1.77
N LEU B 81 -9.60 -13.09 -0.81
CA LEU B 81 -9.04 -13.36 0.51
C LEU B 81 -8.67 -14.83 0.65
N MET B 91 -20.69 -38.27 0.37
CA MET B 91 -21.20 -38.24 1.74
C MET B 91 -22.24 -39.33 1.96
N VAL B 92 -22.14 -40.03 3.09
CA VAL B 92 -23.10 -41.07 3.44
C VAL B 92 -23.88 -40.60 4.67
N ILE B 93 -25.20 -40.43 4.50
CA ILE B 93 -26.05 -39.94 5.56
C ILE B 93 -26.35 -41.05 6.55
N THR B 94 -26.02 -40.82 7.83
CA THR B 94 -26.29 -41.82 8.85
C THR B 94 -27.59 -41.54 9.58
N ASP B 95 -27.69 -40.39 10.24
CA ASP B 95 -28.85 -40.05 11.06
C ASP B 95 -29.30 -38.63 10.72
N ARG B 96 -30.61 -38.40 10.80
CA ARG B 96 -31.17 -37.07 10.60
C ARG B 96 -31.23 -36.32 11.92
N ILE B 97 -30.64 -35.14 11.96
CA ILE B 97 -30.68 -34.26 13.12
C ILE B 97 -31.88 -33.33 12.92
N GLU B 98 -33.07 -33.82 13.31
CA GLU B 98 -34.27 -33.01 13.17
C GLU B 98 -34.24 -31.81 14.11
N ASN B 99 -33.84 -32.02 15.36
CA ASN B 99 -33.66 -30.94 16.32
C ASN B 99 -32.16 -30.68 16.45
N ILE B 100 -31.75 -29.45 16.17
CA ILE B 100 -30.35 -29.09 16.02
C ILE B 100 -29.85 -28.21 17.16
N ASP B 101 -30.52 -28.25 18.31
CA ASP B 101 -30.09 -27.42 19.43
C ASP B 101 -28.76 -27.89 20.01
N HIS B 102 -28.45 -29.18 19.89
CA HIS B 102 -27.21 -29.72 20.45
C HIS B 102 -26.01 -29.49 19.55
N LEU B 103 -26.21 -29.02 18.32
CA LEU B 103 -25.10 -28.69 17.45
C LEU B 103 -24.37 -27.41 17.86
N GLY B 104 -24.91 -26.66 18.80
CA GLY B 104 -24.39 -25.37 19.16
C GLY B 104 -25.26 -24.26 18.59
N PHE B 105 -25.32 -23.14 19.32
CA PHE B 105 -26.22 -22.06 18.94
C PHE B 105 -25.85 -21.48 17.58
N PHE B 106 -24.55 -21.35 17.31
CA PHE B 106 -24.11 -20.90 15.99
C PHE B 106 -24.63 -21.82 14.89
N ILE B 107 -24.39 -23.12 15.03
CA ILE B 107 -24.83 -24.08 14.01
C ILE B 107 -26.36 -24.19 14.04
N TYR B 108 -26.97 -24.01 15.21
CA TYR B 108 -28.43 -24.05 15.30
C TYR B 108 -29.07 -22.96 14.44
N ARG B 109 -28.57 -21.72 14.56
CA ARG B 109 -29.11 -20.65 13.73
C ARG B 109 -28.60 -20.76 12.30
N LEU B 110 -27.48 -21.45 12.10
CA LEU B 110 -26.96 -21.71 10.76
C LEU B 110 -27.92 -22.60 9.97
N CYS B 111 -28.45 -23.62 10.62
CA CYS B 111 -29.30 -24.61 9.97
C CYS B 111 -30.74 -24.59 10.48
N HIS B 112 -31.20 -23.46 11.01
CA HIS B 112 -32.53 -23.38 11.59
C HIS B 112 -33.59 -23.61 10.52
N ASP B 113 -34.60 -24.42 10.86
CA ASP B 113 -35.67 -24.83 9.96
C ASP B 113 -35.15 -25.55 8.73
N LYS B 114 -33.95 -26.14 8.82
CA LYS B 114 -33.37 -26.89 7.73
C LYS B 114 -33.24 -28.36 8.13
N GLU B 115 -33.13 -29.23 7.13
CA GLU B 115 -33.01 -30.67 7.36
C GLU B 115 -31.55 -31.01 7.59
N THR B 116 -31.21 -31.36 8.83
CA THR B 116 -29.83 -31.60 9.23
C THR B 116 -29.59 -33.11 9.36
N TYR B 117 -28.42 -33.56 8.90
CA TYR B 117 -28.05 -34.97 8.91
C TYR B 117 -26.60 -35.10 9.38
N LYS B 118 -26.27 -36.26 9.92
CA LYS B 118 -24.91 -36.52 10.38
C LYS B 118 -24.28 -37.63 9.56
N LEU B 119 -22.99 -37.48 9.27
CA LEU B 119 -22.23 -38.50 8.58
C LEU B 119 -21.56 -39.45 9.58
N GLN C 1 12.26 -44.35 6.39
CA GLN C 1 12.70 -44.11 5.02
C GLN C 1 14.11 -43.51 5.01
N THR C 2 14.80 -43.66 3.88
CA THR C 2 16.16 -43.16 3.71
C THR C 2 16.20 -42.18 2.55
N ILE C 3 16.62 -40.95 2.83
CA ILE C 3 16.77 -39.93 1.81
C ILE C 3 18.13 -39.28 2.02
N GLU C 4 18.91 -39.16 0.95
CA GLU C 4 20.24 -38.55 1.01
C GLU C 4 20.14 -37.12 0.46
N GLU C 5 20.63 -36.16 1.23
CA GLU C 5 20.74 -34.79 0.76
C GLU C 5 21.91 -34.70 -0.22
N ASN C 6 21.60 -34.77 -1.51
CA ASN C 6 22.61 -34.89 -2.55
C ASN C 6 23.12 -33.50 -2.94
N ILE C 7 24.42 -33.29 -2.79
CA ILE C 7 25.09 -32.07 -3.23
C ILE C 7 26.09 -32.44 -4.32
N LYS C 8 25.95 -31.82 -5.49
CA LYS C 8 26.84 -32.07 -6.62
C LYS C 8 27.63 -30.81 -6.92
N ILE C 9 28.94 -30.95 -7.06
CA ILE C 9 29.83 -29.80 -7.24
C ILE C 9 30.85 -30.15 -8.32
N PHE C 10 31.04 -29.24 -9.27
CA PHE C 10 32.16 -29.29 -10.21
C PHE C 10 33.02 -28.06 -9.94
N GLU C 11 34.28 -28.28 -9.55
CA GLU C 11 35.11 -27.21 -9.01
C GLU C 11 35.35 -26.10 -10.03
N GLU C 12 35.64 -26.47 -11.27
CA GLU C 12 36.06 -25.49 -12.27
C GLU C 12 34.94 -24.52 -12.61
N GLU C 13 33.71 -25.01 -12.73
CA GLU C 13 32.60 -24.20 -13.20
C GLU C 13 32.05 -23.25 -12.15
N GLU C 14 32.52 -23.34 -10.90
CA GLU C 14 32.08 -22.47 -9.81
C GLU C 14 30.57 -22.56 -9.62
N VAL C 15 30.03 -23.76 -9.74
CA VAL C 15 28.60 -24.02 -9.62
C VAL C 15 28.38 -25.14 -8.61
N GLU C 16 27.43 -24.94 -7.70
CA GLU C 16 27.07 -25.94 -6.70
C GLU C 16 25.65 -26.42 -6.96
N PHE C 17 25.46 -27.74 -6.98
CA PHE C 17 24.18 -28.37 -7.24
C PHE C 17 23.74 -29.15 -6.01
N ILE C 18 22.53 -28.89 -5.53
CA ILE C 18 21.94 -29.59 -4.40
C ILE C 18 20.54 -30.04 -4.77
N SER C 19 20.23 -31.30 -4.48
CA SER C 19 18.91 -31.87 -4.74
C SER C 19 18.30 -32.34 -3.43
N VAL C 20 17.09 -31.86 -3.14
CA VAL C 20 16.37 -32.22 -1.91
C VAL C 20 14.97 -32.68 -2.27
N PRO C 21 14.63 -33.95 -2.12
CA PRO C 21 13.33 -34.45 -2.45
C PRO C 21 12.29 -34.26 -1.34
N VAL C 22 11.14 -34.88 -1.55
CA VAL C 22 10.03 -34.79 -0.61
C VAL C 22 10.11 -35.94 0.39
N PRO C 23 9.86 -35.70 1.67
CA PRO C 23 9.73 -36.79 2.64
C PRO C 23 8.31 -37.35 2.59
N GLU C 24 8.07 -38.36 3.43
CA GLU C 24 6.75 -38.96 3.53
C GLU C 24 6.07 -38.67 4.86
N PHE C 25 6.49 -37.62 5.57
CA PHE C 25 5.81 -37.17 6.78
C PHE C 25 5.70 -35.66 6.90
N ALA C 26 6.09 -34.91 5.88
CA ALA C 26 6.02 -33.45 5.92
C ALA C 26 5.28 -32.93 4.68
N ASP C 27 5.23 -31.60 4.57
CA ASP C 27 4.38 -30.94 3.60
C ASP C 27 5.14 -30.40 2.39
N SER C 28 6.38 -30.83 2.19
CA SER C 28 7.21 -30.26 1.14
C SER C 28 7.00 -30.99 -0.18
N ASP C 29 7.81 -30.64 -1.16
CA ASP C 29 7.80 -31.17 -2.52
C ASP C 29 9.21 -31.46 -2.97
N PRO C 30 9.40 -32.32 -3.98
CA PRO C 30 10.75 -32.50 -4.53
C PRO C 30 11.29 -31.19 -5.08
N ALA C 31 12.55 -30.90 -4.73
CA ALA C 31 13.16 -29.60 -4.97
C ALA C 31 14.62 -29.75 -5.36
N ASN C 32 15.19 -28.67 -5.90
CA ASN C 32 16.60 -28.62 -6.29
C ASN C 32 17.15 -27.25 -5.91
N ILE C 33 18.35 -27.23 -5.35
CA ILE C 33 19.05 -26.00 -4.99
C ILE C 33 20.35 -25.94 -5.78
N VAL C 34 20.56 -24.86 -6.51
CA VAL C 34 21.76 -24.69 -7.33
C VAL C 34 22.39 -23.36 -6.98
N HIS C 35 23.68 -23.38 -6.65
CA HIS C 35 24.44 -22.18 -6.36
C HIS C 35 25.46 -21.98 -7.46
N ASP C 36 25.49 -20.77 -8.02
CA ASP C 36 26.39 -20.43 -9.13
C ASP C 36 27.27 -19.28 -8.66
N PHE C 37 28.43 -19.61 -8.07
CA PHE C 37 29.28 -18.60 -7.47
C PHE C 37 29.86 -17.65 -8.51
N ASN C 38 29.85 -18.05 -9.79
CA ASN C 38 30.18 -17.11 -10.85
C ASN C 38 29.20 -15.94 -10.84
N LYS C 39 27.90 -16.24 -10.84
CA LYS C 39 26.86 -15.23 -10.74
C LYS C 39 26.40 -15.02 -9.31
N LYS C 40 26.87 -15.85 -8.37
CA LYS C 40 26.51 -15.73 -6.95
C LYS C 40 24.99 -15.69 -6.76
N LEU C 41 24.33 -16.70 -7.30
CA LEU C 41 22.87 -16.77 -7.27
C LEU C 41 22.43 -18.11 -6.70
N THR C 42 21.13 -18.22 -6.44
CA THR C 42 20.52 -19.48 -6.02
C THR C 42 19.15 -19.59 -6.67
N ALA C 43 18.96 -20.65 -7.45
CA ALA C 43 17.69 -20.92 -8.12
C ALA C 43 17.11 -22.20 -7.57
N TYR C 44 15.81 -22.22 -7.34
CA TYR C 44 15.12 -23.36 -6.75
C TYR C 44 14.22 -23.99 -7.80
N LEU C 45 14.48 -25.25 -8.14
CA LEU C 45 13.65 -26.01 -9.07
C LEU C 45 12.86 -27.04 -8.26
N ASP C 46 11.58 -26.75 -8.03
CA ASP C 46 10.71 -27.74 -7.44
C ASP C 46 10.47 -28.85 -8.45
N LEU C 47 9.94 -29.97 -8.00
CA LEU C 47 9.55 -31.00 -8.95
C LEU C 47 8.10 -31.43 -8.79
N ASN C 48 7.46 -31.10 -7.67
CA ASN C 48 6.01 -31.07 -7.68
C ASN C 48 5.51 -29.80 -8.36
N LEU C 49 6.24 -28.69 -8.18
CA LEU C 49 5.91 -27.44 -8.85
C LEU C 49 6.66 -27.26 -10.16
N ASP C 50 7.93 -27.69 -10.22
CA ASP C 50 8.77 -27.45 -11.39
C ASP C 50 8.70 -25.97 -11.72
N LYS C 51 8.84 -25.15 -10.70
CA LYS C 51 8.70 -23.71 -10.77
C LYS C 51 10.00 -23.06 -10.34
N CYS C 52 10.49 -22.11 -11.13
CA CYS C 52 11.81 -21.54 -10.91
C CYS C 52 11.68 -20.25 -10.11
N TYR C 53 12.45 -20.17 -9.02
CA TYR C 53 12.53 -18.97 -8.20
C TYR C 53 13.98 -18.52 -8.14
N VAL C 54 14.24 -17.29 -8.54
CA VAL C 54 15.60 -16.76 -8.58
C VAL C 54 15.80 -15.84 -7.38
N ILE C 55 16.78 -16.19 -6.54
CA ILE C 55 17.16 -15.38 -5.38
C ILE C 55 18.67 -15.28 -5.36
N PRO C 56 19.23 -14.33 -4.62
CA PRO C 56 20.68 -14.26 -4.48
C PRO C 56 21.25 -15.55 -3.91
N LEU C 57 22.58 -15.63 -3.91
CA LEU C 57 23.27 -16.82 -3.41
C LEU C 57 22.82 -17.16 -2.01
N ASN C 58 22.13 -18.29 -1.88
CA ASN C 58 21.63 -18.76 -0.58
C ASN C 58 22.81 -19.29 0.20
N THR C 59 23.31 -18.48 1.13
CA THR C 59 24.50 -18.79 1.90
C THR C 59 24.18 -19.36 3.28
N SER C 60 22.93 -19.76 3.51
CA SER C 60 22.53 -20.30 4.80
C SER C 60 22.53 -21.81 4.85
N ILE C 61 22.03 -22.47 3.80
CA ILE C 61 22.01 -23.94 3.78
C ILE C 61 23.44 -24.48 3.78
N VAL C 62 24.30 -23.87 2.98
CA VAL C 62 25.72 -24.23 2.96
C VAL C 62 26.50 -23.14 3.68
N MET C 63 27.61 -23.52 4.31
CA MET C 63 28.49 -22.54 4.92
C MET C 63 28.93 -21.53 3.86
N PRO C 64 28.74 -20.24 4.09
CA PRO C 64 28.91 -19.24 3.02
C PRO C 64 30.36 -19.14 2.56
N PRO C 65 30.62 -19.44 1.30
CA PRO C 65 31.99 -19.30 0.78
C PRO C 65 32.19 -17.98 0.05
N ARG C 66 33.46 -17.60 -0.11
CA ARG C 66 33.79 -16.52 -1.02
C ARG C 66 33.71 -16.99 -2.47
N ASN C 67 34.11 -18.23 -2.73
CA ASN C 67 33.97 -18.85 -4.04
C ASN C 67 33.91 -20.37 -3.83
N LEU C 68 33.77 -21.11 -4.93
CA LEU C 68 33.71 -22.57 -4.84
C LEU C 68 35.07 -23.15 -4.49
N LEU C 69 36.16 -22.44 -4.80
CA LEU C 69 37.49 -22.97 -4.57
C LEU C 69 37.73 -23.24 -3.08
N GLU C 70 37.45 -22.24 -2.23
CA GLU C 70 37.64 -22.44 -0.80
C GLU C 70 36.48 -23.22 -0.17
N LEU C 71 35.34 -23.30 -0.85
CA LEU C 71 34.25 -24.15 -0.40
C LEU C 71 34.59 -25.63 -0.41
N LEU C 72 35.49 -26.05 -1.30
CA LEU C 72 35.85 -27.45 -1.46
C LEU C 72 37.13 -27.83 -0.75
N ILE C 73 37.85 -26.89 -0.15
CA ILE C 73 39.13 -27.19 0.47
C ILE C 73 38.94 -28.12 1.68
N ASN C 74 37.92 -27.85 2.49
CA ASN C 74 37.75 -28.53 3.78
C ASN C 74 36.69 -29.61 3.76
N ILE C 75 36.14 -29.95 2.59
CA ILE C 75 35.13 -31.01 2.54
C ILE C 75 35.75 -32.37 2.80
N LYS C 76 36.99 -32.58 2.35
CA LYS C 76 37.64 -33.88 2.48
C LYS C 76 37.95 -34.27 3.91
N ALA C 77 37.84 -33.34 4.86
CA ALA C 77 38.16 -33.62 6.26
C ALA C 77 36.98 -34.17 7.04
N GLY C 78 35.83 -34.39 6.39
CA GLY C 78 34.65 -34.86 7.08
C GLY C 78 33.94 -33.81 7.91
N THR C 79 34.15 -32.53 7.61
CA THR C 79 33.55 -31.45 8.38
C THR C 79 32.15 -31.11 7.87
N TYR C 80 31.94 -31.23 6.57
CA TYR C 80 30.66 -30.85 5.96
C TYR C 80 29.64 -31.97 6.14
N LEU C 81 29.14 -32.07 7.36
CA LEU C 81 28.16 -33.11 7.68
C LEU C 81 26.76 -32.65 7.26
N MET C 91 12.75 -12.01 5.33
CA MET C 91 12.84 -11.33 6.62
C MET C 91 12.33 -9.90 6.53
N VAL C 92 11.08 -9.70 6.93
CA VAL C 92 10.44 -8.39 6.87
C VAL C 92 9.93 -8.00 8.25
N ILE C 93 10.18 -6.76 8.66
CA ILE C 93 9.73 -6.24 9.94
C ILE C 93 8.23 -5.99 9.82
N THR C 94 7.42 -6.90 10.35
CA THR C 94 5.97 -6.83 10.18
C THR C 94 5.24 -6.63 11.51
N ASP C 95 5.45 -7.53 12.46
CA ASP C 95 4.83 -7.44 13.77
C ASP C 95 5.70 -8.13 14.80
N ARG C 96 5.82 -7.51 15.97
CA ARG C 96 6.66 -8.03 17.04
C ARG C 96 5.88 -9.03 17.89
N ILE C 97 6.52 -10.13 18.26
CA ILE C 97 5.99 -10.98 19.33
C ILE C 97 6.30 -10.26 20.63
N GLU C 98 5.29 -9.59 21.19
CA GLU C 98 5.55 -8.55 22.20
C GLU C 98 6.28 -9.11 23.40
N ASN C 99 5.91 -10.32 23.85
CA ASN C 99 6.68 -11.00 24.87
C ASN C 99 7.39 -12.19 24.23
N ILE C 100 8.63 -12.43 24.66
CA ILE C 100 9.45 -13.47 24.06
C ILE C 100 9.48 -14.73 24.89
N ASP C 101 8.99 -14.67 26.13
CA ASP C 101 9.25 -15.72 27.11
C ASP C 101 8.39 -16.97 26.90
N HIS C 102 7.30 -16.89 26.14
CA HIS C 102 6.47 -18.05 25.88
C HIS C 102 6.75 -18.68 24.53
N LEU C 103 7.83 -18.27 23.85
CA LEU C 103 8.17 -18.78 22.52
C LEU C 103 8.99 -20.06 22.57
N GLY C 104 9.20 -20.64 23.74
CA GLY C 104 9.96 -21.88 23.87
C GLY C 104 11.00 -21.81 24.95
N PHE C 105 10.98 -22.78 25.87
CA PHE C 105 11.88 -22.74 27.02
C PHE C 105 13.34 -22.81 26.57
N PHE C 106 13.66 -23.74 25.67
CA PHE C 106 15.00 -23.77 25.10
C PHE C 106 15.21 -22.63 24.10
N ILE C 107 14.15 -22.26 23.38
CA ILE C 107 14.22 -21.07 22.55
C ILE C 107 14.47 -19.83 23.41
N TYR C 108 13.85 -19.76 24.59
CA TYR C 108 14.11 -18.65 25.50
C TYR C 108 15.54 -18.70 26.03
N ARG C 109 16.04 -19.90 26.31
CA ARG C 109 17.42 -20.04 26.80
C ARG C 109 18.43 -19.58 25.74
N LEU C 110 18.24 -19.99 24.49
CA LEU C 110 19.16 -19.61 23.43
C LEU C 110 19.01 -18.15 23.05
N CYS C 111 17.78 -17.64 23.05
CA CYS C 111 17.46 -16.29 22.58
C CYS C 111 17.47 -15.24 23.69
N HIS C 112 17.95 -15.56 24.88
CA HIS C 112 18.15 -14.51 25.87
C HIS C 112 19.34 -13.65 25.43
N ASP C 113 19.20 -12.34 25.61
CA ASP C 113 20.00 -11.30 24.97
C ASP C 113 19.72 -11.18 23.47
N LYS C 114 18.69 -11.88 22.97
CA LYS C 114 18.37 -11.90 21.55
C LYS C 114 16.87 -11.69 21.35
N GLU C 115 16.47 -10.49 20.95
CA GLU C 115 15.06 -10.19 20.71
C GLU C 115 14.57 -10.97 19.51
N THR C 116 13.25 -11.00 19.31
CA THR C 116 12.64 -11.92 18.36
C THR C 116 11.58 -11.21 17.53
N TYR C 117 11.89 -10.96 16.26
CA TYR C 117 10.93 -10.46 15.29
C TYR C 117 10.28 -11.62 14.57
N LYS C 118 8.97 -11.54 14.34
CA LYS C 118 8.25 -12.63 13.70
C LYS C 118 8.04 -12.35 12.21
N LEU C 119 8.25 -13.38 11.40
CA LEU C 119 8.00 -13.30 9.96
C LEU C 119 6.74 -14.04 9.58
N GLN D 1 16.50 16.07 11.64
CA GLN D 1 16.50 15.70 10.22
C GLN D 1 16.05 14.27 9.97
N THR D 2 15.03 14.12 9.14
CA THR D 2 14.66 12.84 8.57
C THR D 2 15.65 12.51 7.47
N ILE D 3 15.67 11.25 7.04
CA ILE D 3 16.60 10.77 6.03
C ILE D 3 16.03 11.12 4.67
N GLU D 4 16.75 11.93 3.90
CA GLU D 4 16.40 12.21 2.51
C GLU D 4 17.53 11.68 1.63
N GLU D 5 17.49 10.39 1.33
CA GLU D 5 18.48 9.77 0.44
C GLU D 5 17.96 9.81 -0.99
N ASN D 6 18.53 10.69 -1.81
CA ASN D 6 18.09 10.87 -3.18
C ASN D 6 18.82 9.87 -4.06
N ILE D 7 18.07 9.00 -4.73
CA ILE D 7 18.60 7.91 -5.53
C ILE D 7 18.06 8.02 -6.95
N LYS D 8 18.92 7.75 -7.94
CA LYS D 8 18.51 7.83 -9.34
C LYS D 8 19.17 6.73 -10.15
N ILE D 9 18.38 6.10 -11.03
CA ILE D 9 18.76 4.89 -11.77
C ILE D 9 18.49 5.11 -13.25
N PHE D 10 19.39 4.61 -14.11
CA PHE D 10 19.27 4.74 -15.57
C PHE D 10 19.29 3.34 -16.18
N GLU D 11 18.29 3.04 -17.03
CA GLU D 11 18.16 1.67 -17.56
C GLU D 11 19.40 1.22 -18.30
N GLU D 12 19.70 1.86 -19.43
CA GLU D 12 20.72 1.32 -20.32
C GLU D 12 22.09 1.94 -20.05
N GLU D 13 22.15 2.93 -19.17
CA GLU D 13 23.34 3.78 -19.03
C GLU D 13 24.05 3.57 -17.69
N GLU D 14 23.38 3.04 -16.68
CA GLU D 14 24.00 2.64 -15.41
C GLU D 14 24.61 3.84 -14.68
N VAL D 15 23.76 4.75 -14.21
CA VAL D 15 24.16 5.80 -13.30
C VAL D 15 23.38 5.68 -12.01
N GLU D 16 24.09 5.73 -10.88
CA GLU D 16 23.50 5.66 -9.55
C GLU D 16 23.98 6.84 -8.74
N PHE D 17 23.05 7.56 -8.13
CA PHE D 17 23.35 8.80 -7.43
C PHE D 17 22.83 8.79 -6.00
N ILE D 18 23.59 9.43 -5.11
CA ILE D 18 23.23 9.56 -3.70
C ILE D 18 23.52 10.99 -3.27
N SER D 19 22.68 11.55 -2.42
CA SER D 19 22.92 12.83 -1.75
C SER D 19 21.95 12.99 -0.60
N VAL D 20 22.39 13.67 0.46
CA VAL D 20 21.60 13.86 1.67
C VAL D 20 21.98 15.20 2.28
N PRO D 21 21.08 15.88 3.03
CA PRO D 21 21.49 17.06 3.79
C PRO D 21 22.25 16.70 5.07
N VAL D 22 22.61 17.71 5.86
CA VAL D 22 23.48 17.55 7.02
C VAL D 22 22.66 17.66 8.29
N PRO D 23 22.49 16.59 9.04
CA PRO D 23 21.87 16.68 10.37
C PRO D 23 22.90 17.03 11.43
N GLU D 24 22.46 16.94 12.69
CA GLU D 24 22.94 17.84 13.74
C GLU D 24 24.25 17.43 14.41
N PHE D 25 24.29 16.35 15.19
CA PHE D 25 25.35 16.24 16.20
C PHE D 25 26.73 16.29 15.59
N ALA D 26 26.91 15.69 14.43
CA ALA D 26 28.12 15.94 13.66
C ALA D 26 27.81 16.90 12.53
N ASP D 27 28.75 17.79 12.27
CA ASP D 27 28.66 18.71 11.14
C ASP D 27 29.80 18.50 10.16
N SER D 28 30.19 17.24 9.91
CA SER D 28 31.36 16.89 9.13
C SER D 28 31.04 16.99 7.64
N ASP D 29 31.91 16.42 6.80
CA ASP D 29 31.85 16.59 5.37
C ASP D 29 30.77 15.72 4.74
N PRO D 30 29.85 16.30 3.99
CA PRO D 30 28.96 15.52 3.16
C PRO D 30 29.49 15.21 1.76
N ALA D 31 28.64 14.61 0.95
CA ALA D 31 29.03 14.23 -0.40
C ALA D 31 27.85 14.31 -1.35
N ASN D 32 28.16 14.44 -2.63
CA ASN D 32 27.21 14.31 -3.73
C ASN D 32 27.75 13.22 -4.63
N ILE D 33 27.27 12.00 -4.46
CA ILE D 33 27.92 10.80 -4.99
C ILE D 33 27.26 10.40 -6.29
N VAL D 34 28.09 10.17 -7.31
CA VAL D 34 27.67 9.65 -8.60
C VAL D 34 28.40 8.32 -8.81
N HIS D 35 27.68 7.21 -8.66
CA HIS D 35 28.25 5.89 -8.90
C HIS D 35 28.02 5.48 -10.35
N ASP D 36 29.08 5.53 -11.15
CA ASP D 36 29.07 5.07 -12.54
C ASP D 36 29.96 3.83 -12.61
N PHE D 37 29.34 2.67 -12.38
CA PHE D 37 30.10 1.42 -12.31
C PHE D 37 30.74 1.08 -13.66
N ASN D 38 30.12 1.53 -14.75
CA ASN D 38 30.68 1.26 -16.07
C ASN D 38 32.06 1.92 -16.22
N LYS D 39 32.20 3.15 -15.76
CA LYS D 39 33.50 3.80 -15.73
C LYS D 39 34.42 3.25 -14.65
N LYS D 40 33.89 2.40 -13.76
CA LYS D 40 34.68 1.72 -12.73
C LYS D 40 35.39 2.72 -11.82
N LEU D 41 34.74 3.87 -11.61
CA LEU D 41 35.29 4.92 -10.76
C LEU D 41 34.18 5.53 -9.93
N THR D 42 34.53 5.98 -8.72
CA THR D 42 33.61 6.64 -7.81
C THR D 42 34.29 7.87 -7.24
N ALA D 43 33.63 9.02 -7.33
CA ALA D 43 34.16 10.28 -6.83
C ALA D 43 33.23 10.85 -5.78
N TYR D 44 33.77 11.15 -4.61
CA TYR D 44 33.01 11.77 -3.53
C TYR D 44 33.26 13.28 -3.54
N LEU D 45 32.17 14.04 -3.68
CA LEU D 45 32.23 15.51 -3.72
C LEU D 45 32.15 16.01 -2.28
N ASP D 46 33.31 16.15 -1.65
CA ASP D 46 33.37 16.66 -0.28
C ASP D 46 32.90 18.11 -0.28
N LEU D 47 31.70 18.35 0.26
CA LEU D 47 31.06 19.66 0.16
C LEU D 47 31.52 20.62 1.23
N ASN D 48 31.56 20.18 2.50
CA ASN D 48 31.97 21.08 3.58
C ASN D 48 33.38 21.61 3.36
N LEU D 49 34.30 20.75 2.92
CA LEU D 49 35.68 21.14 2.66
C LEU D 49 35.90 21.59 1.22
N ASP D 50 34.88 21.51 0.36
CA ASP D 50 34.97 21.93 -1.04
C ASP D 50 36.07 21.18 -1.77
N LYS D 51 36.04 19.85 -1.65
CA LYS D 51 37.03 18.99 -2.28
C LYS D 51 36.33 17.83 -2.97
N CYS D 52 37.06 17.18 -3.87
CA CYS D 52 36.62 15.95 -4.50
C CYS D 52 37.71 14.90 -4.34
N TYR D 53 37.31 13.64 -4.21
CA TYR D 53 38.24 12.53 -4.05
C TYR D 53 38.04 11.55 -5.20
N VAL D 54 39.14 11.09 -5.79
CA VAL D 54 39.11 10.16 -6.91
C VAL D 54 39.75 8.85 -6.47
N ILE D 55 38.97 7.77 -6.52
CA ILE D 55 39.42 6.45 -6.11
C ILE D 55 38.89 5.42 -7.10
N PRO D 56 39.48 4.23 -7.13
CA PRO D 56 38.91 3.15 -7.95
C PRO D 56 37.49 2.81 -7.51
N LEU D 57 36.86 1.92 -8.27
CA LEU D 57 35.45 1.59 -8.05
C LEU D 57 35.25 1.05 -6.64
N ASN D 58 34.53 1.83 -5.83
CA ASN D 58 34.22 1.45 -4.45
C ASN D 58 33.03 0.50 -4.46
N THR D 59 33.31 -0.80 -4.40
CA THR D 59 32.29 -1.83 -4.46
C THR D 59 31.95 -2.41 -3.09
N SER D 60 32.42 -1.77 -2.01
CA SER D 60 32.13 -2.25 -0.66
C SER D 60 30.89 -1.62 -0.06
N ILE D 61 30.70 -0.30 -0.21
CA ILE D 61 29.51 0.35 0.32
C ILE D 61 28.28 -0.13 -0.42
N VAL D 62 28.35 -0.16 -1.75
CA VAL D 62 27.24 -0.59 -2.59
C VAL D 62 27.47 -2.04 -2.99
N MET D 63 26.41 -2.83 -2.97
CA MET D 63 26.48 -4.24 -3.27
C MET D 63 26.68 -4.46 -4.77
N PRO D 64 27.69 -5.23 -5.19
CA PRO D 64 27.99 -5.35 -6.51
C PRO D 64 27.20 -6.40 -7.27
N PRO D 65 26.38 -5.95 -8.22
CA PRO D 65 25.79 -6.85 -9.21
C PRO D 65 26.84 -7.27 -10.22
N ARG D 66 26.41 -7.87 -11.34
CA ARG D 66 27.22 -7.85 -12.55
C ARG D 66 26.96 -6.64 -13.43
N ASN D 67 25.70 -6.26 -13.62
CA ASN D 67 25.36 -5.04 -14.32
C ASN D 67 24.09 -4.47 -13.71
N LEU D 68 23.55 -3.44 -14.35
CA LEU D 68 22.33 -2.82 -13.83
C LEU D 68 21.07 -3.49 -14.37
N LEU D 69 21.20 -4.50 -15.25
CA LEU D 69 20.05 -5.36 -15.52
C LEU D 69 19.62 -6.07 -14.25
N GLU D 70 20.49 -6.09 -13.25
CA GLU D 70 20.21 -6.63 -11.93
C GLU D 70 19.33 -5.72 -11.07
N LEU D 71 19.22 -4.44 -11.42
CA LEU D 71 18.71 -3.46 -10.46
C LEU D 71 17.44 -2.75 -10.90
N LEU D 72 16.67 -3.30 -11.83
CA LEU D 72 15.38 -2.71 -12.20
C LEU D 72 14.31 -3.76 -12.47
N ILE D 73 14.37 -4.92 -11.84
CA ILE D 73 13.34 -5.94 -12.01
C ILE D 73 12.63 -6.25 -10.70
N ASN D 74 13.36 -6.30 -9.59
CA ASN D 74 12.79 -6.73 -8.32
C ASN D 74 12.52 -5.57 -7.35
N ILE D 75 12.34 -4.34 -7.85
CA ILE D 75 12.09 -3.22 -6.96
C ILE D 75 10.76 -3.38 -6.24
N LYS D 76 9.84 -4.16 -6.83
CA LYS D 76 8.54 -4.38 -6.20
C LYS D 76 8.69 -5.14 -4.88
N ALA D 77 9.69 -6.02 -4.80
CA ALA D 77 9.92 -6.84 -3.62
C ALA D 77 10.30 -6.04 -2.39
N GLY D 78 10.79 -4.81 -2.54
CA GLY D 78 11.15 -4.00 -1.40
C GLY D 78 12.47 -4.32 -0.75
N THR D 79 13.29 -5.17 -1.38
CA THR D 79 14.58 -5.50 -0.79
C THR D 79 15.55 -4.32 -0.80
N TYR D 80 15.25 -3.30 -1.62
CA TYR D 80 16.12 -2.14 -1.77
C TYR D 80 15.79 -1.15 -0.65
N LEU D 81 16.58 -1.21 0.41
CA LEU D 81 16.40 -0.32 1.56
C LEU D 81 17.51 0.70 1.65
N MET D 91 43.18 2.06 3.06
CA MET D 91 43.25 2.13 4.51
C MET D 91 44.64 1.74 5.01
N VAL D 92 45.23 2.60 5.83
CA VAL D 92 46.57 2.37 6.38
C VAL D 92 46.42 1.61 7.70
N ILE D 93 46.81 0.33 7.70
CA ILE D 93 46.68 -0.53 8.86
C ILE D 93 47.73 -0.14 9.90
N THR D 94 47.27 0.26 11.09
CA THR D 94 48.20 0.76 12.10
C THR D 94 48.50 -0.28 13.18
N ASP D 95 47.47 -0.76 13.87
CA ASP D 95 47.65 -1.57 15.07
C ASP D 95 46.73 -2.78 15.02
N ARG D 96 47.17 -3.87 15.64
CA ARG D 96 46.33 -5.05 15.84
C ARG D 96 45.88 -5.11 17.30
N ILE D 97 44.57 -5.16 17.51
CA ILE D 97 43.99 -5.34 18.84
C ILE D 97 43.40 -6.75 18.86
N GLU D 98 44.20 -7.72 19.30
CA GLU D 98 43.76 -9.11 19.31
C GLU D 98 42.61 -9.32 20.28
N ASN D 99 42.68 -8.70 21.47
CA ASN D 99 41.63 -8.81 22.47
C ASN D 99 40.53 -7.81 22.11
N ILE D 100 39.30 -8.30 22.03
CA ILE D 100 38.18 -7.54 21.49
C ILE D 100 37.05 -7.37 22.50
N ASP D 101 37.31 -7.64 23.77
CA ASP D 101 36.27 -7.54 24.77
C ASP D 101 35.91 -6.09 25.07
N HIS D 102 36.88 -5.18 24.99
CA HIS D 102 36.65 -3.77 25.27
C HIS D 102 36.12 -3.00 24.08
N LEU D 103 36.00 -3.65 22.91
CA LEU D 103 35.44 -3.00 21.73
C LEU D 103 33.92 -2.93 21.74
N GLY D 104 33.29 -3.54 22.73
CA GLY D 104 31.85 -3.68 22.75
C GLY D 104 31.44 -5.10 22.44
N PHE D 105 30.39 -5.57 23.13
CA PHE D 105 29.99 -6.97 23.00
C PHE D 105 29.54 -7.27 21.58
N PHE D 106 28.89 -6.30 20.92
CA PHE D 106 28.52 -6.47 19.52
C PHE D 106 29.74 -6.70 18.65
N ILE D 107 30.74 -5.83 18.76
CA ILE D 107 31.97 -5.99 18.00
C ILE D 107 32.71 -7.24 18.44
N TYR D 108 32.65 -7.55 19.74
CA TYR D 108 33.34 -8.74 20.26
C TYR D 108 32.80 -10.00 19.61
N ARG D 109 31.48 -10.12 19.50
CA ARG D 109 30.91 -11.28 18.81
C ARG D 109 31.14 -11.20 17.31
N LEU D 110 31.17 -9.98 16.76
CA LEU D 110 31.40 -9.81 15.33
C LEU D 110 32.77 -10.32 14.91
N CYS D 111 33.79 -10.04 15.71
CA CYS D 111 35.15 -10.44 15.41
C CYS D 111 35.67 -11.55 16.32
N HIS D 112 34.77 -12.34 16.91
CA HIS D 112 35.18 -13.38 17.84
C HIS D 112 36.06 -14.41 17.14
N ASP D 113 37.20 -14.72 17.76
CA ASP D 113 38.22 -15.59 17.20
C ASP D 113 38.72 -15.09 15.85
N LYS D 114 38.60 -13.80 15.58
CA LYS D 114 39.03 -13.21 14.31
C LYS D 114 40.10 -12.15 14.55
N GLU D 115 40.79 -11.80 13.47
CA GLU D 115 41.89 -10.85 13.52
C GLU D 115 41.33 -9.44 13.48
N THR D 116 41.50 -8.69 14.57
CA THR D 116 40.99 -7.34 14.70
C THR D 116 42.14 -6.34 14.69
N TYR D 117 41.97 -5.25 13.95
CA TYR D 117 43.02 -4.26 13.78
C TYR D 117 42.44 -2.86 13.99
N LYS D 118 43.33 -1.92 14.29
CA LYS D 118 42.95 -0.54 14.53
C LYS D 118 43.58 0.40 13.51
N LEU D 119 42.86 1.45 13.16
CA LEU D 119 43.40 2.47 12.25
C LEU D 119 43.51 3.81 12.96
N GLN E 1 30.53 32.26 -0.06
CA GLN E 1 29.66 32.48 -1.19
C GLN E 1 28.53 33.46 -0.84
N THR E 2 27.86 34.00 -1.85
CA THR E 2 26.87 35.05 -1.68
C THR E 2 25.51 34.57 -2.18
N ILE E 3 24.44 35.12 -1.61
CA ILE E 3 23.08 34.77 -1.98
C ILE E 3 22.83 35.41 -3.35
N GLU E 4 22.91 34.60 -4.40
CA GLU E 4 22.72 35.09 -5.76
C GLU E 4 21.74 34.16 -6.47
N GLU E 5 20.45 34.46 -6.32
CA GLU E 5 19.40 33.72 -7.03
C GLU E 5 18.94 34.54 -8.23
N ASN E 6 19.38 34.13 -9.43
CA ASN E 6 19.12 34.87 -10.65
C ASN E 6 17.63 34.78 -10.99
N ILE E 7 16.90 35.88 -10.79
CA ILE E 7 15.49 35.96 -11.14
C ILE E 7 15.36 36.72 -12.45
N LYS E 8 14.88 36.03 -13.48
CA LYS E 8 14.72 36.60 -14.81
C LYS E 8 13.26 36.48 -15.23
N ILE E 9 12.67 37.60 -15.64
CA ILE E 9 11.26 37.65 -16.02
C ILE E 9 11.12 38.49 -17.27
N PHE E 10 10.41 37.96 -18.27
CA PHE E 10 10.00 38.71 -19.45
C PHE E 10 8.48 38.87 -19.40
N GLU E 11 8.01 40.12 -19.50
CA GLU E 11 6.62 40.42 -19.17
C GLU E 11 5.65 39.71 -20.10
N GLU E 12 5.93 39.70 -21.39
CA GLU E 12 4.95 39.23 -22.37
C GLU E 12 4.80 37.71 -22.33
N GLU E 13 5.90 36.99 -22.12
CA GLU E 13 5.91 35.54 -22.27
C GLU E 13 5.39 34.80 -21.04
N GLU E 14 5.08 35.50 -19.95
CA GLU E 14 4.54 34.88 -18.74
C GLU E 14 5.45 33.77 -18.22
N VAL E 15 6.74 34.07 -18.14
CA VAL E 15 7.74 33.10 -17.70
C VAL E 15 8.58 33.73 -16.59
N GLU E 16 8.85 32.95 -15.53
CA GLU E 16 9.72 33.36 -14.44
C GLU E 16 10.89 32.38 -14.37
N PHE E 17 12.06 32.89 -13.98
CA PHE E 17 13.31 32.13 -14.05
C PHE E 17 14.05 32.29 -12.73
N ILE E 18 14.54 31.18 -12.17
CA ILE E 18 15.35 31.18 -10.95
C ILE E 18 16.47 30.17 -11.11
N SER E 19 17.65 30.49 -10.57
CA SER E 19 18.84 29.65 -10.68
C SER E 19 19.44 29.44 -9.30
N VAL E 20 20.08 28.28 -9.11
CA VAL E 20 20.71 27.94 -7.84
C VAL E 20 22.07 27.29 -8.11
N PRO E 21 23.15 27.80 -7.52
CA PRO E 21 24.48 27.19 -7.69
C PRO E 21 24.64 25.97 -6.79
N VAL E 22 25.89 25.52 -6.68
CA VAL E 22 26.23 24.38 -5.82
C VAL E 22 27.07 24.86 -4.64
N PRO E 23 26.44 25.23 -3.53
CA PRO E 23 27.17 25.62 -2.32
C PRO E 23 27.60 24.41 -1.50
N GLU E 24 28.16 24.68 -0.32
CA GLU E 24 29.12 23.75 0.27
C GLU E 24 28.85 23.34 1.73
N PHE E 25 27.58 23.10 2.15
CA PHE E 25 27.39 22.29 3.35
C PHE E 25 26.16 21.40 3.29
N ALA E 26 25.39 21.46 2.21
CA ALA E 26 24.03 20.92 2.21
C ALA E 26 23.89 19.84 1.16
N ASP E 27 22.64 19.45 0.90
CA ASP E 27 22.31 18.44 -0.09
C ASP E 27 22.29 18.99 -1.52
N SER E 28 22.79 20.21 -1.73
CA SER E 28 22.51 20.96 -2.93
C SER E 28 23.37 20.51 -4.12
N ASP E 29 22.78 20.64 -5.30
CA ASP E 29 23.38 20.50 -6.62
C ASP E 29 22.95 21.69 -7.46
N PRO E 30 23.67 22.00 -8.54
CA PRO E 30 23.25 23.13 -9.39
C PRO E 30 21.84 22.92 -9.92
N ALA E 31 21.00 23.93 -9.71
CA ALA E 31 19.57 23.83 -9.99
C ALA E 31 19.05 25.10 -10.65
N ASN E 32 17.97 24.95 -11.41
CA ASN E 32 17.30 26.07 -12.07
C ASN E 32 15.79 25.89 -11.93
N ILE E 33 15.10 26.98 -11.61
CA ILE E 33 13.65 26.97 -11.39
C ILE E 33 13.00 27.90 -12.40
N VAL E 34 11.97 27.41 -13.09
CA VAL E 34 11.23 28.17 -14.08
C VAL E 34 9.75 28.14 -13.71
N HIS E 35 9.14 29.33 -13.60
CA HIS E 35 7.72 29.44 -13.28
C HIS E 35 6.97 30.05 -14.45
N ASP E 36 5.82 29.49 -14.77
CA ASP E 36 4.95 29.94 -15.84
C ASP E 36 3.54 30.10 -15.28
N PHE E 37 3.12 31.35 -15.04
CA PHE E 37 1.77 31.58 -14.52
C PHE E 37 0.71 31.23 -15.56
N ASN E 38 1.09 31.15 -16.83
CA ASN E 38 0.15 30.72 -17.86
C ASN E 38 -0.18 29.25 -17.70
N LYS E 39 0.83 28.39 -17.77
CA LYS E 39 0.66 26.97 -17.56
C LYS E 39 0.40 26.61 -16.10
N LYS E 40 0.84 27.47 -15.17
CA LYS E 40 0.74 27.23 -13.73
C LYS E 40 1.40 25.91 -13.36
N LEU E 41 2.58 25.68 -13.92
CA LEU E 41 3.42 24.53 -13.60
C LEU E 41 4.85 25.01 -13.47
N THR E 42 5.66 24.24 -12.75
CA THR E 42 7.06 24.59 -12.53
C THR E 42 7.92 23.38 -12.78
N ALA E 43 8.95 23.56 -13.62
CA ALA E 43 9.90 22.50 -13.96
C ALA E 43 11.20 22.75 -13.22
N TYR E 44 11.38 22.08 -12.08
CA TYR E 44 12.57 22.23 -11.26
C TYR E 44 13.73 21.47 -11.91
N LEU E 45 14.56 22.20 -12.65
CA LEU E 45 15.80 21.67 -13.20
C LEU E 45 16.84 21.67 -12.09
N ASP E 46 17.43 20.51 -11.84
CA ASP E 46 18.71 20.47 -11.16
C ASP E 46 19.78 20.01 -12.14
N LEU E 47 20.81 20.83 -12.32
CA LEU E 47 21.84 20.56 -13.30
C LEU E 47 22.62 19.29 -12.99
N ASN E 48 23.09 19.12 -11.75
CA ASN E 48 23.80 17.88 -11.42
C ASN E 48 22.84 16.71 -11.33
N LEU E 49 21.62 16.94 -10.85
CA LEU E 49 20.63 15.88 -10.87
C LEU E 49 20.16 15.54 -12.28
N ASP E 50 20.42 16.43 -13.24
CA ASP E 50 20.25 16.14 -14.65
C ASP E 50 18.82 15.70 -14.94
N LYS E 51 17.87 16.23 -14.18
CA LYS E 51 16.52 15.72 -14.20
C LYS E 51 15.54 16.89 -14.12
N CYS E 52 14.36 16.71 -14.71
CA CYS E 52 13.31 17.72 -14.67
C CYS E 52 12.15 17.16 -13.83
N TYR E 53 11.50 18.03 -13.07
CA TYR E 53 10.38 17.64 -12.23
C TYR E 53 9.22 18.60 -12.45
N VAL E 54 8.06 18.07 -12.81
CA VAL E 54 6.90 18.88 -13.15
C VAL E 54 5.93 18.85 -11.98
N ILE E 55 5.72 20.02 -11.38
CA ILE E 55 4.83 20.20 -10.23
C ILE E 55 3.98 21.44 -10.51
N PRO E 56 2.92 21.66 -9.72
CA PRO E 56 2.18 22.91 -9.86
C PRO E 56 3.09 24.11 -9.65
N LEU E 57 2.60 25.28 -10.06
CA LEU E 57 3.41 26.48 -9.94
C LEU E 57 3.72 26.74 -8.47
N ASN E 58 4.99 26.58 -8.11
CA ASN E 58 5.41 26.71 -6.71
C ASN E 58 5.32 28.19 -6.36
N THR E 59 4.23 28.56 -5.70
CA THR E 59 3.89 29.95 -5.46
C THR E 59 4.27 30.41 -4.05
N SER E 60 5.11 29.64 -3.35
CA SER E 60 5.59 30.07 -2.04
C SER E 60 6.98 30.68 -2.10
N ILE E 61 7.88 30.14 -2.93
CA ILE E 61 9.19 30.76 -3.12
C ILE E 61 9.04 32.09 -3.83
N VAL E 62 8.24 32.11 -4.90
CA VAL E 62 7.96 33.34 -5.62
C VAL E 62 6.56 33.82 -5.24
N MET E 63 6.42 35.11 -4.98
CA MET E 63 5.15 35.67 -4.58
C MET E 63 4.14 35.54 -5.72
N PRO E 64 2.90 35.18 -5.44
CA PRO E 64 1.83 35.22 -6.46
C PRO E 64 1.10 36.56 -6.49
N PRO E 65 1.59 37.57 -7.21
CA PRO E 65 0.77 38.78 -7.41
C PRO E 65 -0.27 38.54 -8.50
N ARG E 66 -1.02 39.60 -8.81
CA ARG E 66 -2.21 39.45 -9.65
C ARG E 66 -1.89 38.79 -10.98
N ASN E 67 -0.71 39.05 -11.52
CA ASN E 67 -0.19 38.33 -12.67
C ASN E 67 1.30 38.62 -12.77
N LEU E 68 1.91 38.24 -13.89
CA LEU E 68 3.30 38.61 -14.12
C LEU E 68 3.46 40.12 -14.22
N LEU E 69 2.46 40.81 -14.79
CA LEU E 69 2.50 42.26 -14.82
C LEU E 69 2.55 42.84 -13.42
N GLU E 70 1.64 42.40 -12.54
CA GLU E 70 1.71 42.83 -11.14
C GLU E 70 2.97 42.30 -10.46
N LEU E 71 3.48 41.14 -10.88
CA LEU E 71 4.76 40.65 -10.38
C LEU E 71 5.92 41.53 -10.82
N LEU E 72 5.74 42.34 -11.86
CA LEU E 72 6.74 43.28 -12.31
C LEU E 72 6.43 44.73 -11.95
N ILE E 73 5.21 45.04 -11.54
CA ILE E 73 4.86 46.40 -11.15
C ILE E 73 5.63 46.80 -9.89
N ASN E 74 5.76 45.88 -8.95
CA ASN E 74 6.26 46.18 -7.61
C ASN E 74 7.78 45.99 -7.48
N ILE E 75 8.46 45.54 -8.54
CA ILE E 75 9.90 45.37 -8.45
C ILE E 75 10.61 46.71 -8.38
N LYS E 76 10.10 47.71 -9.11
CA LYS E 76 10.76 49.02 -9.17
C LYS E 76 10.58 49.83 -7.89
N ALA E 77 9.93 49.29 -6.87
CA ALA E 77 9.75 49.98 -5.61
C ALA E 77 10.87 49.72 -4.61
N GLY E 78 11.82 48.84 -4.95
CA GLY E 78 12.91 48.53 -4.04
C GLY E 78 12.53 47.65 -2.87
N THR E 79 11.34 47.04 -2.90
CA THR E 79 10.85 46.26 -1.78
C THR E 79 11.12 44.76 -1.98
N TYR E 80 11.16 44.31 -3.23
CA TYR E 80 11.36 42.90 -3.54
C TYR E 80 12.80 42.51 -3.25
N LEU E 81 12.99 41.87 -2.09
CA LEU E 81 14.30 41.41 -1.68
C LEU E 81 14.32 39.89 -1.51
N MET E 91 3.73 17.07 1.01
CA MET E 91 3.19 17.14 2.36
C MET E 91 2.18 16.03 2.62
N VAL E 92 2.65 14.95 3.23
CA VAL E 92 1.81 13.79 3.50
C VAL E 92 1.72 13.58 5.01
N ILE E 93 0.52 13.27 5.50
CA ILE E 93 0.28 13.04 6.92
C ILE E 93 0.70 11.61 7.23
N THR E 94 1.96 11.43 7.63
CA THR E 94 2.48 10.10 7.94
C THR E 94 2.66 9.89 9.45
N ASP E 95 3.42 10.76 10.10
CA ASP E 95 3.64 10.67 11.53
C ASP E 95 3.25 11.97 12.19
N ARG E 96 2.35 11.89 13.16
CA ARG E 96 2.01 13.05 13.95
C ARG E 96 3.01 13.21 15.09
N ILE E 97 3.59 14.40 15.22
CA ILE E 97 4.44 14.70 16.36
C ILE E 97 3.53 14.96 17.54
N GLU E 98 3.32 13.94 18.37
CA GLU E 98 2.19 13.94 19.31
C GLU E 98 2.26 15.12 20.27
N ASN E 99 3.45 15.41 20.79
CA ASN E 99 3.66 16.61 21.57
C ASN E 99 4.44 17.61 20.72
N ILE E 100 3.98 18.86 20.72
CA ILE E 100 4.58 19.91 19.93
C ILE E 100 5.59 20.71 20.73
N ASP E 101 5.75 20.42 22.02
CA ASP E 101 6.42 21.35 22.91
C ASP E 101 7.92 21.11 23.04
N HIS E 102 8.43 19.96 22.59
CA HIS E 102 9.87 19.70 22.66
C HIS E 102 10.59 20.04 21.34
N LEU E 103 9.89 20.66 20.40
CA LEU E 103 10.39 20.91 19.05
C LEU E 103 11.33 22.10 18.97
N GLY E 104 11.74 22.68 20.10
CA GLY E 104 12.67 23.80 20.10
C GLY E 104 12.08 25.05 20.73
N PHE E 105 12.87 25.76 21.53
CA PHE E 105 12.33 26.88 22.31
C PHE E 105 11.81 27.99 21.41
N PHE E 106 12.57 28.37 20.38
CA PHE E 106 12.04 29.31 19.39
C PHE E 106 10.88 28.69 18.61
N ILE E 107 11.01 27.42 18.22
CA ILE E 107 9.91 26.71 17.58
C ILE E 107 8.77 26.52 18.57
N TYR E 108 9.07 26.46 19.88
CA TYR E 108 8.00 26.42 20.87
C TYR E 108 7.22 27.73 20.88
N ARG E 109 7.93 28.86 20.87
CA ARG E 109 7.27 30.16 20.87
C ARG E 109 6.44 30.35 19.60
N LEU E 110 7.00 29.98 18.45
CA LEU E 110 6.31 30.25 17.19
C LEU E 110 5.25 29.21 16.88
N CYS E 111 5.39 28.00 17.42
CA CYS E 111 4.61 26.84 17.01
C CYS E 111 3.91 26.13 18.17
N HIS E 112 3.30 26.85 19.10
CA HIS E 112 2.67 26.19 20.25
C HIS E 112 1.42 25.42 19.83
N ASP E 113 1.49 24.09 19.97
CA ASP E 113 0.40 23.15 19.72
C ASP E 113 -0.19 23.25 18.32
N LYS E 114 0.44 23.96 17.40
CA LYS E 114 0.10 23.87 15.98
C LYS E 114 0.27 22.41 15.61
N GLU E 115 -0.70 21.86 14.91
CA GLU E 115 -0.77 20.41 14.75
C GLU E 115 0.41 19.98 13.87
N THR E 116 1.50 19.56 14.51
CA THR E 116 2.77 19.36 13.81
C THR E 116 2.80 17.98 13.17
N TYR E 117 2.69 17.95 11.85
CA TYR E 117 2.77 16.72 11.07
C TYR E 117 4.17 16.59 10.49
N LYS E 118 4.82 15.45 10.78
CA LYS E 118 6.17 15.20 10.33
C LYS E 118 6.20 14.60 8.93
N LEU E 119 7.10 15.12 8.10
CA LEU E 119 7.36 14.53 6.81
C LEU E 119 8.63 13.68 6.86
N GLN F 1 -22.50 8.91 8.36
CA GLN F 1 -22.45 8.82 6.90
C GLN F 1 -21.07 9.07 6.35
N THR F 2 -20.33 8.00 6.07
CA THR F 2 -19.01 8.10 5.47
C THR F 2 -19.16 8.70 4.08
N ILE F 3 -18.11 9.39 3.63
CA ILE F 3 -18.17 10.22 2.43
C ILE F 3 -18.00 9.30 1.22
N GLU F 4 -19.06 9.18 0.43
CA GLU F 4 -19.02 8.42 -0.83
C GLU F 4 -19.19 9.42 -1.97
N GLU F 5 -18.09 10.02 -2.40
CA GLU F 5 -18.11 10.93 -3.53
C GLU F 5 -17.89 10.13 -4.81
N ASN F 6 -18.96 9.99 -5.60
CA ASN F 6 -18.95 9.12 -6.76
C ASN F 6 -18.35 9.88 -7.94
N ILE F 7 -17.18 9.43 -8.40
CA ILE F 7 -16.35 10.15 -9.35
C ILE F 7 -16.00 9.23 -10.51
N LYS F 8 -16.11 9.75 -11.75
CA LYS F 8 -15.82 8.96 -12.94
C LYS F 8 -15.20 9.84 -14.03
N ILE F 9 -14.20 9.30 -14.73
CA ILE F 9 -13.32 10.05 -15.62
C ILE F 9 -13.34 9.41 -17.00
N PHE F 10 -13.18 10.23 -18.05
CA PHE F 10 -13.17 9.80 -19.45
C PHE F 10 -11.91 10.35 -20.13
N GLU F 11 -11.12 9.49 -20.77
CA GLU F 11 -9.84 9.95 -21.34
C GLU F 11 -10.03 11.08 -22.34
N GLU F 12 -10.68 10.77 -23.47
CA GLU F 12 -10.66 11.72 -24.57
C GLU F 12 -11.87 12.66 -24.51
N GLU F 13 -13.01 12.15 -24.04
CA GLU F 13 -14.24 12.94 -23.96
C GLU F 13 -14.23 13.96 -22.82
N GLU F 14 -13.32 13.82 -21.86
CA GLU F 14 -13.11 14.82 -20.80
C GLU F 14 -14.41 15.05 -20.01
N VAL F 15 -14.87 14.00 -19.35
CA VAL F 15 -16.11 14.03 -18.59
C VAL F 15 -15.84 13.60 -17.17
N GLU F 16 -16.42 14.33 -16.21
CA GLU F 16 -16.25 14.05 -14.79
C GLU F 16 -17.62 13.96 -14.15
N PHE F 17 -17.81 12.98 -13.27
CA PHE F 17 -19.11 12.68 -12.70
C PHE F 17 -19.07 12.84 -11.19
N ILE F 18 -20.15 13.38 -10.62
CA ILE F 18 -20.23 13.72 -9.20
C ILE F 18 -21.58 13.27 -8.66
N SER F 19 -21.57 12.60 -7.51
CA SER F 19 -22.78 12.23 -6.78
C SER F 19 -22.43 12.01 -5.31
N VAL F 20 -23.36 12.37 -4.42
CA VAL F 20 -23.14 12.31 -2.98
C VAL F 20 -24.47 11.99 -2.29
N PRO F 21 -24.46 11.31 -1.12
CA PRO F 21 -25.68 11.24 -0.30
C PRO F 21 -25.85 12.46 0.59
N VAL F 22 -26.85 12.47 1.46
CA VAL F 22 -27.12 13.60 2.35
C VAL F 22 -26.97 13.14 3.78
N PRO F 23 -26.09 13.76 4.56
CA PRO F 23 -25.91 13.38 5.96
C PRO F 23 -26.98 14.03 6.85
N GLU F 24 -26.78 13.88 8.16
CA GLU F 24 -27.86 14.08 9.11
C GLU F 24 -28.15 15.54 9.44
N PHE F 25 -27.22 16.24 10.08
CA PHE F 25 -27.57 17.51 10.71
C PHE F 25 -28.14 18.51 9.73
N ALA F 26 -27.68 18.49 8.48
CA ALA F 26 -28.35 19.22 7.44
C ALA F 26 -28.99 18.24 6.46
N ASP F 27 -30.24 18.53 6.09
CA ASP F 27 -30.94 17.79 5.05
C ASP F 27 -31.46 18.70 3.96
N SER F 28 -30.64 19.64 3.50
CA SER F 28 -31.03 20.61 2.49
C SER F 28 -30.94 19.98 1.10
N ASP F 29 -31.01 20.80 0.06
CA ASP F 29 -31.05 20.32 -1.31
C ASP F 29 -29.73 19.67 -1.70
N PRO F 30 -29.75 18.40 -2.12
CA PRO F 30 -28.58 17.80 -2.73
C PRO F 30 -28.56 17.85 -4.25
N ALA F 31 -27.44 17.42 -4.82
CA ALA F 31 -27.23 17.49 -6.26
C ALA F 31 -26.58 16.21 -6.78
N ASN F 32 -26.84 15.92 -8.05
CA ASN F 32 -26.09 14.94 -8.82
C ASN F 32 -25.44 15.72 -9.95
N ILE F 33 -24.13 15.95 -9.83
CA ILE F 33 -23.43 16.93 -10.65
C ILE F 33 -22.66 16.20 -11.76
N VAL F 34 -22.64 16.81 -12.93
CA VAL F 34 -21.84 16.37 -14.06
C VAL F 34 -21.05 17.58 -14.55
N HIS F 35 -19.73 17.53 -14.41
CA HIS F 35 -18.86 18.59 -14.89
C HIS F 35 -18.26 18.20 -16.24
N ASP F 36 -18.78 18.79 -17.31
CA ASP F 36 -18.26 18.62 -18.67
C ASP F 36 -17.67 19.96 -19.09
N PHE F 37 -16.38 20.15 -18.79
CA PHE F 37 -15.74 21.45 -18.99
C PHE F 37 -15.63 21.80 -20.47
N ASN F 38 -15.68 20.79 -21.35
CA ASN F 38 -15.64 21.05 -22.78
C ASN F 38 -16.81 21.90 -23.23
N LYS F 39 -18.01 21.58 -22.72
CA LYS F 39 -19.17 22.41 -23.00
C LYS F 39 -19.19 23.71 -22.22
N LYS F 40 -18.23 23.89 -21.30
CA LYS F 40 -18.08 25.13 -20.54
C LYS F 40 -19.32 25.42 -19.70
N LEU F 41 -19.99 24.36 -19.25
CA LEU F 41 -21.22 24.49 -18.48
C LEU F 41 -21.17 23.54 -17.30
N THR F 42 -21.85 23.93 -16.22
CA THR F 42 -22.00 23.10 -15.03
C THR F 42 -23.48 23.01 -14.69
N ALA F 43 -23.96 21.77 -14.48
CA ALA F 43 -25.36 21.52 -14.21
C ALA F 43 -25.49 20.84 -12.86
N TYR F 44 -26.22 21.48 -11.94
CA TYR F 44 -26.54 20.89 -10.65
C TYR F 44 -27.96 20.35 -10.69
N LEU F 45 -28.11 19.03 -10.49
CA LEU F 45 -29.40 18.36 -10.47
C LEU F 45 -29.92 18.42 -9.04
N ASP F 46 -30.61 19.51 -8.70
CA ASP F 46 -31.17 19.68 -7.37
C ASP F 46 -32.19 18.57 -7.12
N LEU F 47 -31.86 17.67 -6.20
CA LEU F 47 -32.60 16.42 -6.05
C LEU F 47 -33.85 16.57 -5.20
N ASN F 48 -33.73 17.12 -3.99
CA ASN F 48 -34.89 17.29 -3.13
C ASN F 48 -35.92 18.22 -3.76
N LEU F 49 -35.46 19.21 -4.52
CA LEU F 49 -36.36 20.15 -5.18
C LEU F 49 -36.77 19.69 -6.58
N ASP F 50 -36.16 18.62 -7.08
CA ASP F 50 -36.49 18.07 -8.41
C ASP F 50 -36.35 19.13 -9.50
N LYS F 51 -35.29 19.92 -9.41
CA LYS F 51 -35.04 20.99 -10.37
C LYS F 51 -33.59 20.92 -10.84
N CYS F 52 -33.37 21.38 -12.06
CA CYS F 52 -32.04 21.36 -12.67
C CYS F 52 -31.56 22.79 -12.86
N TYR F 53 -30.37 23.09 -12.34
CA TYR F 53 -29.81 24.43 -12.42
C TYR F 53 -28.67 24.46 -13.44
N VAL F 54 -28.71 25.45 -14.33
CA VAL F 54 -27.71 25.61 -15.38
C VAL F 54 -27.00 26.94 -15.15
N ILE F 55 -25.67 26.88 -15.07
CA ILE F 55 -24.84 28.06 -14.84
C ILE F 55 -23.64 27.99 -15.78
N PRO F 56 -22.95 29.11 -15.99
CA PRO F 56 -21.66 29.06 -16.70
C PRO F 56 -20.68 28.16 -15.96
N LEU F 57 -19.53 27.94 -16.61
CA LEU F 57 -18.57 26.97 -16.11
C LEU F 57 -18.15 27.32 -14.68
N ASN F 58 -18.54 26.47 -13.74
CA ASN F 58 -18.19 26.63 -12.33
C ASN F 58 -16.70 26.38 -12.18
N THR F 59 -15.93 27.45 -12.02
CA THR F 59 -14.47 27.37 -12.06
C THR F 59 -13.83 27.72 -10.73
N SER F 60 -14.62 27.85 -9.66
CA SER F 60 -14.06 28.15 -8.34
C SER F 60 -13.92 26.91 -7.46
N ILE F 61 -14.92 26.04 -7.47
CA ILE F 61 -14.84 24.80 -6.69
C ILE F 61 -13.75 23.89 -7.24
N VAL F 62 -13.71 23.76 -8.56
CA VAL F 62 -12.79 22.83 -9.20
C VAL F 62 -11.59 23.58 -9.78
N MET F 63 -10.42 22.97 -9.71
CA MET F 63 -9.23 23.52 -10.31
C MET F 63 -9.43 23.68 -11.81
N PRO F 64 -9.08 24.81 -12.40
CA PRO F 64 -9.37 25.07 -13.84
C PRO F 64 -8.32 24.48 -14.76
N PRO F 65 -8.48 23.21 -15.18
CA PRO F 65 -7.43 22.60 -15.99
C PRO F 65 -7.46 23.10 -17.41
N ARG F 66 -6.49 22.69 -18.21
CA ARG F 66 -6.44 23.06 -19.62
C ARG F 66 -7.09 22.04 -20.52
N ASN F 67 -6.81 20.76 -20.34
CA ASN F 67 -7.62 19.67 -20.88
C ASN F 67 -7.60 18.58 -19.83
N LEU F 68 -8.24 17.46 -20.15
CA LEU F 68 -8.24 16.37 -19.17
C LEU F 68 -6.92 15.62 -19.16
N LEU F 69 -6.00 15.93 -20.07
CA LEU F 69 -4.62 15.46 -19.94
C LEU F 69 -4.01 15.93 -18.62
N GLU F 70 -4.58 16.99 -18.04
CA GLU F 70 -4.20 17.47 -16.72
C GLU F 70 -4.59 16.50 -15.60
N LEU F 71 -5.48 15.54 -15.89
CA LEU F 71 -6.13 14.74 -14.87
C LEU F 71 -6.03 13.23 -15.08
N LEU F 72 -4.97 12.73 -15.73
CA LEU F 72 -4.84 11.30 -15.93
C LEU F 72 -3.42 10.76 -15.72
N ILE F 73 -2.61 11.37 -14.85
CA ILE F 73 -1.30 10.86 -14.52
C ILE F 73 -1.11 10.70 -13.02
N ASN F 74 -1.94 11.38 -12.21
CA ASN F 74 -1.76 11.43 -10.78
C ASN F 74 -2.29 10.21 -10.03
N ILE F 75 -2.93 9.25 -10.73
CA ILE F 75 -3.60 8.15 -10.04
C ILE F 75 -2.60 7.34 -9.22
N LYS F 76 -1.42 7.06 -9.79
CA LYS F 76 -0.39 6.36 -9.03
C LYS F 76 0.13 7.22 -7.87
N ALA F 77 0.25 8.53 -8.09
CA ALA F 77 0.83 9.43 -7.11
C ALA F 77 0.05 9.48 -5.81
N GLY F 78 -1.28 9.52 -5.86
CA GLY F 78 -2.08 9.60 -4.65
C GLY F 78 -2.12 10.96 -3.99
N THR F 79 -1.59 12.00 -4.66
CA THR F 79 -1.62 13.34 -4.08
C THR F 79 -3.04 13.91 -4.11
N TYR F 80 -3.81 13.60 -5.15
CA TYR F 80 -5.18 14.09 -5.30
C TYR F 80 -6.04 13.44 -4.22
N LEU F 81 -6.41 14.24 -3.23
CA LEU F 81 -7.24 13.78 -2.12
C LEU F 81 -8.70 14.16 -2.33
N MET F 91 -22.56 35.93 -7.46
CA MET F 91 -22.74 36.36 -6.08
C MET F 91 -23.20 37.82 -6.02
N VAL F 92 -24.15 38.11 -5.13
CA VAL F 92 -24.67 39.46 -4.96
C VAL F 92 -24.18 39.98 -3.60
N ILE F 93 -23.38 41.04 -3.62
CA ILE F 93 -22.82 41.60 -2.39
C ILE F 93 -23.89 42.42 -1.67
N THR F 94 -24.17 42.08 -0.42
CA THR F 94 -25.18 42.80 0.35
C THR F 94 -24.56 43.87 1.22
N ASP F 95 -23.69 43.48 2.14
CA ASP F 95 -23.14 44.39 3.14
C ASP F 95 -21.63 44.21 3.24
N ARG F 96 -20.93 45.29 3.57
CA ARG F 96 -19.50 45.23 3.82
C ARG F 96 -19.24 45.06 5.31
N ILE F 97 -18.50 44.02 5.67
CA ILE F 97 -18.10 43.78 7.06
C ILE F 97 -16.65 44.23 7.17
N GLU F 98 -16.47 45.50 7.54
CA GLU F 98 -15.11 46.03 7.65
C GLU F 98 -14.38 45.44 8.86
N ASN F 99 -15.07 45.30 9.99
CA ASN F 99 -14.50 44.69 11.19
C ASN F 99 -14.88 43.22 11.18
N ILE F 100 -13.87 42.35 11.16
CA ILE F 100 -14.06 40.93 10.91
C ILE F 100 -13.83 40.09 12.16
N ASP F 101 -13.88 40.70 13.34
CA ASP F 101 -13.63 39.96 14.56
C ASP F 101 -14.77 38.99 14.90
N HIS F 102 -16.00 39.34 14.56
CA HIS F 102 -17.15 38.51 14.87
C HIS F 102 -17.34 37.36 13.90
N LEU F 103 -16.57 37.32 12.81
CA LEU F 103 -16.66 36.24 11.84
C LEU F 103 -16.04 34.95 12.33
N GLY F 104 -15.37 34.97 13.46
CA GLY F 104 -14.60 33.83 13.94
C GLY F 104 -13.11 34.09 13.80
N PHE F 105 -12.36 33.67 14.81
CA PHE F 105 -10.92 33.98 14.84
C PHE F 105 -10.20 33.36 13.66
N PHE F 106 -10.57 32.12 13.30
CA PHE F 106 -10.01 31.50 12.10
C PHE F 106 -10.34 32.32 10.86
N ILE F 107 -11.61 32.69 10.70
CA ILE F 107 -12.01 33.52 9.57
C ILE F 107 -11.39 34.90 9.67
N TYR F 108 -11.24 35.40 10.90
CA TYR F 108 -10.60 36.71 11.10
C TYR F 108 -9.18 36.72 10.55
N ARG F 109 -8.39 35.70 10.88
CA ARG F 109 -7.03 35.64 10.35
C ARG F 109 -7.04 35.27 8.87
N LEU F 110 -8.06 34.55 8.41
CA LEU F 110 -8.18 34.22 7.00
C LEU F 110 -8.35 35.49 6.16
N CYS F 111 -9.25 36.37 6.57
CA CYS F 111 -9.56 37.58 5.82
C CYS F 111 -9.00 38.84 6.47
N HIS F 112 -7.90 38.71 7.22
CA HIS F 112 -7.33 39.86 7.91
C HIS F 112 -6.79 40.87 6.92
N ASP F 113 -7.05 42.15 7.19
CA ASP F 113 -6.70 43.27 6.31
C ASP F 113 -7.33 43.14 4.93
N LYS F 114 -8.43 42.39 4.82
CA LYS F 114 -9.14 42.22 3.57
C LYS F 114 -10.53 42.84 3.67
N GLU F 115 -11.04 43.28 2.53
CA GLU F 115 -12.36 43.91 2.46
C GLU F 115 -13.41 42.82 2.44
N THR F 116 -14.02 42.55 3.60
CA THR F 116 -14.96 41.45 3.75
C THR F 116 -16.38 41.90 3.42
N TYR F 117 -17.10 41.09 2.67
CA TYR F 117 -18.47 41.37 2.25
C TYR F 117 -19.32 40.13 2.48
N LYS F 118 -20.60 40.35 2.79
CA LYS F 118 -21.53 39.26 3.07
C LYS F 118 -22.49 39.06 1.91
N LEU F 119 -22.82 37.80 1.65
CA LEU F 119 -23.82 37.46 0.64
C LEU F 119 -25.11 36.96 1.29
N GLN G 1 -38.26 -21.55 -1.80
CA GLN G 1 -38.46 -20.40 -0.93
C GLN G 1 -39.19 -19.28 -1.68
N THR G 2 -39.72 -18.32 -0.92
CA THR G 2 -40.48 -17.21 -1.49
C THR G 2 -39.84 -15.90 -1.08
N ILE G 3 -39.96 -14.88 -1.93
CA ILE G 3 -39.37 -13.57 -1.69
C ILE G 3 -40.17 -12.92 -0.57
N GLU G 4 -39.58 -12.85 0.62
CA GLU G 4 -40.22 -12.27 1.79
C GLU G 4 -39.26 -11.26 2.41
N GLU G 5 -39.30 -10.03 1.93
CA GLU G 5 -38.53 -8.95 2.53
C GLU G 5 -39.45 -8.10 3.40
N ASN G 6 -39.41 -8.32 4.71
CA ASN G 6 -40.32 -7.67 5.64
C ASN G 6 -39.86 -6.24 5.87
N ILE G 7 -40.44 -5.30 5.14
CA ILE G 7 -40.13 -3.87 5.27
C ILE G 7 -41.13 -3.26 6.24
N LYS G 8 -40.61 -2.74 7.36
CA LYS G 8 -41.44 -2.15 8.40
C LYS G 8 -41.04 -0.69 8.58
N ILE G 9 -42.04 0.19 8.58
CA ILE G 9 -41.82 1.64 8.63
C ILE G 9 -42.76 2.23 9.68
N PHE G 10 -42.20 3.03 10.58
CA PHE G 10 -42.98 3.89 11.49
C PHE G 10 -42.61 5.33 11.17
N GLU G 11 -43.62 6.14 10.84
CA GLU G 11 -43.38 7.47 10.30
C GLU G 11 -42.65 8.37 11.30
N GLU G 12 -43.10 8.36 12.56
CA GLU G 12 -42.59 9.32 13.53
C GLU G 12 -41.12 9.12 13.84
N GLU G 13 -40.69 7.86 13.97
CA GLU G 13 -39.34 7.55 14.43
C GLU G 13 -38.29 7.65 13.33
N GLU G 14 -38.70 7.82 12.08
CA GLU G 14 -37.79 7.88 10.93
C GLU G 14 -36.88 6.65 10.87
N VAL G 15 -37.49 5.49 11.10
CA VAL G 15 -36.77 4.22 11.10
C VAL G 15 -37.47 3.25 10.15
N GLU G 16 -36.68 2.54 9.36
CA GLU G 16 -37.18 1.49 8.47
C GLU G 16 -36.54 0.18 8.88
N PHE G 17 -37.31 -0.91 8.79
CA PHE G 17 -36.91 -2.22 9.29
C PHE G 17 -37.09 -3.25 8.20
N ILE G 18 -36.01 -3.95 7.82
CA ILE G 18 -36.05 -4.98 6.80
C ILE G 18 -35.27 -6.19 7.31
N SER G 19 -35.83 -7.39 7.08
CA SER G 19 -35.23 -8.64 7.53
C SER G 19 -35.22 -9.62 6.37
N VAL G 20 -34.20 -10.48 6.34
CA VAL G 20 -34.04 -11.47 5.27
C VAL G 20 -33.65 -12.82 5.87
N PRO G 21 -34.35 -13.90 5.52
CA PRO G 21 -33.99 -15.23 6.02
C PRO G 21 -32.84 -15.82 5.18
N VAL G 22 -32.53 -17.08 5.46
CA VAL G 22 -31.43 -17.77 4.78
C VAL G 22 -31.96 -18.86 3.85
N PRO G 23 -32.07 -18.57 2.55
CA PRO G 23 -32.40 -19.61 1.57
C PRO G 23 -31.15 -20.40 1.16
N GLU G 24 -31.33 -21.25 0.14
CA GLU G 24 -30.54 -22.47 0.04
C GLU G 24 -29.81 -22.67 -1.29
N PHE G 25 -29.25 -21.61 -1.90
CA PHE G 25 -28.25 -21.85 -2.95
C PHE G 25 -27.10 -20.86 -2.92
N ALA G 26 -27.24 -19.76 -2.19
CA ALA G 26 -26.38 -18.58 -2.33
C ALA G 26 -25.52 -18.39 -1.10
N ASP G 27 -24.91 -17.21 -1.02
CA ASP G 27 -24.05 -16.82 0.08
C ASP G 27 -24.83 -16.27 1.28
N SER G 28 -26.12 -16.60 1.41
CA SER G 28 -27.02 -15.92 2.30
C SER G 28 -26.99 -16.49 3.73
N ASP G 29 -27.42 -15.66 4.67
CA ASP G 29 -27.60 -15.93 6.09
C ASP G 29 -28.70 -15.01 6.62
N PRO G 30 -29.29 -15.32 7.77
CA PRO G 30 -30.31 -14.43 8.33
C PRO G 30 -29.75 -13.04 8.55
N ALA G 31 -30.40 -12.05 7.92
CA ALA G 31 -29.88 -10.69 7.87
C ALA G 31 -30.98 -9.67 8.18
N ASN G 32 -30.57 -8.53 8.73
CA ASN G 32 -31.47 -7.45 9.11
C ASN G 32 -30.97 -6.15 8.49
N ILE G 33 -31.88 -5.40 7.87
CA ILE G 33 -31.56 -4.11 7.26
C ILE G 33 -32.40 -3.04 7.93
N VAL G 34 -31.75 -2.00 8.44
CA VAL G 34 -32.42 -0.89 9.12
C VAL G 34 -32.06 0.37 8.36
N HIS G 35 -33.07 1.08 7.88
CA HIS G 35 -32.88 2.33 7.15
C HIS G 35 -33.43 3.50 7.97
N ASP G 36 -32.70 4.60 7.99
CA ASP G 36 -33.04 5.77 8.79
C ASP G 36 -32.85 7.02 7.95
N PHE G 37 -33.84 7.93 7.99
CA PHE G 37 -33.68 9.22 7.33
C PHE G 37 -33.29 10.30 8.33
N ASN G 38 -33.66 10.13 9.60
CA ASN G 38 -33.14 11.01 10.64
C ASN G 38 -31.64 10.79 10.80
N LYS G 39 -31.23 9.53 10.95
CA LYS G 39 -29.82 9.19 11.04
C LYS G 39 -29.15 9.13 9.68
N LYS G 40 -29.92 9.16 8.60
CA LYS G 40 -29.40 9.14 7.23
C LYS G 40 -28.39 8.01 7.06
N LEU G 41 -28.67 6.88 7.69
CA LEU G 41 -27.74 5.77 7.75
C LEU G 41 -28.49 4.46 7.55
N THR G 42 -27.73 3.40 7.28
CA THR G 42 -28.28 2.05 7.22
C THR G 42 -27.31 1.10 7.90
N ALA G 43 -27.82 0.33 8.87
CA ALA G 43 -27.03 -0.65 9.59
C ALA G 43 -27.51 -2.05 9.25
N TYR G 44 -26.60 -2.89 8.77
CA TYR G 44 -26.92 -4.25 8.37
C TYR G 44 -26.52 -5.20 9.48
N LEU G 45 -27.50 -5.92 10.02
CA LEU G 45 -27.24 -7.04 10.92
C LEU G 45 -27.52 -8.33 10.15
N ASP G 46 -26.48 -9.11 9.89
CA ASP G 46 -26.71 -10.50 9.53
C ASP G 46 -26.72 -11.34 10.78
N LEU G 47 -27.86 -11.95 11.08
CA LEU G 47 -28.01 -12.70 12.31
C LEU G 47 -27.03 -13.85 12.42
N ASN G 48 -26.88 -14.66 11.38
CA ASN G 48 -25.84 -15.69 11.41
C ASN G 48 -24.44 -15.07 11.44
N LEU G 49 -24.23 -14.00 10.68
CA LEU G 49 -22.94 -13.32 10.77
C LEU G 49 -22.81 -12.48 12.02
N ASP G 50 -23.91 -12.29 12.75
CA ASP G 50 -23.89 -11.73 14.10
C ASP G 50 -23.18 -10.38 14.07
N LYS G 51 -23.36 -9.65 12.98
CA LYS G 51 -22.43 -8.59 12.58
C LYS G 51 -23.17 -7.28 12.40
N CYS G 52 -22.49 -6.17 12.70
CA CYS G 52 -23.03 -4.84 12.45
C CYS G 52 -22.15 -4.11 11.45
N TYR G 53 -22.75 -3.56 10.41
CA TYR G 53 -22.06 -2.68 9.48
C TYR G 53 -22.71 -1.31 9.49
N VAL G 54 -21.94 -0.29 9.81
CA VAL G 54 -22.42 1.09 9.87
C VAL G 54 -22.02 1.78 8.57
N ILE G 55 -23.00 1.94 7.68
CA ILE G 55 -22.77 2.52 6.35
C ILE G 55 -23.82 3.60 6.13
N PRO G 56 -23.63 4.46 5.13
CA PRO G 56 -24.66 5.46 4.81
C PRO G 56 -26.00 4.82 4.51
N LEU G 57 -27.04 5.65 4.55
CA LEU G 57 -28.38 5.19 4.18
C LEU G 57 -28.35 4.64 2.76
N ASN G 58 -28.56 3.32 2.65
CA ASN G 58 -28.28 2.60 1.42
C ASN G 58 -29.15 3.15 0.30
N THR G 59 -28.50 3.71 -0.72
CA THR G 59 -29.17 4.34 -1.84
C THR G 59 -29.63 3.33 -2.89
N SER G 60 -29.54 2.04 -2.60
CA SER G 60 -29.80 1.02 -3.60
C SER G 60 -31.01 0.15 -3.30
N ILE G 61 -31.12 -0.43 -2.11
CA ILE G 61 -32.20 -1.38 -1.83
C ILE G 61 -33.53 -0.66 -1.81
N VAL G 62 -33.71 0.25 -0.87
CA VAL G 62 -34.94 1.04 -0.81
C VAL G 62 -34.82 2.22 -1.75
N MET G 63 -35.81 2.37 -2.64
CA MET G 63 -35.78 3.48 -3.58
C MET G 63 -35.92 4.79 -2.82
N PRO G 64 -35.08 5.79 -3.10
CA PRO G 64 -34.85 6.94 -2.18
C PRO G 64 -35.80 8.12 -2.38
N PRO G 65 -36.96 8.16 -1.71
CA PRO G 65 -37.81 9.35 -1.83
C PRO G 65 -37.27 10.48 -0.97
N ARG G 66 -37.97 11.62 -0.98
CA ARG G 66 -37.43 12.81 -0.32
C ARG G 66 -37.12 12.56 1.14
N ASN G 67 -38.02 11.93 1.87
CA ASN G 67 -37.76 11.49 3.23
C ASN G 67 -38.74 10.36 3.56
N LEU G 68 -38.79 9.97 4.83
CA LEU G 68 -39.75 8.95 5.25
C LEU G 68 -41.18 9.44 5.11
N LEU G 69 -41.42 10.74 5.31
CA LEU G 69 -42.77 11.27 5.16
C LEU G 69 -43.29 11.05 3.75
N GLU G 70 -42.48 11.34 2.74
CA GLU G 70 -42.87 11.06 1.36
C GLU G 70 -42.73 9.58 1.03
N LEU G 71 -41.81 8.86 1.70
CA LEU G 71 -41.66 7.43 1.51
C LEU G 71 -42.92 6.65 1.84
N LEU G 72 -43.76 7.16 2.76
CA LEU G 72 -45.05 6.55 3.05
C LEU G 72 -46.20 7.13 2.24
N ILE G 73 -45.97 8.23 1.51
CA ILE G 73 -47.05 8.83 0.72
C ILE G 73 -47.47 7.90 -0.40
N ASN G 74 -46.49 7.29 -1.08
CA ASN G 74 -46.74 6.55 -2.31
C ASN G 74 -46.83 5.04 -2.12
N ILE G 75 -46.83 4.55 -0.88
CA ILE G 75 -46.99 3.12 -0.66
C ILE G 75 -48.42 2.67 -0.96
N LYS G 76 -49.41 3.49 -0.61
CA LYS G 76 -50.81 3.08 -0.69
C LYS G 76 -51.32 2.98 -2.13
N ALA G 77 -50.48 3.21 -3.13
CA ALA G 77 -50.88 3.12 -4.52
C ALA G 77 -50.72 1.72 -5.10
N GLY G 78 -50.23 0.77 -4.33
CA GLY G 78 -49.97 -0.57 -4.84
C GLY G 78 -48.77 -0.67 -5.74
N THR G 79 -47.85 0.29 -5.68
CA THR G 79 -46.71 0.38 -6.59
C THR G 79 -45.47 -0.30 -6.03
N TYR G 80 -45.46 -0.60 -4.74
CA TYR G 80 -44.31 -1.20 -4.09
C TYR G 80 -44.34 -2.72 -4.26
N LEU G 81 -43.50 -3.19 -5.16
CA LEU G 81 -43.36 -4.62 -5.42
C LEU G 81 -41.93 -5.08 -5.18
N MET G 91 -17.45 0.35 -3.76
CA MET G 91 -17.19 0.49 -5.18
C MET G 91 -15.79 1.09 -5.42
N VAL G 92 -14.82 0.21 -5.61
CA VAL G 92 -13.43 0.64 -5.79
C VAL G 92 -13.01 0.43 -7.23
N ILE G 93 -12.25 1.37 -7.78
CA ILE G 93 -11.74 1.27 -9.15
C ILE G 93 -10.52 0.34 -9.09
N THR G 94 -10.76 -0.95 -9.25
CA THR G 94 -9.70 -1.94 -9.05
C THR G 94 -8.99 -2.32 -10.35
N ASP G 95 -9.74 -2.90 -11.29
CA ASP G 95 -9.16 -3.36 -12.54
C ASP G 95 -10.17 -3.16 -13.66
N ARG G 96 -9.80 -2.32 -14.62
CA ARG G 96 -10.66 -2.06 -15.76
C ARG G 96 -10.68 -3.28 -16.66
N ILE G 97 -11.88 -3.79 -16.96
CA ILE G 97 -11.99 -4.93 -17.87
C ILE G 97 -11.72 -4.40 -19.27
N GLU G 98 -10.53 -4.69 -19.79
CA GLU G 98 -10.01 -3.98 -20.95
C GLU G 98 -10.91 -4.14 -22.17
N ASN G 99 -11.75 -5.16 -22.17
CA ASN G 99 -12.79 -5.29 -23.17
C ASN G 99 -14.15 -5.13 -22.51
N ILE G 100 -15.00 -4.30 -23.10
CA ILE G 100 -16.36 -4.09 -22.63
C ILE G 100 -17.30 -5.16 -23.15
N ASP G 101 -16.87 -5.96 -24.12
CA ASP G 101 -17.80 -6.49 -25.11
C ASP G 101 -18.07 -7.99 -24.99
N HIS G 102 -17.24 -8.73 -24.26
CA HIS G 102 -17.44 -10.17 -24.12
C HIS G 102 -18.32 -10.53 -22.92
N LEU G 103 -18.94 -9.54 -22.28
CA LEU G 103 -19.61 -9.72 -21.01
C LEU G 103 -20.96 -10.41 -21.12
N GLY G 104 -21.40 -10.78 -22.34
CA GLY G 104 -22.67 -11.47 -22.51
C GLY G 104 -23.65 -10.67 -23.35
N PHE G 105 -24.43 -11.35 -24.20
CA PHE G 105 -25.23 -10.67 -25.22
C PHE G 105 -26.19 -9.65 -24.61
N PHE G 106 -26.98 -10.05 -23.62
CA PHE G 106 -27.83 -9.10 -22.92
C PHE G 106 -26.98 -8.07 -22.17
N ILE G 107 -25.93 -8.52 -21.50
CA ILE G 107 -25.03 -7.60 -20.81
C ILE G 107 -24.27 -6.75 -21.82
N TYR G 108 -24.00 -7.28 -23.02
CA TYR G 108 -23.39 -6.46 -24.06
C TYR G 108 -24.32 -5.35 -24.50
N ARG G 109 -25.61 -5.65 -24.68
CA ARG G 109 -26.56 -4.60 -25.01
C ARG G 109 -26.65 -3.57 -23.90
N LEU G 110 -26.69 -4.03 -22.64
CA LEU G 110 -26.84 -3.12 -21.52
C LEU G 110 -25.55 -2.35 -21.24
N CYS G 111 -24.43 -2.84 -21.76
CA CYS G 111 -23.11 -2.32 -21.39
C CYS G 111 -22.29 -1.80 -22.56
N HIS G 112 -22.91 -1.52 -23.71
CA HIS G 112 -22.13 -1.16 -24.90
C HIS G 112 -21.23 0.05 -24.62
N ASP G 113 -19.93 -0.21 -24.51
CA ASP G 113 -18.88 0.76 -24.19
C ASP G 113 -19.13 1.50 -22.89
N LYS G 114 -20.13 1.11 -22.10
CA LYS G 114 -20.29 1.63 -20.75
C LYS G 114 -19.08 1.17 -19.97
N GLU G 115 -18.46 2.08 -19.23
CA GLU G 115 -17.13 1.83 -18.70
C GLU G 115 -17.19 0.67 -17.73
N THR G 116 -16.71 -0.49 -18.18
CA THR G 116 -16.83 -1.74 -17.43
C THR G 116 -15.83 -1.71 -16.28
N TYR G 117 -16.25 -1.11 -15.17
CA TYR G 117 -15.49 -1.14 -13.93
C TYR G 117 -15.77 -2.44 -13.20
N LYS G 118 -14.72 -3.10 -12.74
CA LYS G 118 -14.86 -4.39 -12.06
C LYS G 118 -14.53 -4.25 -10.58
N LEU G 119 -15.48 -4.66 -9.74
CA LEU G 119 -15.28 -4.64 -8.29
C LEU G 119 -14.71 -5.96 -7.80
N GLN H 1 -1.80 22.59 -14.19
CA GLN H 1 -1.68 22.46 -12.75
C GLN H 1 -2.38 21.22 -12.22
N THR H 2 -1.61 20.26 -11.73
CA THR H 2 -2.15 19.14 -10.97
C THR H 2 -2.58 19.66 -9.62
N ILE H 3 -3.46 18.91 -8.96
CA ILE H 3 -4.23 19.42 -7.81
C ILE H 3 -3.48 19.08 -6.53
N GLU H 4 -3.13 20.11 -5.77
CA GLU H 4 -2.65 19.96 -4.40
C GLU H 4 -3.64 20.65 -3.47
N GLU H 5 -4.42 19.85 -2.74
CA GLU H 5 -5.39 20.41 -1.80
C GLU H 5 -4.86 20.23 -0.38
N ASN H 6 -4.64 21.35 0.29
CA ASN H 6 -4.15 21.34 1.67
C ASN H 6 -5.36 21.23 2.58
N ILE H 7 -5.54 20.06 3.18
CA ILE H 7 -6.75 19.70 3.92
C ILE H 7 -6.39 19.29 5.33
N LYS H 8 -7.15 19.79 6.31
CA LYS H 8 -6.82 19.56 7.71
C LYS H 8 -8.09 19.45 8.55
N ILE H 9 -8.06 18.57 9.55
CA ILE H 9 -9.24 18.16 10.32
C ILE H 9 -8.95 18.38 11.80
N PHE H 10 -10.02 18.54 12.60
CA PHE H 10 -9.94 18.73 14.06
C PHE H 10 -11.00 17.86 14.73
N GLU H 11 -10.62 17.16 15.80
CA GLU H 11 -11.57 16.27 16.48
C GLU H 11 -12.74 17.06 17.06
N GLU H 12 -12.48 17.91 18.06
CA GLU H 12 -13.57 18.51 18.82
C GLU H 12 -14.04 19.82 18.19
N GLU H 13 -13.12 20.63 17.69
CA GLU H 13 -13.47 21.92 17.10
C GLU H 13 -14.22 21.78 15.78
N GLU H 14 -14.15 20.63 15.12
CA GLU H 14 -14.91 20.37 13.90
C GLU H 14 -14.61 21.41 12.82
N VAL H 15 -13.34 21.44 12.41
CA VAL H 15 -12.85 22.41 11.44
C VAL H 15 -12.20 21.67 10.29
N GLU H 16 -12.45 22.16 9.08
CA GLU H 16 -11.89 21.57 7.86
C GLU H 16 -11.24 22.68 7.05
N PHE H 17 -10.04 22.41 6.53
CA PHE H 17 -9.22 23.42 5.87
C PHE H 17 -9.15 23.13 4.39
N ILE H 18 -9.41 24.15 3.58
CA ILE H 18 -9.54 24.02 2.13
C ILE H 18 -8.71 25.11 1.46
N SER H 19 -7.78 24.72 0.60
CA SER H 19 -6.99 25.67 -0.18
C SER H 19 -6.31 24.94 -1.34
N VAL H 20 -6.51 25.46 -2.55
CA VAL H 20 -5.85 24.94 -3.75
C VAL H 20 -5.34 26.11 -4.58
N PRO H 21 -4.25 25.95 -5.35
CA PRO H 21 -3.85 26.99 -6.29
C PRO H 21 -4.68 26.96 -7.56
N VAL H 22 -4.52 27.93 -8.45
CA VAL H 22 -5.41 28.13 -9.58
C VAL H 22 -4.60 28.15 -10.87
N PRO H 23 -4.81 27.19 -11.77
CA PRO H 23 -4.36 27.36 -13.15
C PRO H 23 -5.29 28.30 -13.90
N GLU H 24 -4.71 29.02 -14.85
CA GLU H 24 -5.39 30.13 -15.50
C GLU H 24 -6.16 29.75 -16.76
N PHE H 25 -6.25 28.47 -17.12
CA PHE H 25 -7.06 28.11 -18.27
C PHE H 25 -8.48 28.63 -18.16
N ALA H 26 -9.06 28.55 -16.98
CA ALA H 26 -10.17 29.43 -16.65
C ALA H 26 -9.65 30.55 -15.75
N ASP H 27 -10.40 31.64 -15.68
CA ASP H 27 -9.96 32.84 -15.00
C ASP H 27 -10.79 33.18 -13.77
N SER H 28 -11.09 32.19 -12.92
CA SER H 28 -11.85 32.41 -11.71
C SER H 28 -10.95 33.04 -10.65
N ASP H 29 -11.45 33.13 -9.42
CA ASP H 29 -10.72 33.77 -8.33
C ASP H 29 -10.17 32.73 -7.36
N PRO H 30 -8.90 32.83 -6.99
CA PRO H 30 -8.35 31.94 -5.96
C PRO H 30 -9.05 32.16 -4.63
N ALA H 31 -9.17 31.08 -3.86
CA ALA H 31 -9.91 31.10 -2.62
C ALA H 31 -9.16 30.34 -1.54
N ASN H 32 -9.41 30.73 -0.29
CA ASN H 32 -8.93 30.02 0.89
C ASN H 32 -10.13 29.83 1.81
N ILE H 33 -10.62 28.61 1.90
CA ILE H 33 -11.91 28.31 2.51
C ILE H 33 -11.69 27.73 3.89
N VAL H 34 -12.45 28.24 4.86
CA VAL H 34 -12.47 27.72 6.23
C VAL H 34 -13.90 27.33 6.54
N HIS H 35 -14.18 26.02 6.54
CA HIS H 35 -15.50 25.50 6.87
C HIS H 35 -15.58 25.22 8.36
N ASP H 36 -16.20 26.14 9.10
CA ASP H 36 -16.43 25.99 10.54
C ASP H 36 -17.92 25.74 10.74
N PHE H 37 -18.30 24.47 10.83
CA PHE H 37 -19.70 24.11 10.91
C PHE H 37 -20.34 24.60 12.21
N ASN H 38 -19.56 24.59 13.30
CA ASN H 38 -20.12 24.98 14.60
C ASN H 38 -20.59 26.42 14.59
N LYS H 39 -19.81 27.32 13.98
CA LYS H 39 -20.24 28.70 13.85
C LYS H 39 -21.20 28.91 12.69
N LYS H 40 -21.49 27.86 11.92
CA LYS H 40 -22.49 27.92 10.84
C LYS H 40 -22.13 28.96 9.80
N LEU H 41 -20.83 29.12 9.54
CA LEU H 41 -20.34 30.11 8.61
C LEU H 41 -19.31 29.48 7.68
N THR H 42 -19.30 29.94 6.43
CA THR H 42 -18.33 29.53 5.44
C THR H 42 -17.69 30.79 4.85
N ALA H 43 -16.36 30.84 4.87
CA ALA H 43 -15.62 32.02 4.44
C ALA H 43 -14.80 31.69 3.22
N TYR H 44 -15.16 32.29 2.08
CA TYR H 44 -14.37 32.18 0.86
C TYR H 44 -13.46 33.40 0.76
N LEU H 45 -12.16 33.17 0.87
CA LEU H 45 -11.16 34.25 0.85
C LEU H 45 -10.81 34.51 -0.62
N ASP H 46 -11.62 35.35 -1.27
CA ASP H 46 -11.40 35.68 -2.67
C ASP H 46 -10.17 36.58 -2.78
N LEU H 47 -9.08 36.01 -3.30
CA LEU H 47 -7.79 36.68 -3.29
C LEU H 47 -7.57 37.60 -4.50
N ASN H 48 -7.94 37.14 -5.70
CA ASN H 48 -7.75 37.97 -6.89
C ASN H 48 -8.54 39.27 -6.78
N LEU H 49 -9.71 39.23 -6.15
CA LEU H 49 -10.48 40.43 -5.89
C LEU H 49 -10.13 41.05 -4.54
N ASP H 50 -9.34 40.34 -3.72
CA ASP H 50 -8.90 40.82 -2.41
C ASP H 50 -10.10 41.17 -1.53
N LYS H 51 -11.11 40.32 -1.57
CA LYS H 51 -12.31 40.50 -0.78
C LYS H 51 -12.73 39.18 -0.15
N CYS H 52 -13.41 39.26 0.98
CA CYS H 52 -13.77 38.09 1.77
C CYS H 52 -15.28 37.93 1.78
N TYR H 53 -15.75 36.72 1.47
CA TYR H 53 -17.17 36.40 1.40
C TYR H 53 -17.57 35.60 2.63
N VAL H 54 -18.66 36.01 3.27
CA VAL H 54 -19.23 35.31 4.42
C VAL H 54 -20.67 34.94 4.09
N ILE H 55 -21.00 33.67 4.27
CA ILE H 55 -22.34 33.16 3.98
C ILE H 55 -22.77 32.24 5.11
N PRO H 56 -24.07 31.96 5.22
CA PRO H 56 -24.53 30.94 6.18
C PRO H 56 -23.96 29.56 5.84
N LEU H 57 -24.33 28.59 6.67
CA LEU H 57 -23.77 27.25 6.55
C LEU H 57 -23.89 26.71 5.14
N ASN H 58 -22.75 26.53 4.48
CA ASN H 58 -22.70 25.99 3.12
C ASN H 58 -23.02 24.51 3.18
N THR H 59 -24.26 24.15 2.85
CA THR H 59 -24.73 22.78 2.97
C THR H 59 -24.67 22.02 1.65
N SER H 60 -24.06 22.59 0.63
CA SER H 60 -24.01 21.94 -0.68
C SER H 60 -22.61 21.47 -1.06
N ILE H 61 -21.60 22.33 -0.96
CA ILE H 61 -20.25 21.96 -1.38
C ILE H 61 -19.67 20.88 -0.47
N VAL H 62 -19.76 21.10 0.84
CA VAL H 62 -19.22 20.15 1.81
C VAL H 62 -20.34 19.32 2.38
N MET H 63 -20.03 18.07 2.73
CA MET H 63 -21.04 17.17 3.28
C MET H 63 -21.30 17.53 4.74
N PRO H 64 -22.52 17.93 5.09
CA PRO H 64 -22.82 18.40 6.46
C PRO H 64 -23.33 17.28 7.37
N PRO H 65 -22.45 16.52 8.01
CA PRO H 65 -22.94 15.43 8.87
C PRO H 65 -23.51 15.98 10.17
N ARG H 66 -23.86 15.09 11.09
CA ARG H 66 -24.33 15.51 12.39
C ARG H 66 -23.20 16.08 13.25
N ASN H 67 -22.05 15.43 13.28
CA ASN H 67 -20.85 16.03 13.88
C ASN H 67 -19.65 15.48 13.14
N LEU H 68 -18.47 16.04 13.45
CA LEU H 68 -17.27 15.60 12.77
C LEU H 68 -16.80 14.23 13.24
N LEU H 69 -17.49 13.63 14.22
CA LEU H 69 -17.32 12.21 14.48
C LEU H 69 -17.50 11.40 13.20
N GLU H 70 -18.15 11.99 12.20
CA GLU H 70 -18.31 11.41 10.88
C GLU H 70 -17.02 11.33 10.08
N LEU H 71 -16.09 12.27 10.27
CA LEU H 71 -15.04 12.49 9.28
C LEU H 71 -13.68 11.92 9.66
N LEU H 72 -13.45 11.60 10.93
CA LEU H 72 -12.14 11.16 11.39
C LEU H 72 -12.01 9.64 11.55
N ILE H 73 -12.91 8.85 10.97
CA ILE H 73 -12.78 7.40 10.91
C ILE H 73 -12.67 6.90 9.48
N ASN H 74 -12.95 7.77 8.50
CA ASN H 74 -12.91 7.42 7.09
C ASN H 74 -11.51 7.28 6.53
N ILE H 75 -10.47 7.67 7.29
CA ILE H 75 -9.12 7.72 6.74
C ILE H 75 -8.65 6.34 6.30
N LYS H 76 -8.86 5.33 7.15
CA LYS H 76 -8.42 3.98 6.80
C LYS H 76 -9.23 3.43 5.63
N ALA H 77 -10.52 3.74 5.58
CA ALA H 77 -11.40 3.20 4.55
C ALA H 77 -11.01 3.62 3.14
N GLY H 78 -10.49 4.83 2.96
CA GLY H 78 -10.09 5.28 1.64
C GLY H 78 -11.23 5.68 0.72
N THR H 79 -12.45 5.76 1.24
CA THR H 79 -13.59 6.15 0.40
C THR H 79 -13.61 7.65 0.16
N TYR H 80 -12.87 8.42 0.97
CA TYR H 80 -12.84 9.88 0.84
C TYR H 80 -11.94 10.23 -0.35
N LEU H 81 -12.58 10.73 -1.40
CA LEU H 81 -11.88 11.09 -2.63
C LEU H 81 -12.02 12.58 -2.93
N MET H 91 -28.25 32.71 -5.21
CA MET H 91 -28.62 32.06 -6.46
C MET H 91 -30.05 32.44 -6.85
N VAL H 92 -30.19 33.24 -7.91
CA VAL H 92 -31.48 33.74 -8.34
C VAL H 92 -31.87 33.03 -9.63
N ILE H 93 -33.08 32.47 -9.66
CA ILE H 93 -33.59 31.77 -10.85
C ILE H 93 -33.99 32.78 -11.90
N THR H 94 -33.43 32.65 -13.10
CA THR H 94 -33.73 33.60 -14.17
C THR H 94 -34.82 33.07 -15.10
N ASP H 95 -34.58 31.93 -15.76
CA ASP H 95 -35.48 31.42 -16.77
C ASP H 95 -35.67 29.92 -16.59
N ARG H 96 -36.85 29.44 -16.96
CA ARG H 96 -37.13 28.01 -16.99
C ARG H 96 -36.91 27.47 -18.39
N ILE H 97 -36.00 26.51 -18.51
CA ILE H 97 -35.74 25.83 -19.78
C ILE H 97 -36.43 24.48 -19.70
N GLU H 98 -37.68 24.43 -20.18
CA GLU H 98 -38.46 23.20 -20.07
C GLU H 98 -37.85 22.07 -20.90
N ASN H 99 -37.41 22.37 -22.12
CA ASN H 99 -36.78 21.39 -23.00
C ASN H 99 -35.27 21.56 -22.89
N ILE H 100 -34.58 20.47 -22.54
CA ILE H 100 -33.19 20.53 -22.13
C ILE H 100 -32.28 19.79 -23.11
N ASP H 101 -32.70 19.62 -24.36
CA ASP H 101 -31.86 18.93 -25.33
C ASP H 101 -30.62 19.73 -25.68
N HIS H 102 -30.68 21.06 -25.58
CA HIS H 102 -29.56 21.92 -25.93
C HIS H 102 -28.54 22.07 -24.82
N LEU H 103 -28.82 21.55 -23.63
CA LEU H 103 -27.88 21.66 -22.51
C LEU H 103 -26.77 20.64 -22.57
N GLY H 104 -26.82 19.70 -23.50
CA GLY H 104 -25.86 18.61 -23.55
C GLY H 104 -26.52 17.29 -23.20
N PHE H 105 -26.11 16.24 -23.92
CA PHE H 105 -26.77 14.95 -23.78
C PHE H 105 -26.63 14.41 -22.35
N PHE H 106 -25.43 14.53 -21.78
CA PHE H 106 -25.23 14.15 -20.38
C PHE H 106 -26.15 14.95 -19.47
N ILE H 107 -26.16 16.27 -19.63
CA ILE H 107 -27.03 17.13 -18.82
C ILE H 107 -28.49 16.84 -19.13
N TYR H 108 -28.80 16.55 -20.40
CA TYR H 108 -30.19 16.25 -20.78
C TYR H 108 -30.69 15.02 -20.04
N ARG H 109 -29.88 13.96 -20.00
CA ARG H 109 -30.31 12.76 -19.27
C ARG H 109 -30.30 12.99 -17.77
N LEU H 110 -29.33 13.77 -17.27
CA LEU H 110 -29.25 14.05 -15.84
C LEU H 110 -30.49 14.77 -15.34
N CYS H 111 -30.96 15.76 -16.11
CA CYS H 111 -32.11 16.56 -15.74
C CYS H 111 -33.38 16.15 -16.48
N HIS H 112 -33.40 14.96 -17.05
CA HIS H 112 -34.55 14.53 -17.85
C HIS H 112 -35.80 14.40 -16.98
N ASP H 113 -36.93 14.87 -17.51
CA ASP H 113 -38.20 14.92 -16.80
C ASP H 113 -38.13 15.77 -15.54
N LYS H 114 -37.18 16.69 -15.46
CA LYS H 114 -37.03 17.57 -14.32
C LYS H 114 -37.24 19.01 -14.76
N GLU H 115 -37.74 19.83 -13.83
CA GLU H 115 -38.00 21.23 -14.12
C GLU H 115 -36.70 22.01 -14.06
N THR H 116 -36.14 22.31 -15.22
CA THR H 116 -34.82 22.91 -15.33
C THR H 116 -34.91 24.43 -15.35
N TYR H 117 -34.01 25.07 -14.60
CA TYR H 117 -33.95 26.52 -14.51
C TYR H 117 -32.51 26.98 -14.66
N LYS H 118 -32.33 28.15 -15.27
CA LYS H 118 -31.01 28.72 -15.47
C LYS H 118 -30.76 29.87 -14.49
N LEU H 119 -29.56 29.88 -13.93
CA LEU H 119 -29.15 30.97 -13.03
C LEU H 119 -28.20 31.92 -13.75
N GLN I 1 0.55 44.06 -5.20
CA GLN I 1 0.79 44.40 -3.81
C GLN I 1 2.29 44.50 -3.49
N THR I 2 2.60 44.91 -2.26
CA THR I 2 3.97 45.16 -1.83
C THR I 2 4.55 43.88 -1.23
N ILE I 3 5.76 43.54 -1.64
CA ILE I 3 6.35 42.24 -1.37
C ILE I 3 7.74 42.45 -0.78
N GLU I 4 7.95 41.96 0.44
CA GLU I 4 9.27 41.95 1.07
C GLU I 4 9.55 40.56 1.60
N GLU I 5 10.71 40.01 1.21
CA GLU I 5 11.18 38.74 1.78
C GLU I 5 12.15 39.06 2.92
N ASN I 6 11.62 39.13 4.14
CA ASN I 6 12.39 39.54 5.30
C ASN I 6 13.12 38.33 5.88
N ILE I 7 14.45 38.43 5.96
CA ILE I 7 15.29 37.39 6.56
C ILE I 7 15.93 37.97 7.81
N LYS I 8 15.78 37.27 8.94
CA LYS I 8 16.33 37.71 10.20
C LYS I 8 17.35 36.69 10.69
N ILE I 9 18.54 37.16 11.07
CA ILE I 9 19.65 36.31 11.49
C ILE I 9 20.20 36.85 12.78
N PHE I 10 20.32 35.97 13.79
CA PHE I 10 21.05 36.28 15.02
C PHE I 10 22.30 35.40 15.04
N GLU I 11 23.46 36.03 15.11
CA GLU I 11 24.73 35.34 14.84
C GLU I 11 25.00 34.23 15.84
N GLU I 12 24.81 34.51 17.14
CA GLU I 12 25.27 33.58 18.16
C GLU I 12 24.39 32.33 18.23
N GLU I 13 23.09 32.48 18.03
CA GLU I 13 22.14 31.39 18.25
C GLU I 13 22.03 30.44 17.06
N GLU I 14 22.68 30.75 15.94
CA GLU I 14 22.64 29.90 14.74
C GLU I 14 21.20 29.66 14.29
N VAL I 15 20.38 30.71 14.33
CA VAL I 15 18.98 30.62 13.96
C VAL I 15 18.67 31.70 12.94
N GLU I 16 17.92 31.34 11.90
CA GLU I 16 17.52 32.25 10.84
C GLU I 16 16.00 32.32 10.80
N PHE I 17 15.46 33.53 10.62
CA PHE I 17 14.02 33.77 10.61
C PHE I 17 13.65 34.45 9.30
N ILE I 18 12.64 33.91 8.62
CA ILE I 18 12.12 34.46 7.37
C ILE I 18 10.60 34.45 7.43
N SER I 19 9.97 35.51 6.90
CA SER I 19 8.52 35.66 6.92
C SER I 19 8.04 35.92 5.49
N VAL I 20 6.82 35.48 5.20
CA VAL I 20 6.20 35.70 3.89
C VAL I 20 4.78 36.20 4.10
N PRO I 21 4.36 37.26 3.42
CA PRO I 21 3.01 37.80 3.62
C PRO I 21 1.99 37.05 2.77
N VAL I 22 0.74 37.50 2.87
CA VAL I 22 -0.38 36.85 2.18
C VAL I 22 -0.44 37.33 0.73
N PRO I 23 -0.46 36.41 -0.24
CA PRO I 23 -0.61 36.81 -1.64
C PRO I 23 -2.09 37.04 -1.96
N GLU I 24 -2.33 37.41 -3.21
CA GLU I 24 -3.68 37.63 -3.70
C GLU I 24 -3.96 36.93 -5.04
N PHE I 25 -3.19 35.90 -5.40
CA PHE I 25 -3.42 35.21 -6.65
C PHE I 25 -3.36 33.70 -6.56
N ALA I 26 -2.67 33.14 -5.56
CA ALA I 26 -2.52 31.70 -5.44
C ALA I 26 -2.74 31.23 -4.01
N ASP I 27 -2.36 29.98 -3.76
CA ASP I 27 -2.77 29.23 -2.57
C ASP I 27 -2.01 29.57 -1.30
N SER I 28 -0.90 30.31 -1.35
CA SER I 28 -0.10 30.46 -0.15
C SER I 28 -0.76 31.44 0.81
N ASP I 29 -0.32 31.42 2.06
CA ASP I 29 -0.87 32.18 3.17
C ASP I 29 0.24 32.95 3.86
N PRO I 30 -0.07 33.78 4.86
CA PRO I 30 0.99 34.33 5.70
C PRO I 30 1.80 33.21 6.34
N ALA I 31 3.12 33.26 6.12
CA ALA I 31 4.01 32.17 6.49
C ALA I 31 5.26 32.70 7.16
N ASN I 32 5.87 31.86 8.00
CA ASN I 32 7.13 32.17 8.68
C ASN I 32 8.08 31.01 8.47
N ILE I 33 9.30 31.31 8.02
CA ILE I 33 10.33 30.31 7.76
C ILE I 33 11.44 30.49 8.78
N VAL I 34 11.75 29.44 9.52
CA VAL I 34 12.78 29.46 10.54
C VAL I 34 13.84 28.44 10.17
N HIS I 35 15.06 28.90 9.89
CA HIS I 35 16.18 28.02 9.59
C HIS I 35 17.13 28.02 10.78
N ASP I 36 17.47 26.82 11.24
CA ASP I 36 18.34 26.64 12.40
C ASP I 36 19.55 25.83 11.94
N PHE I 37 20.65 26.52 11.62
CA PHE I 37 21.83 25.82 11.11
C PHE I 37 22.45 24.94 12.20
N ASN I 38 22.34 25.34 13.46
CA ASN I 38 22.76 24.46 14.55
C ASN I 38 21.88 23.21 14.60
N LYS I 39 20.56 23.40 14.57
CA LYS I 39 19.62 22.29 14.57
C LYS I 39 19.43 21.69 13.20
N LYS I 40 19.98 22.31 12.15
CA LYS I 40 19.94 21.76 10.80
C LYS I 40 18.51 21.38 10.41
N LEU I 41 17.57 22.26 10.76
CA LEU I 41 16.16 21.99 10.58
C LEU I 41 15.45 23.27 10.18
N THR I 42 14.31 23.12 9.53
CA THR I 42 13.46 24.26 9.16
C THR I 42 12.02 23.96 9.55
N ALA I 43 11.37 24.92 10.19
CA ALA I 43 9.98 24.80 10.58
C ALA I 43 9.18 25.90 9.90
N TYR I 44 8.04 25.54 9.32
CA TYR I 44 7.17 26.48 8.61
C TYR I 44 5.91 26.67 9.42
N LEU I 45 5.65 27.91 9.84
CA LEU I 45 4.40 28.25 10.53
C LEU I 45 3.56 29.09 9.57
N ASP I 46 2.46 28.51 9.10
CA ASP I 46 1.47 29.30 8.39
C ASP I 46 0.82 30.25 9.38
N LEU I 47 0.27 31.36 8.89
CA LEU I 47 -0.44 32.22 9.82
C LEU I 47 -1.91 32.38 9.48
N ASN I 48 -2.31 32.04 8.26
CA ASN I 48 -3.71 31.71 8.05
C ASN I 48 -4.06 30.41 8.75
N LEU I 49 -3.11 29.47 8.79
CA LEU I 49 -3.31 28.19 9.44
C LEU I 49 -2.79 28.14 10.88
N ASP I 50 -1.72 28.89 11.19
CA ASP I 50 -0.98 28.71 12.43
C ASP I 50 -0.72 27.22 12.60
N LYS I 51 -0.10 26.62 11.60
CA LYS I 51 0.10 25.18 11.53
C LYS I 51 1.56 24.95 11.19
N CYS I 52 2.26 24.19 12.04
CA CYS I 52 3.72 24.17 12.02
C CYS I 52 4.21 22.80 11.60
N TYR I 53 5.23 22.77 10.75
CA TYR I 53 5.83 21.53 10.24
C TYR I 53 7.21 21.34 10.87
N VAL I 54 7.64 20.09 10.98
CA VAL I 54 9.01 19.76 11.33
C VAL I 54 9.62 18.99 10.16
N ILE I 55 10.50 19.66 9.42
CA ILE I 55 11.13 19.10 8.23
C ILE I 55 12.62 19.43 8.28
N PRO I 56 13.45 18.75 7.49
CA PRO I 56 14.87 19.09 7.44
C PRO I 56 15.10 20.55 7.08
N LEU I 57 16.32 21.01 7.34
CA LEU I 57 16.71 22.37 7.00
C LEU I 57 16.55 22.59 5.51
N ASN I 58 15.58 23.42 5.14
CA ASN I 58 15.30 23.70 3.72
C ASN I 58 16.39 24.64 3.23
N THR I 59 17.51 24.06 2.77
CA THR I 59 18.70 24.82 2.43
C THR I 59 18.61 25.47 1.05
N SER I 60 17.55 25.20 0.29
CA SER I 60 17.46 25.71 -1.07
C SER I 60 17.02 27.16 -1.15
N ILE I 61 16.24 27.65 -0.20
CA ILE I 61 15.78 29.04 -0.23
C ILE I 61 16.93 29.98 0.11
N VAL I 62 17.48 29.84 1.30
CA VAL I 62 18.63 30.66 1.70
C VAL I 62 19.90 29.98 1.23
N MET I 63 20.78 30.75 0.60
CA MET I 63 21.91 30.20 -0.13
C MET I 63 22.85 29.53 0.88
N PRO I 64 23.17 28.25 0.72
CA PRO I 64 23.76 27.44 1.83
C PRO I 64 25.21 27.78 2.12
N PRO I 65 25.47 28.68 3.07
CA PRO I 65 26.87 28.97 3.46
C PRO I 65 27.44 27.85 4.31
N ARG I 66 28.74 27.93 4.60
CA ARG I 66 29.38 26.90 5.41
C ARG I 66 28.68 26.75 6.75
N ASN I 67 28.35 27.87 7.38
CA ASN I 67 27.52 27.90 8.58
C ASN I 67 26.81 29.24 8.60
N LEU I 68 26.22 29.59 9.73
CA LEU I 68 25.65 30.93 9.87
C LEU I 68 26.73 32.00 9.81
N LEU I 69 27.94 31.68 10.29
CA LEU I 69 29.03 32.64 10.22
C LEU I 69 29.34 33.01 8.78
N GLU I 70 29.44 32.02 7.90
CA GLU I 70 29.60 32.30 6.47
C GLU I 70 28.38 33.03 5.90
N LEU I 71 27.20 32.79 6.46
CA LEU I 71 26.02 33.58 6.11
C LEU I 71 26.12 35.01 6.59
N LEU I 72 27.05 35.29 7.51
CA LEU I 72 27.24 36.62 8.06
C LEU I 72 28.56 37.25 7.69
N ILE I 73 29.52 36.48 7.17
CA ILE I 73 30.78 37.04 6.72
C ILE I 73 30.57 37.93 5.50
N ASN I 74 29.70 37.48 4.58
CA ASN I 74 29.60 38.07 3.25
C ASN I 74 28.31 38.84 3.01
N ILE I 75 27.67 39.36 4.06
CA ILE I 75 26.47 40.17 3.86
C ILE I 75 26.84 41.53 3.25
N LYS I 76 27.97 42.09 3.66
CA LYS I 76 28.36 43.43 3.24
C LYS I 76 28.80 43.51 1.78
N ALA I 77 28.64 42.45 1.00
CA ALA I 77 28.99 42.46 -0.41
C ALA I 77 27.93 43.13 -1.28
N GLY I 78 26.75 43.44 -0.72
CA GLY I 78 25.72 44.13 -1.47
C GLY I 78 24.98 43.28 -2.48
N THR I 79 25.14 41.97 -2.45
CA THR I 79 24.50 41.08 -3.42
C THR I 79 23.45 40.18 -2.77
N TYR I 80 23.24 40.34 -1.47
CA TYR I 80 22.29 39.50 -0.73
C TYR I 80 20.86 39.86 -1.14
N LEU I 81 20.46 39.30 -2.27
CA LEU I 81 19.12 39.53 -2.79
C LEU I 81 18.28 38.25 -2.72
N MET I 91 9.74 15.43 -3.41
CA MET I 91 10.12 14.78 -4.67
C MET I 91 9.92 13.27 -4.60
N VAL I 92 8.80 12.80 -5.12
CA VAL I 92 8.47 11.37 -5.09
C VAL I 92 8.35 10.86 -6.51
N ILE I 93 9.02 9.74 -6.80
CA ILE I 93 8.97 9.12 -8.13
C ILE I 93 7.61 8.45 -8.28
N THR I 94 6.72 9.10 -9.04
CA THR I 94 5.35 8.59 -9.20
C THR I 94 5.05 8.17 -10.63
N ASP I 95 5.22 9.07 -11.58
CA ASP I 95 4.94 8.79 -12.99
C ASP I 95 5.83 9.63 -13.88
N ARG I 96 6.36 9.00 -14.93
CA ARG I 96 7.21 9.69 -15.89
C ARG I 96 6.36 10.52 -16.86
N ILE I 97 6.78 11.76 -17.09
CA ILE I 97 6.30 12.50 -18.26
C ILE I 97 7.13 12.02 -19.44
N GLU I 98 6.55 11.13 -20.24
CA GLU I 98 7.34 10.30 -21.15
C GLU I 98 8.07 11.15 -22.18
N ASN I 99 7.42 12.16 -22.72
CA ASN I 99 8.06 13.05 -23.67
C ASN I 99 8.71 14.19 -22.91
N ILE I 100 9.85 14.66 -23.42
CA ILE I 100 10.60 15.74 -22.79
C ILE I 100 10.32 17.08 -23.44
N ASP I 101 9.86 17.10 -24.68
CA ASP I 101 9.92 18.30 -25.51
C ASP I 101 8.67 19.18 -25.42
N HIS I 102 7.61 18.70 -24.76
CA HIS I 102 6.35 19.44 -24.75
C HIS I 102 6.19 20.33 -23.51
N LEU I 103 7.23 20.47 -22.70
CA LEU I 103 7.14 21.23 -21.46
C LEU I 103 7.33 22.74 -21.65
N GLY I 104 7.59 23.19 -22.87
CA GLY I 104 7.78 24.60 -23.14
C GLY I 104 9.12 24.90 -23.80
N PHE I 105 9.11 25.79 -24.80
CA PHE I 105 10.32 26.05 -25.57
C PHE I 105 11.43 26.63 -24.70
N PHE I 106 11.10 27.60 -23.83
CA PHE I 106 12.07 28.09 -22.87
C PHE I 106 12.46 27.01 -21.87
N ILE I 107 11.49 26.24 -21.39
CA ILE I 107 11.80 25.09 -20.55
C ILE I 107 12.57 24.06 -21.35
N TYR I 108 12.30 23.96 -22.65
CA TYR I 108 13.06 23.05 -23.51
C TYR I 108 14.53 23.44 -23.55
N ARG I 109 14.82 24.75 -23.64
CA ARG I 109 16.21 25.19 -23.65
C ARG I 109 16.86 25.02 -22.29
N LEU I 110 16.18 25.45 -21.22
CA LEU I 110 16.78 25.38 -19.89
C LEU I 110 16.99 23.95 -19.44
N CYS I 111 15.96 23.12 -19.50
CA CYS I 111 15.97 21.78 -18.95
C CYS I 111 16.44 20.74 -19.95
N HIS I 112 17.21 21.13 -20.96
CA HIS I 112 17.80 20.15 -21.86
C HIS I 112 18.95 19.44 -21.15
N ASP I 113 19.23 18.21 -21.58
CA ASP I 113 20.07 17.23 -20.90
C ASP I 113 19.43 16.72 -19.61
N LYS I 114 18.13 16.97 -19.42
CA LYS I 114 17.42 16.59 -18.19
C LYS I 114 16.11 15.90 -18.54
N GLU I 115 15.97 14.65 -18.10
CA GLU I 115 14.72 13.90 -18.24
C GLU I 115 13.72 14.42 -17.22
N THR I 116 12.44 14.05 -17.37
CA THR I 116 11.36 14.71 -16.65
C THR I 116 10.51 13.70 -15.88
N TYR I 117 10.87 13.45 -14.61
CA TYR I 117 10.00 12.75 -13.69
C TYR I 117 8.99 13.71 -13.10
N LYS I 118 7.70 13.36 -13.18
CA LYS I 118 6.64 14.19 -12.64
C LYS I 118 6.40 13.88 -11.17
N LEU I 119 6.24 14.95 -10.39
CA LEU I 119 5.89 14.81 -8.97
C LEU I 119 4.43 15.17 -8.74
N GLN J 1 20.67 -11.29 -8.24
CA GLN J 1 21.13 -11.06 -6.87
C GLN J 1 20.75 -9.66 -6.40
N THR J 2 19.60 -9.58 -5.75
CA THR J 2 19.12 -8.35 -5.14
C THR J 2 19.87 -8.11 -3.83
N ILE J 3 19.66 -6.94 -3.24
CA ILE J 3 20.43 -6.49 -2.09
C ILE J 3 19.61 -6.78 -0.83
N GLU J 4 20.22 -7.49 0.12
CA GLU J 4 19.63 -7.76 1.42
C GLU J 4 20.42 -6.99 2.47
N GLU J 5 19.89 -5.85 2.89
CA GLU J 5 20.54 -5.04 3.92
C GLU J 5 19.90 -5.35 5.27
N ASN J 6 20.69 -5.90 6.19
CA ASN J 6 20.19 -6.36 7.49
C ASN J 6 20.22 -5.18 8.46
N ILE J 7 19.22 -4.32 8.40
CA ILE J 7 19.13 -3.11 9.19
C ILE J 7 18.26 -3.36 10.41
N LYS J 8 18.72 -2.89 11.58
CA LYS J 8 17.98 -3.07 12.81
C LYS J 8 18.20 -1.89 13.75
N ILE J 9 17.12 -1.19 14.08
CA ILE J 9 17.17 0.11 14.75
C ILE J 9 16.52 0.00 16.12
N PHE J 10 17.12 0.64 17.12
CA PHE J 10 16.79 0.43 18.54
C PHE J 10 16.22 1.73 19.13
N GLU J 11 15.20 1.59 19.99
CA GLU J 11 14.61 2.77 20.63
C GLU J 11 15.61 3.49 21.54
N GLU J 12 16.10 2.80 22.57
CA GLU J 12 16.71 3.50 23.69
C GLU J 12 18.24 3.41 23.67
N GLU J 13 18.80 2.40 23.02
CA GLU J 13 20.25 2.18 23.09
C GLU J 13 20.99 2.65 21.84
N GLU J 14 20.30 2.76 20.70
CA GLU J 14 20.84 3.38 19.48
C GLU J 14 22.08 2.66 18.96
N VAL J 15 21.88 1.43 18.50
CA VAL J 15 22.94 0.68 17.83
C VAL J 15 22.42 0.17 16.49
N GLU J 16 23.27 0.24 15.46
CA GLU J 16 22.91 -0.11 14.09
C GLU J 16 23.90 -1.14 13.54
N PHE J 17 23.36 -2.18 12.91
CA PHE J 17 24.14 -3.22 12.25
C PHE J 17 23.55 -3.49 10.87
N ILE J 18 24.39 -3.99 9.97
CA ILE J 18 24.00 -4.23 8.57
C ILE J 18 24.75 -5.45 8.05
N SER J 19 24.09 -6.23 7.20
CA SER J 19 24.70 -7.35 6.48
C SER J 19 24.35 -7.20 5.00
N VAL J 20 25.21 -7.75 4.14
CA VAL J 20 25.11 -7.55 2.69
C VAL J 20 25.21 -8.87 1.96
N PRO J 21 24.73 -8.98 0.70
CA PRO J 21 25.00 -10.17 -0.12
C PRO J 21 26.43 -10.22 -0.66
N VAL J 22 26.72 -11.19 -1.51
CA VAL J 22 28.08 -11.49 -1.96
C VAL J 22 28.31 -10.78 -3.29
N PRO J 23 29.50 -10.28 -3.57
CA PRO J 23 29.76 -9.60 -4.84
C PRO J 23 29.65 -10.53 -6.03
N GLU J 24 29.30 -9.95 -7.18
CA GLU J 24 29.21 -10.73 -8.41
C GLU J 24 30.44 -10.59 -9.29
N PHE J 25 30.76 -9.38 -9.76
CA PHE J 25 32.04 -9.20 -10.44
C PHE J 25 33.14 -8.77 -9.50
N ALA J 26 32.81 -8.43 -8.27
CA ALA J 26 33.75 -7.69 -7.45
C ALA J 26 34.58 -8.63 -6.57
N ASP J 27 35.82 -8.21 -6.32
CA ASP J 27 36.74 -8.88 -5.42
C ASP J 27 37.10 -8.02 -4.23
N SER J 28 36.29 -7.01 -3.92
CA SER J 28 36.57 -6.08 -2.83
C SER J 28 36.20 -6.73 -1.50
N ASP J 29 36.17 -5.92 -0.45
CA ASP J 29 35.99 -6.46 0.89
C ASP J 29 34.64 -6.06 1.46
N PRO J 30 33.71 -7.01 1.60
CA PRO J 30 32.45 -6.71 2.27
C PRO J 30 32.67 -6.47 3.76
N ALA J 31 31.74 -5.72 4.35
CA ALA J 31 31.87 -5.33 5.75
C ALA J 31 30.56 -5.57 6.48
N ASN J 32 30.69 -5.93 7.77
CA ASN J 32 29.57 -6.01 8.69
C ASN J 32 29.82 -4.97 9.77
N ILE J 33 29.36 -3.74 9.53
CA ILE J 33 29.77 -2.57 10.29
C ILE J 33 28.88 -2.41 11.50
N VAL J 34 29.50 -2.20 12.66
CA VAL J 34 28.82 -1.88 13.90
C VAL J 34 28.72 -0.36 13.98
N HIS J 35 27.53 0.17 13.73
CA HIS J 35 27.31 1.62 13.76
C HIS J 35 26.78 2.00 15.14
N ASP J 36 27.68 2.25 16.07
CA ASP J 36 27.35 2.63 17.44
C ASP J 36 27.78 4.08 17.63
N PHE J 37 26.83 5.00 17.45
CA PHE J 37 27.15 6.42 17.53
C PHE J 37 27.49 6.83 18.95
N ASN J 38 26.92 6.14 19.94
CA ASN J 38 27.20 6.47 21.34
C ASN J 38 28.66 6.26 21.68
N LYS J 39 29.23 5.14 21.24
CA LYS J 39 30.66 4.89 21.45
C LYS J 39 31.55 5.78 20.60
N LYS J 40 30.97 6.50 19.63
CA LYS J 40 31.70 7.45 18.80
C LYS J 40 32.82 6.77 18.02
N LEU J 41 32.62 5.49 17.71
CA LEU J 41 33.59 4.71 16.96
C LEU J 41 32.85 3.86 15.93
N THR J 42 33.55 3.56 14.84
CA THR J 42 33.01 2.75 13.75
C THR J 42 34.00 1.64 13.43
N ALA J 43 33.49 0.41 13.36
CA ALA J 43 34.32 -0.77 13.14
C ALA J 43 33.97 -1.38 11.79
N TYR J 44 34.90 -1.30 10.84
CA TYR J 44 34.76 -1.98 9.56
C TYR J 44 35.46 -3.33 9.64
N LEU J 45 34.69 -4.40 9.44
CA LEU J 45 35.20 -5.77 9.47
C LEU J 45 35.41 -6.21 8.02
N ASP J 46 36.67 -6.32 7.62
CA ASP J 46 37.01 -6.85 6.31
C ASP J 46 36.62 -8.33 6.28
N LEU J 47 35.47 -8.63 5.67
CA LEU J 47 34.96 -10.00 5.69
C LEU J 47 35.74 -10.93 4.79
N ASN J 48 36.16 -10.47 3.61
CA ASN J 48 36.89 -11.32 2.69
C ASN J 48 38.22 -11.80 3.27
N LEU J 49 38.96 -10.89 3.91
CA LEU J 49 40.29 -11.22 4.40
C LEU J 49 40.30 -11.53 5.90
N ASP J 50 39.16 -11.36 6.58
CA ASP J 50 39.06 -11.52 8.03
C ASP J 50 39.94 -10.53 8.77
N LYS J 51 39.66 -9.24 8.55
CA LYS J 51 40.30 -8.15 9.25
C LYS J 51 39.23 -7.20 9.77
N CYS J 52 39.52 -6.56 10.90
CA CYS J 52 38.65 -5.52 11.44
C CYS J 52 39.41 -4.20 11.44
N TYR J 53 38.70 -3.11 11.22
CA TYR J 53 39.28 -1.78 11.20
C TYR J 53 38.53 -0.89 12.18
N VAL J 54 39.26 -0.26 13.09
CA VAL J 54 38.68 0.59 14.13
C VAL J 54 39.10 2.02 13.85
N ILE J 55 38.11 2.89 13.64
CA ILE J 55 38.35 4.30 13.32
C ILE J 55 37.40 5.14 14.17
N PRO J 56 37.68 6.44 14.30
CA PRO J 56 36.68 7.36 14.87
C PRO J 56 35.37 7.29 14.11
N LEU J 57 34.32 7.81 14.73
CA LEU J 57 32.98 7.65 14.20
C LEU J 57 32.87 8.19 12.79
N ASN J 58 32.68 7.28 11.83
CA ASN J 58 32.56 7.66 10.43
C ASN J 58 31.20 8.28 10.20
N THR J 59 31.13 9.61 10.27
CA THR J 59 29.88 10.34 10.13
C THR J 59 29.64 10.83 8.70
N SER J 60 30.51 10.48 7.76
CA SER J 60 30.30 10.88 6.37
C SER J 60 29.32 9.98 5.63
N ILE J 61 29.48 8.66 5.77
CA ILE J 61 28.57 7.72 5.12
C ILE J 61 27.19 7.79 5.73
N VAL J 62 27.12 7.72 7.06
CA VAL J 62 25.86 7.64 7.78
C VAL J 62 25.32 9.04 8.03
N MET J 63 24.01 9.13 8.23
CA MET J 63 23.37 10.41 8.52
C MET J 63 23.73 10.85 9.94
N PRO J 64 24.39 12.00 10.10
CA PRO J 64 24.83 12.44 11.45
C PRO J 64 23.77 13.24 12.18
N PRO J 65 22.84 12.57 12.87
CA PRO J 65 21.73 13.29 13.52
C PRO J 65 22.23 14.03 14.74
N ARG J 66 21.32 14.49 15.61
CA ARG J 66 21.69 14.67 17.00
C ARG J 66 21.78 13.33 17.72
N ASN J 67 20.75 12.50 17.65
CA ASN J 67 20.79 11.15 18.21
C ASN J 67 19.87 10.28 17.38
N LEU J 68 19.66 9.05 17.84
CA LEU J 68 18.78 8.16 17.09
C LEU J 68 17.31 8.49 17.30
N LEU J 69 16.97 9.34 18.28
CA LEU J 69 15.61 9.87 18.33
C LEU J 69 15.29 10.61 17.04
N GLU J 70 16.31 11.11 16.36
CA GLU J 70 16.19 11.62 15.00
C GLU J 70 15.97 10.53 13.97
N LEU J 71 16.17 9.26 14.34
CA LEU J 71 16.22 8.17 13.39
C LEU J 71 15.12 7.12 13.60
N LEU J 72 14.19 7.35 14.50
CA LEU J 72 13.24 6.31 14.89
C LEU J 72 11.80 6.64 14.54
N ILE J 73 11.55 7.70 13.78
CA ILE J 73 10.21 8.06 13.32
C ILE J 73 10.16 8.22 11.81
N ASN J 74 11.32 8.16 11.15
CA ASN J 74 11.42 8.36 9.70
C ASN J 74 10.77 7.27 8.87
N ILE J 75 10.49 6.09 9.46
CA ILE J 75 10.11 4.93 8.66
C ILE J 75 8.75 5.12 8.01
N LYS J 76 7.78 5.64 8.76
CA LYS J 76 6.41 5.74 8.24
C LYS J 76 6.34 6.74 7.08
N ALA J 77 7.14 7.80 7.15
CA ALA J 77 7.16 8.82 6.11
C ALA J 77 7.61 8.29 4.76
N GLY J 78 8.38 7.20 4.73
CA GLY J 78 8.82 6.62 3.48
C GLY J 78 9.93 7.35 2.76
N THR J 79 10.54 8.35 3.40
CA THR J 79 11.63 9.08 2.76
C THR J 79 12.92 8.27 2.80
N TYR J 80 13.11 7.45 3.83
CA TYR J 80 14.31 6.63 3.97
C TYR J 80 14.21 5.47 2.98
N LEU J 81 14.92 5.61 1.86
CA LEU J 81 14.91 4.58 0.82
C LEU J 81 16.11 3.65 0.95
N MET J 91 41.93 9.84 4.09
CA MET J 91 41.88 10.51 2.80
C MET J 91 43.14 11.33 2.53
N VAL J 92 44.27 10.64 2.38
CA VAL J 92 45.54 11.30 2.13
C VAL J 92 45.61 11.65 0.65
N ILE J 93 45.80 12.94 0.35
CA ILE J 93 45.81 13.43 -1.02
C ILE J 93 47.04 12.90 -1.76
N THR J 94 46.82 12.33 -2.94
CA THR J 94 47.95 11.93 -3.78
C THR J 94 48.22 12.96 -4.88
N ASP J 95 47.19 13.35 -5.61
CA ASP J 95 47.35 14.27 -6.73
C ASP J 95 46.25 15.32 -6.71
N ARG J 96 46.59 16.53 -7.15
CA ARG J 96 45.62 17.61 -7.31
C ARG J 96 45.18 17.68 -8.77
N ILE J 97 43.88 17.52 -9.00
CA ILE J 97 43.31 17.57 -10.35
C ILE J 97 42.55 18.89 -10.44
N GLU J 98 43.25 19.92 -10.94
CA GLU J 98 42.59 21.22 -11.14
C GLU J 98 41.62 21.14 -12.31
N ASN J 99 42.05 20.60 -13.44
CA ASN J 99 41.20 20.46 -14.63
C ASN J 99 40.44 19.14 -14.48
N ILE J 100 39.12 19.25 -14.35
CA ILE J 100 38.28 18.12 -13.96
C ILE J 100 37.50 17.55 -15.15
N ASP J 101 37.97 17.82 -16.37
CA ASP J 101 37.25 17.31 -17.55
C ASP J 101 37.41 15.80 -17.70
N HIS J 102 38.52 15.23 -17.22
CA HIS J 102 38.77 13.81 -17.35
C HIS J 102 38.01 12.97 -16.34
N LEU J 103 37.36 13.61 -15.36
CA LEU J 103 36.53 12.90 -14.40
C LEU J 103 35.22 12.40 -14.99
N GLY J 104 34.90 12.79 -16.21
CA GLY J 104 33.60 12.55 -16.78
C GLY J 104 32.72 13.79 -16.66
N PHE J 105 31.84 13.96 -17.64
CA PHE J 105 31.02 15.17 -17.68
C PHE J 105 30.13 15.27 -16.44
N PHE J 106 29.62 14.14 -15.96
CA PHE J 106 28.83 14.14 -14.74
C PHE J 106 29.64 14.67 -13.57
N ILE J 107 30.82 14.10 -13.33
CA ILE J 107 31.65 14.55 -12.22
C ILE J 107 32.22 15.94 -12.50
N TYR J 108 32.43 16.26 -13.78
CA TYR J 108 32.90 17.60 -14.14
C TYR J 108 31.91 18.67 -13.71
N ARG J 109 30.63 18.46 -14.01
CA ARG J 109 29.62 19.43 -13.56
C ARG J 109 29.38 19.27 -12.05
N LEU J 110 29.69 18.10 -11.51
CA LEU J 110 29.57 17.88 -10.06
C LEU J 110 30.56 18.75 -9.30
N CYS J 111 31.77 18.91 -9.81
CA CYS J 111 32.84 19.62 -9.12
C CYS J 111 33.28 20.87 -9.87
N HIS J 112 32.42 21.45 -10.69
CA HIS J 112 32.81 22.61 -11.49
C HIS J 112 33.21 23.77 -10.61
N ASP J 113 34.35 24.40 -10.93
CA ASP J 113 34.99 25.43 -10.12
C ASP J 113 35.28 24.96 -8.70
N LYS J 114 35.42 23.66 -8.49
CA LYS J 114 35.78 23.10 -7.20
C LYS J 114 37.11 22.35 -7.31
N GLU J 115 37.81 22.26 -6.19
CA GLU J 115 39.14 21.67 -6.15
C GLU J 115 39.01 20.16 -6.02
N THR J 116 39.46 19.44 -7.05
CA THR J 116 39.41 17.98 -7.07
C THR J 116 40.79 17.40 -6.81
N TYR J 117 40.88 16.44 -5.90
CA TYR J 117 42.12 15.77 -5.57
C TYR J 117 41.97 14.27 -5.74
N LYS J 118 43.07 13.61 -6.07
CA LYS J 118 43.09 12.18 -6.31
C LYS J 118 43.65 11.44 -5.11
N LEU J 119 43.06 10.29 -4.80
CA LEU J 119 43.60 9.42 -3.75
C LEU J 119 44.19 8.16 -4.36
N GLN K 1 40.18 -22.96 6.07
CA GLN K 1 39.24 -22.81 7.17
C GLN K 1 38.46 -24.11 7.40
N THR K 2 37.92 -24.26 8.62
CA THR K 2 37.16 -25.43 9.00
C THR K 2 35.93 -24.99 9.78
N ILE K 3 34.75 -25.15 9.19
CA ILE K 3 33.49 -24.74 9.80
C ILE K 3 32.53 -25.93 9.74
N GLU K 4 32.06 -26.35 10.91
CA GLU K 4 31.12 -27.47 11.04
C GLU K 4 29.73 -26.91 11.29
N GLU K 5 28.77 -27.36 10.49
CA GLU K 5 27.37 -27.01 10.72
C GLU K 5 26.84 -27.86 11.88
N ASN K 6 26.86 -27.27 13.08
CA ASN K 6 26.57 -28.01 14.30
C ASN K 6 25.06 -28.18 14.45
N ILE K 7 24.60 -29.43 14.42
CA ILE K 7 23.20 -29.78 14.61
C ILE K 7 23.09 -30.66 15.84
N LYS K 8 22.25 -30.26 16.79
CA LYS K 8 22.01 -31.04 18.01
C LYS K 8 20.54 -31.41 18.07
N ILE K 9 20.26 -32.68 18.35
CA ILE K 9 18.90 -33.20 18.39
C ILE K 9 18.75 -34.03 19.66
N PHE K 10 17.69 -33.75 20.41
CA PHE K 10 17.31 -34.56 21.57
C PHE K 10 15.97 -35.23 21.25
N GLU K 11 15.95 -36.56 21.30
CA GLU K 11 14.80 -37.30 20.80
C GLU K 11 13.53 -37.02 21.59
N GLU K 12 13.62 -37.01 22.92
CA GLU K 12 12.43 -36.98 23.75
C GLU K 12 11.71 -35.64 23.68
N GLU K 13 12.47 -34.54 23.67
CA GLU K 13 11.90 -33.20 23.82
C GLU K 13 11.32 -32.65 22.52
N GLU K 14 11.50 -33.35 21.40
CA GLU K 14 10.99 -32.90 20.10
C GLU K 14 11.50 -31.51 19.75
N VAL K 15 12.77 -31.25 20.09
CA VAL K 15 13.41 -29.97 19.83
C VAL K 15 14.69 -30.23 19.05
N GLU K 16 14.87 -29.51 17.95
CA GLU K 16 16.05 -29.64 17.10
C GLU K 16 16.87 -28.36 17.20
N PHE K 17 18.19 -28.51 17.32
CA PHE K 17 19.12 -27.40 17.46
C PHE K 17 20.14 -27.45 16.32
N ILE K 18 20.28 -26.34 15.60
CA ILE K 18 21.25 -26.22 14.52
C ILE K 18 22.03 -24.93 14.70
N SER K 19 23.34 -25.00 14.49
CA SER K 19 24.23 -23.85 14.68
C SER K 19 25.07 -23.63 13.43
N VAL K 20 25.29 -22.37 13.07
CA VAL K 20 26.14 -22.01 11.94
C VAL K 20 27.03 -20.84 12.36
N PRO K 21 28.35 -21.01 12.36
CA PRO K 21 29.26 -19.94 12.80
C PRO K 21 29.57 -18.97 11.66
N VAL K 22 30.33 -17.93 12.00
CA VAL K 22 30.72 -16.89 11.06
C VAL K 22 31.91 -17.34 10.22
N PRO K 23 31.83 -17.25 8.90
CA PRO K 23 32.98 -17.55 8.05
C PRO K 23 33.98 -16.39 8.08
N GLU K 24 35.11 -16.61 7.40
CA GLU K 24 36.17 -15.62 7.33
C GLU K 24 36.39 -15.08 5.91
N PHE K 25 35.49 -15.39 4.98
CA PHE K 25 35.57 -14.85 3.63
C PHE K 25 34.22 -14.49 3.04
N ALA K 26 33.14 -14.54 3.81
CA ALA K 26 31.80 -14.36 3.28
C ALA K 26 31.03 -13.33 4.09
N ASP K 27 29.71 -13.25 3.81
CA ASP K 27 28.85 -12.17 4.25
C ASP K 27 28.20 -12.41 5.60
N SER K 28 28.22 -13.64 6.13
CA SER K 28 27.26 -14.01 7.15
C SER K 28 27.83 -13.83 8.56
N ASP K 29 27.03 -14.19 9.54
CA ASP K 29 27.26 -13.99 10.96
C ASP K 29 26.90 -15.28 11.70
N PRO K 30 27.39 -15.47 12.93
CA PRO K 30 27.04 -16.68 13.67
C PRO K 30 25.53 -16.79 13.84
N ALA K 31 25.01 -17.99 13.58
CA ALA K 31 23.57 -18.24 13.48
C ALA K 31 23.21 -19.54 14.17
N ASN K 32 21.95 -19.63 14.63
CA ASN K 32 21.45 -20.78 15.34
C ASN K 32 20.02 -21.06 14.88
N ILE K 33 19.75 -22.31 14.51
CA ILE K 33 18.44 -22.72 14.02
C ILE K 33 17.85 -23.73 15.01
N VAL K 34 16.61 -23.49 15.43
CA VAL K 34 15.93 -24.32 16.42
C VAL K 34 14.58 -24.71 15.85
N HIS K 35 14.28 -26.02 15.85
CA HIS K 35 12.99 -26.52 15.41
C HIS K 35 12.27 -27.20 16.57
N ASP K 36 10.97 -26.92 16.69
CA ASP K 36 10.12 -27.49 17.74
C ASP K 36 8.90 -28.10 17.08
N PHE K 37 8.91 -29.42 16.90
CA PHE K 37 7.86 -30.07 16.11
C PHE K 37 6.54 -30.13 16.86
N ASN K 38 6.56 -30.02 18.19
CA ASN K 38 5.32 -29.87 18.93
C ASN K 38 4.61 -28.58 18.52
N LYS K 39 5.38 -27.50 18.39
CA LYS K 39 4.84 -26.19 18.07
C LYS K 39 5.00 -25.84 16.59
N LYS K 40 5.89 -26.55 15.87
CA LYS K 40 6.13 -26.33 14.45
C LYS K 40 6.57 -24.90 14.18
N LEU K 41 7.61 -24.46 14.89
CA LEU K 41 8.17 -23.13 14.76
C LEU K 41 9.66 -23.24 14.53
N THR K 42 10.30 -22.10 14.26
CA THR K 42 11.75 -22.06 14.07
C THR K 42 12.28 -20.68 14.48
N ALA K 43 13.33 -20.67 15.30
CA ALA K 43 13.95 -19.44 15.78
C ALA K 43 15.37 -19.35 15.26
N TYR K 44 15.67 -18.25 14.55
CA TYR K 44 17.00 -18.00 14.00
C TYR K 44 17.70 -16.91 14.79
N LEU K 45 18.57 -17.32 15.71
CA LEU K 45 19.44 -16.39 16.41
C LEU K 45 20.69 -16.18 15.57
N ASP K 46 20.71 -15.10 14.81
CA ASP K 46 21.98 -14.60 14.31
C ASP K 46 22.73 -13.96 15.48
N LEU K 47 23.90 -14.49 15.78
CA LEU K 47 24.61 -14.07 16.99
C LEU K 47 25.30 -12.73 16.82
N ASN K 48 25.66 -12.32 15.61
CA ASN K 48 26.13 -10.96 15.42
C ASN K 48 24.97 -9.99 15.25
N LEU K 49 23.91 -10.42 14.57
CA LEU K 49 22.68 -9.64 14.52
C LEU K 49 21.93 -9.66 15.84
N ASP K 50 22.32 -10.56 16.76
CA ASP K 50 21.79 -10.58 18.12
C ASP K 50 20.28 -10.72 18.13
N LYS K 51 19.72 -11.25 17.05
CA LYS K 51 18.29 -11.18 16.82
C LYS K 51 17.75 -12.57 16.53
N CYS K 52 16.55 -12.87 17.04
CA CYS K 52 15.88 -14.13 16.77
C CYS K 52 14.68 -13.84 15.87
N TYR K 53 14.29 -14.84 15.09
CA TYR K 53 13.12 -14.75 14.22
C TYR K 53 12.25 -15.98 14.39
N VAL K 54 10.96 -15.77 14.70
CA VAL K 54 9.99 -16.85 14.83
C VAL K 54 9.29 -17.01 13.49
N ILE K 55 9.39 -18.20 12.90
CA ILE K 55 8.69 -18.54 11.67
C ILE K 55 8.08 -19.92 11.84
N PRO K 56 7.14 -20.30 10.97
CA PRO K 56 6.67 -21.69 10.96
C PRO K 56 7.82 -22.68 10.84
N LEU K 57 7.52 -23.94 11.12
CA LEU K 57 8.53 -24.99 11.04
C LEU K 57 9.21 -24.98 9.69
N ASN K 58 10.50 -24.64 9.69
CA ASN K 58 11.27 -24.53 8.46
C ASN K 58 11.58 -25.93 7.96
N THR K 59 11.10 -26.24 6.75
CA THR K 59 11.28 -27.55 6.15
C THR K 59 12.45 -27.59 5.16
N SER K 60 13.23 -26.51 5.10
CA SER K 60 14.26 -26.39 4.08
C SER K 60 15.65 -26.76 4.57
N ILE K 61 16.11 -26.19 5.69
CA ILE K 61 17.48 -26.44 6.15
C ILE K 61 17.66 -27.92 6.48
N VAL K 62 16.78 -28.45 7.30
CA VAL K 62 16.76 -29.88 7.59
C VAL K 62 15.81 -30.57 6.63
N MET K 63 16.10 -31.82 6.29
CA MET K 63 15.18 -32.61 5.52
C MET K 63 13.85 -32.73 6.27
N PRO K 64 12.73 -32.35 5.66
CA PRO K 64 11.53 -31.95 6.42
C PRO K 64 10.96 -33.09 7.24
N PRO K 65 11.02 -32.99 8.57
CA PRO K 65 10.45 -34.03 9.43
C PRO K 65 9.08 -33.63 9.96
N ARG K 66 8.27 -34.65 10.27
CA ARG K 66 7.08 -34.41 11.08
C ARG K 66 7.47 -34.23 12.55
N ASN K 67 8.42 -35.03 13.02
CA ASN K 67 8.97 -34.92 14.36
C ASN K 67 10.38 -35.51 14.33
N LEU K 68 11.05 -35.52 15.48
CA LEU K 68 12.38 -36.12 15.55
C LEU K 68 12.31 -37.64 15.66
N LEU K 69 11.13 -38.18 15.98
CA LEU K 69 11.00 -39.64 16.12
C LEU K 69 11.32 -40.34 14.81
N GLU K 70 10.70 -39.90 13.71
CA GLU K 70 11.00 -40.50 12.41
C GLU K 70 12.20 -39.83 11.75
N LEU K 71 12.61 -38.65 12.23
CA LEU K 71 13.78 -37.96 11.69
C LEU K 71 15.09 -38.67 12.02
N LEU K 72 15.21 -39.25 13.21
CA LEU K 72 16.46 -39.83 13.67
C LEU K 72 16.65 -41.28 13.29
N ILE K 73 15.64 -41.93 12.71
CA ILE K 73 15.75 -43.34 12.38
C ILE K 73 16.83 -43.58 11.32
N ASN K 74 16.88 -42.72 10.31
CA ASN K 74 17.76 -42.92 9.17
C ASN K 74 19.07 -42.14 9.27
N ILE K 75 19.30 -41.41 10.36
CA ILE K 75 20.53 -40.63 10.49
C ILE K 75 21.73 -41.55 10.68
N LYS K 76 21.53 -42.71 11.32
CA LYS K 76 22.63 -43.61 11.61
C LYS K 76 23.26 -44.23 10.36
N ALA K 77 22.61 -44.12 9.20
CA ALA K 77 23.14 -44.67 7.96
C ALA K 77 24.04 -43.70 7.21
N GLY K 78 24.25 -42.50 7.73
CA GLY K 78 25.05 -41.51 7.03
C GLY K 78 24.37 -40.83 5.88
N THR K 79 23.04 -40.94 5.78
CA THR K 79 22.29 -40.37 4.67
C THR K 79 22.06 -38.87 4.85
N TYR K 80 22.36 -38.35 6.04
CA TYR K 80 22.14 -36.94 6.34
C TYR K 80 23.48 -36.19 6.28
N LEU K 81 23.64 -35.43 5.20
CA LEU K 81 24.84 -34.63 5.03
C LEU K 81 24.49 -33.15 4.89
N MET K 91 9.30 -15.40 -0.69
CA MET K 91 8.38 -16.07 -1.59
C MET K 91 7.20 -15.17 -1.93
N VAL K 92 7.47 -14.07 -2.62
CA VAL K 92 6.45 -13.11 -3.00
C VAL K 92 6.43 -12.96 -4.51
N ILE K 93 5.25 -12.99 -5.11
CA ILE K 93 5.07 -12.81 -6.55
C ILE K 93 5.27 -11.31 -6.82
N THR K 94 6.45 -10.95 -7.32
CA THR K 94 6.78 -9.55 -7.54
C THR K 94 6.96 -9.22 -9.02
N ASP K 95 7.88 -9.90 -9.69
CA ASP K 95 8.14 -9.66 -11.10
C ASP K 95 8.69 -10.92 -11.75
N ARG K 96 8.07 -11.30 -12.86
CA ARG K 96 8.52 -12.44 -13.65
C ARG K 96 9.85 -12.13 -14.33
N ILE K 97 10.77 -13.09 -14.32
CA ILE K 97 11.88 -13.10 -15.25
C ILE K 97 11.37 -13.75 -16.52
N GLU K 98 10.79 -12.93 -17.41
CA GLU K 98 9.83 -13.43 -18.39
C GLU K 98 10.38 -14.60 -19.19
N ASN K 99 11.57 -14.45 -19.75
CA ASN K 99 12.25 -15.58 -20.35
C ASN K 99 13.40 -15.98 -19.44
N ILE K 100 14.00 -17.14 -19.73
CA ILE K 100 14.94 -17.76 -18.81
C ILE K 100 16.33 -17.92 -19.42
N ASP K 101 16.54 -17.41 -20.63
CA ASP K 101 17.78 -17.68 -21.35
C ASP K 101 18.98 -16.90 -20.82
N HIS K 102 18.80 -15.63 -20.43
CA HIS K 102 19.95 -14.85 -19.97
C HIS K 102 20.28 -15.13 -18.51
N LEU K 103 19.65 -16.14 -17.91
CA LEU K 103 19.90 -16.51 -16.52
C LEU K 103 21.02 -17.54 -16.36
N GLY K 104 21.55 -18.09 -17.45
CA GLY K 104 22.62 -19.06 -17.36
C GLY K 104 22.27 -20.42 -17.89
N PHE K 105 23.24 -21.12 -18.49
CA PHE K 105 22.97 -22.40 -19.13
C PHE K 105 22.57 -23.46 -18.12
N PHE K 106 23.32 -23.56 -17.01
CA PHE K 106 22.90 -24.47 -15.93
C PHE K 106 21.58 -24.02 -15.31
N ILE K 107 21.41 -22.71 -15.11
CA ILE K 107 20.13 -22.21 -14.64
C ILE K 107 19.07 -22.39 -15.73
N TYR K 108 19.47 -22.39 -17.00
CA TYR K 108 18.51 -22.72 -18.06
C TYR K 108 18.01 -24.14 -17.92
N ARG K 109 18.91 -25.09 -17.64
CA ARG K 109 18.47 -26.45 -17.35
C ARG K 109 17.57 -26.49 -16.12
N LEU K 110 17.96 -25.76 -15.07
CA LEU K 110 17.22 -25.81 -13.82
C LEU K 110 15.86 -25.10 -13.93
N CYS K 111 15.68 -24.29 -14.96
CA CYS K 111 14.55 -23.36 -15.01
C CYS K 111 13.91 -23.21 -16.39
N HIS K 112 14.11 -24.16 -17.31
CA HIS K 112 13.53 -24.03 -18.63
C HIS K 112 12.00 -24.08 -18.58
N ASP K 113 11.37 -22.93 -18.80
CA ASP K 113 9.92 -22.75 -18.76
C ASP K 113 9.31 -23.11 -17.42
N LYS K 114 10.11 -23.42 -16.42
CA LYS K 114 9.69 -23.29 -15.03
C LYS K 114 9.58 -21.81 -14.79
N GLU K 115 8.35 -21.29 -14.82
CA GLU K 115 8.15 -19.85 -15.00
C GLU K 115 8.86 -19.10 -13.88
N THR K 116 9.92 -18.39 -14.25
CA THR K 116 10.93 -17.90 -13.32
C THR K 116 10.37 -16.71 -12.54
N TYR K 117 9.72 -17.00 -11.41
CA TYR K 117 9.17 -15.98 -10.54
C TYR K 117 10.22 -15.58 -9.51
N LYS K 118 10.69 -14.34 -9.60
CA LYS K 118 11.85 -13.89 -8.84
C LYS K 118 11.46 -13.30 -7.50
N LEU K 119 12.32 -13.50 -6.51
CA LEU K 119 12.12 -12.93 -5.18
C LEU K 119 13.17 -11.87 -4.89
N GLN L 1 -17.63 -14.34 -11.59
CA GLN L 1 -17.74 -14.15 -10.14
C GLN L 1 -16.39 -13.87 -9.50
N THR L 2 -16.17 -12.61 -9.12
CA THR L 2 -15.06 -12.24 -8.27
C THR L 2 -15.26 -12.91 -6.93
N ILE L 3 -14.16 -13.29 -6.27
CA ILE L 3 -14.22 -14.14 -5.08
C ILE L 3 -14.18 -13.23 -3.86
N GLU L 4 -15.24 -13.27 -3.07
CA GLU L 4 -15.30 -12.57 -1.79
C GLU L 4 -15.43 -13.63 -0.70
N GLU L 5 -14.31 -14.21 -0.29
CA GLU L 5 -14.29 -15.19 0.79
C GLU L 5 -14.33 -14.44 2.11
N ASN L 6 -15.47 -14.48 2.78
CA ASN L 6 -15.74 -13.59 3.90
C ASN L 6 -15.26 -14.26 5.18
N ILE L 7 -14.32 -13.62 5.87
CA ILE L 7 -13.64 -14.18 7.03
C ILE L 7 -13.81 -13.24 8.21
N LYS L 8 -14.08 -13.81 9.39
CA LYS L 8 -14.27 -13.02 10.60
C LYS L 8 -13.56 -13.70 11.76
N ILE L 9 -12.93 -12.90 12.64
CA ILE L 9 -12.04 -13.40 13.68
C ILE L 9 -12.38 -12.71 15.00
N PHE L 10 -12.34 -13.49 16.09
CA PHE L 10 -12.62 -13.01 17.45
C PHE L 10 -11.35 -13.20 18.28
N GLU L 11 -11.08 -12.27 19.20
CA GLU L 11 -9.84 -12.36 19.99
C GLU L 11 -9.83 -13.61 20.87
N GLU L 12 -10.73 -13.66 21.86
CA GLU L 12 -10.63 -14.69 22.88
C GLU L 12 -11.57 -15.86 22.57
N GLU L 13 -12.62 -15.60 21.80
CA GLU L 13 -13.64 -16.60 21.48
C GLU L 13 -13.17 -17.64 20.47
N GLU L 14 -12.24 -17.29 19.58
CA GLU L 14 -11.60 -18.25 18.68
C GLU L 14 -12.63 -18.90 17.74
N VAL L 15 -13.43 -18.06 17.09
CA VAL L 15 -14.46 -18.52 16.17
C VAL L 15 -14.28 -17.79 14.84
N GLU L 16 -14.33 -18.54 13.74
CA GLU L 16 -14.06 -18.02 12.41
C GLU L 16 -15.28 -18.24 11.53
N PHE L 17 -15.51 -17.35 10.58
CA PHE L 17 -16.64 -17.43 9.66
C PHE L 17 -16.15 -17.49 8.22
N ILE L 18 -16.79 -18.34 7.42
CA ILE L 18 -16.54 -18.46 5.99
C ILE L 18 -17.87 -18.63 5.28
N SER L 19 -18.01 -17.99 4.11
CA SER L 19 -19.17 -18.17 3.24
C SER L 19 -18.80 -17.74 1.83
N VAL L 20 -19.51 -18.26 0.83
CA VAL L 20 -19.18 -18.06 -0.57
C VAL L 20 -20.44 -18.14 -1.43
N PRO L 21 -20.53 -17.35 -2.53
CA PRO L 21 -21.63 -17.55 -3.48
C PRO L 21 -21.33 -18.65 -4.49
N VAL L 22 -22.20 -18.83 -5.47
CA VAL L 22 -22.14 -19.97 -6.39
C VAL L 22 -21.86 -19.46 -7.80
N PRO L 23 -20.67 -19.68 -8.34
CA PRO L 23 -20.40 -19.36 -9.75
C PRO L 23 -20.78 -20.50 -10.68
N GLU L 24 -20.40 -20.33 -11.95
CA GLU L 24 -21.18 -20.83 -13.09
C GLU L 24 -20.98 -22.30 -13.45
N PHE L 25 -19.80 -22.72 -13.93
CA PHE L 25 -19.76 -23.87 -14.83
C PHE L 25 -20.39 -25.09 -14.19
N ALA L 26 -20.16 -25.29 -12.90
CA ALA L 26 -20.94 -26.20 -12.10
C ALA L 26 -21.88 -25.41 -11.21
N ASP L 27 -23.01 -26.02 -10.88
CA ASP L 27 -23.95 -25.45 -9.93
C ASP L 27 -24.14 -26.35 -8.73
N SER L 28 -23.05 -26.85 -8.14
CA SER L 28 -23.09 -27.81 -7.05
C SER L 28 -23.40 -27.08 -5.73
N ASP L 29 -23.19 -27.76 -4.61
CA ASP L 29 -23.64 -27.30 -3.31
C ASP L 29 -22.78 -26.15 -2.79
N PRO L 30 -23.37 -25.00 -2.50
CA PRO L 30 -22.66 -23.99 -1.76
C PRO L 30 -22.77 -24.14 -0.24
N ALA L 31 -21.98 -23.33 0.46
CA ALA L 31 -21.95 -23.45 1.92
C ALA L 31 -21.85 -22.08 2.59
N ASN L 32 -22.26 -22.06 3.85
CA ASN L 32 -21.94 -20.99 4.79
C ASN L 32 -21.16 -21.67 5.91
N ILE L 33 -19.84 -21.59 5.84
CA ILE L 33 -18.97 -22.50 6.57
C ILE L 33 -18.56 -21.85 7.87
N VAL L 34 -18.77 -22.56 8.98
CA VAL L 34 -18.36 -22.11 10.31
C VAL L 34 -17.33 -23.10 10.83
N HIS L 35 -16.15 -22.58 11.18
CA HIS L 35 -15.10 -23.40 11.79
C HIS L 35 -14.91 -22.97 13.25
N ASP L 36 -15.39 -23.80 14.17
CA ASP L 36 -15.22 -23.58 15.60
C ASP L 36 -14.30 -24.70 16.11
N PHE L 37 -13.00 -24.45 16.03
CA PHE L 37 -12.02 -25.47 16.39
C PHE L 37 -12.02 -25.76 17.89
N ASN L 38 -12.54 -24.83 18.69
CA ASN L 38 -12.66 -25.07 20.13
C ASN L 38 -13.57 -26.26 20.40
N LYS L 39 -14.68 -26.36 19.68
CA LYS L 39 -15.53 -27.54 19.77
C LYS L 39 -14.91 -28.75 19.08
N LYS L 40 -13.81 -28.57 18.36
CA LYS L 40 -13.12 -29.66 17.65
C LYS L 40 -14.05 -30.32 16.64
N LEU L 41 -14.93 -29.54 16.03
CA LEU L 41 -15.88 -30.04 15.05
C LEU L 41 -16.00 -29.03 13.93
N THR L 42 -16.41 -29.51 12.75
CA THR L 42 -16.62 -28.68 11.58
C THR L 42 -18.01 -28.99 11.01
N ALA L 43 -18.79 -27.94 10.77
CA ALA L 43 -20.14 -28.08 10.24
C ALA L 43 -20.24 -27.32 8.93
N TYR L 44 -20.67 -28.01 7.88
CA TYR L 44 -20.88 -27.41 6.57
C TYR L 44 -22.36 -27.19 6.35
N LEU L 45 -22.76 -25.95 6.10
CA LEU L 45 -24.15 -25.61 5.80
C LEU L 45 -24.35 -25.83 4.31
N ASP L 46 -24.53 -27.09 3.91
CA ASP L 46 -24.77 -27.42 2.52
C ASP L 46 -26.15 -26.90 2.13
N LEU L 47 -26.18 -25.82 1.34
CA LEU L 47 -27.43 -25.14 1.06
C LEU L 47 -28.19 -25.75 -0.11
N ASN L 48 -27.51 -26.01 -1.22
CA ASN L 48 -28.19 -26.58 -2.39
C ASN L 48 -28.91 -27.87 -2.04
N LEU L 49 -28.30 -28.69 -1.19
CA LEU L 49 -28.92 -29.93 -0.73
C LEU L 49 -29.72 -29.74 0.55
N ASP L 50 -29.69 -28.54 1.15
CA ASP L 50 -30.40 -28.24 2.40
C ASP L 50 -30.05 -29.25 3.50
N LYS L 51 -28.76 -29.49 3.66
CA LYS L 51 -28.26 -30.41 4.66
C LYS L 51 -27.06 -29.79 5.36
N CYS L 52 -26.79 -30.28 6.57
CA CYS L 52 -25.58 -29.95 7.32
C CYS L 52 -24.75 -31.22 7.47
N TYR L 53 -23.45 -31.06 7.61
CA TYR L 53 -22.54 -32.18 7.80
C TYR L 53 -21.77 -32.00 9.11
N VAL L 54 -21.92 -32.97 10.01
CA VAL L 54 -21.22 -32.95 11.30
C VAL L 54 -20.17 -34.06 11.27
N ILE L 55 -18.90 -33.66 11.27
CA ILE L 55 -17.79 -34.59 11.13
C ILE L 55 -16.69 -34.16 12.09
N PRO L 56 -15.74 -35.06 12.39
CA PRO L 56 -14.57 -34.66 13.19
C PRO L 56 -13.83 -33.50 12.55
N LEU L 57 -12.93 -32.91 13.34
CA LEU L 57 -12.27 -31.66 12.95
C LEU L 57 -11.53 -31.82 11.62
N ASN L 58 -12.01 -31.11 10.61
CA ASN L 58 -11.39 -31.10 9.29
C ASN L 58 -10.09 -30.32 9.36
N THR L 59 -8.96 -31.03 9.36
CA THR L 59 -7.66 -30.42 9.56
C THR L 59 -6.82 -30.36 8.28
N SER L 60 -7.40 -30.65 7.13
CA SER L 60 -6.65 -30.68 5.88
C SER L 60 -6.66 -29.36 5.13
N ILE L 61 -7.75 -28.59 5.22
CA ILE L 61 -7.87 -27.38 4.41
C ILE L 61 -7.13 -26.23 5.07
N VAL L 62 -7.56 -25.83 6.27
CA VAL L 62 -6.96 -24.71 6.98
C VAL L 62 -5.87 -25.25 7.91
N MET L 63 -4.79 -24.49 8.05
CA MET L 63 -3.67 -24.92 8.88
C MET L 63 -4.06 -24.79 10.35
N PRO L 64 -4.06 -25.88 11.11
CA PRO L 64 -4.46 -25.80 12.52
C PRO L 64 -3.30 -25.36 13.40
N PRO L 65 -3.40 -24.20 14.01
CA PRO L 65 -2.49 -23.88 15.12
C PRO L 65 -2.91 -24.66 16.35
N ARG L 66 -2.27 -24.43 17.49
CA ARG L 66 -2.80 -24.97 18.74
C ARG L 66 -4.04 -24.24 19.23
N ASN L 67 -4.10 -22.92 19.07
CA ASN L 67 -5.31 -22.16 19.29
C ASN L 67 -5.21 -20.88 18.49
N LEU L 68 -6.14 -19.95 18.73
CA LEU L 68 -6.12 -18.70 17.99
C LEU L 68 -5.15 -17.68 18.58
N LEU L 69 -4.47 -18.01 19.69
CA LEU L 69 -3.45 -17.11 20.21
C LEU L 69 -2.33 -16.90 19.20
N GLU L 70 -2.20 -17.83 18.25
CA GLU L 70 -1.21 -17.71 17.19
C GLU L 70 -1.69 -16.83 16.04
N LEU L 71 -2.94 -16.38 16.05
CA LEU L 71 -3.57 -15.82 14.85
C LEU L 71 -3.75 -14.31 14.90
N LEU L 72 -2.85 -13.57 15.57
CA LEU L 72 -2.98 -12.12 15.63
C LEU L 72 -1.65 -11.36 15.52
N ILE L 73 -0.62 -11.94 14.90
CA ILE L 73 0.63 -11.24 14.67
C ILE L 73 0.99 -11.19 13.20
N ASN L 74 0.83 -12.31 12.48
CA ASN L 74 1.30 -12.40 11.10
C ASN L 74 0.34 -11.80 10.08
N ILE L 75 -0.71 -11.10 10.51
CA ILE L 75 -1.67 -10.54 9.57
C ILE L 75 -1.03 -9.47 8.70
N LYS L 76 -0.22 -8.60 9.30
CA LYS L 76 0.38 -7.49 8.54
C LYS L 76 1.40 -8.00 7.54
N ALA L 77 2.02 -9.14 7.83
CA ALA L 77 3.12 -9.67 7.01
C ALA L 77 2.75 -9.88 5.55
N GLY L 78 1.48 -10.09 5.24
CA GLY L 78 1.07 -10.31 3.86
C GLY L 78 1.30 -11.72 3.35
N THR L 79 1.83 -12.61 4.18
CA THR L 79 2.00 -13.99 3.77
C THR L 79 0.68 -14.76 3.91
N TYR L 80 -0.30 -14.16 4.57
CA TYR L 80 -1.61 -14.77 4.76
C TYR L 80 -2.36 -14.69 3.44
N LEU L 81 -2.05 -15.63 2.54
CA LEU L 81 -2.68 -15.67 1.23
C LEU L 81 -3.76 -16.74 1.18
N MET L 91 -12.51 -41.55 4.23
CA MET L 91 -12.22 -41.95 2.85
C MET L 91 -12.06 -43.47 2.74
N VAL L 92 -12.81 -44.06 1.80
CA VAL L 92 -12.74 -45.49 1.56
C VAL L 92 -11.98 -45.72 0.26
N ILE L 93 -10.80 -46.32 0.36
CA ILE L 93 -9.95 -46.57 -0.80
C ILE L 93 -10.52 -47.74 -1.60
N THR L 94 -10.73 -47.51 -2.90
CA THR L 94 -11.28 -48.56 -3.75
C THR L 94 -10.18 -49.32 -4.49
N ASP L 95 -9.38 -48.62 -5.28
CA ASP L 95 -8.38 -49.25 -6.14
C ASP L 95 -7.05 -48.54 -6.00
N ARG L 96 -5.96 -49.29 -6.12
CA ARG L 96 -4.62 -48.73 -6.08
C ARG L 96 -4.18 -48.35 -7.49
N ILE L 97 -3.72 -47.11 -7.65
CA ILE L 97 -3.21 -46.63 -8.94
C ILE L 97 -1.70 -46.87 -8.90
N GLU L 98 -1.29 -48.08 -9.28
CA GLU L 98 0.14 -48.40 -9.24
C GLU L 98 0.92 -47.63 -10.29
N ASN L 99 0.35 -47.47 -11.48
CA ASN L 99 0.97 -46.67 -12.54
C ASN L 99 0.37 -45.28 -12.49
N ILE L 100 1.24 -44.27 -12.40
CA ILE L 100 0.83 -42.89 -12.17
C ILE L 100 0.97 -42.05 -13.43
N ASP L 101 1.14 -42.68 -14.60
CA ASP L 101 1.35 -41.91 -15.82
C ASP L 101 0.07 -41.22 -16.28
N HIS L 102 -1.10 -41.80 -16.02
CA HIS L 102 -2.35 -41.25 -16.51
C HIS L 102 -2.91 -40.16 -15.59
N LEU L 103 -2.26 -39.88 -14.46
CA LEU L 103 -2.70 -38.83 -13.56
C LEU L 103 -2.43 -37.44 -14.10
N GLY L 104 -1.68 -37.32 -15.19
CA GLY L 104 -1.22 -36.02 -15.65
C GLY L 104 0.18 -35.74 -15.13
N PHE L 105 0.96 -35.01 -15.93
CA PHE L 105 2.38 -34.83 -15.62
C PHE L 105 2.58 -34.22 -14.24
N PHE L 106 1.82 -33.17 -13.91
CA PHE L 106 1.95 -32.54 -12.60
C PHE L 106 1.58 -33.52 -11.50
N ILE L 107 0.46 -34.22 -11.64
CA ILE L 107 0.06 -35.18 -10.62
C ILE L 107 0.97 -36.40 -10.66
N TYR L 108 1.50 -36.75 -11.85
CA TYR L 108 2.45 -37.86 -11.95
C TYR L 108 3.69 -37.58 -11.10
N ARG L 109 4.23 -36.37 -11.19
CA ARG L 109 5.38 -36.03 -10.36
C ARG L 109 4.94 -35.79 -8.91
N LEU L 110 3.68 -35.41 -8.71
CA LEU L 110 3.14 -35.25 -7.36
C LEU L 110 3.16 -36.59 -6.61
N CYS L 111 2.76 -37.66 -7.27
CA CYS L 111 2.74 -38.99 -6.70
C CYS L 111 3.89 -39.86 -7.19
N HIS L 112 5.00 -39.25 -7.59
CA HIS L 112 6.11 -39.99 -8.16
C HIS L 112 6.74 -40.91 -7.11
N ASP L 113 6.87 -42.18 -7.47
CA ASP L 113 7.36 -43.24 -6.57
C ASP L 113 6.55 -43.31 -5.28
N LYS L 114 5.29 -42.90 -5.31
CA LYS L 114 4.41 -42.96 -4.14
C LYS L 114 3.35 -44.03 -4.37
N GLU L 115 2.75 -44.48 -3.27
CA GLU L 115 1.64 -45.42 -3.33
C GLU L 115 0.37 -44.64 -3.65
N THR L 116 -0.09 -44.74 -4.90
CA THR L 116 -1.21 -43.94 -5.38
C THR L 116 -2.48 -44.77 -5.39
N TYR L 117 -3.58 -44.17 -4.94
CA TYR L 117 -4.86 -44.85 -4.78
C TYR L 117 -5.98 -43.96 -5.30
N LYS L 118 -7.16 -44.56 -5.47
CA LYS L 118 -8.31 -43.85 -5.99
C LYS L 118 -9.53 -44.07 -5.09
N LEU L 119 -10.45 -43.12 -5.14
CA LEU L 119 -11.71 -43.24 -4.41
C LEU L 119 -12.88 -43.32 -5.37
#